data_7FUT
# 
_entry.id   7FUT 
# 
_audit_conform.dict_name       mmcif_pdbx.dic 
_audit_conform.dict_version    5.392 
_audit_conform.dict_location   http://mmcif.pdb.org/dictionaries/ascii/mmcif_pdbx.dic 
# 
loop_
_database_2.database_id 
_database_2.database_code 
_database_2.pdbx_database_accession 
_database_2.pdbx_DOI 
PDB   7FUT         pdb_00007fut 10.2210/pdb7fut/pdb 
WWPDB D_1001405374 ?            ?                   
# 
loop_
_pdbx_audit_revision_history.ordinal 
_pdbx_audit_revision_history.data_content_type 
_pdbx_audit_revision_history.major_revision 
_pdbx_audit_revision_history.minor_revision 
_pdbx_audit_revision_history.revision_date 
1 'Structure model' 1 0 2023-03-29 
2 'Structure model' 1 1 2024-05-22 
# 
_pdbx_audit_revision_details.ordinal             1 
_pdbx_audit_revision_details.revision_ordinal    1 
_pdbx_audit_revision_details.data_content_type   'Structure model' 
_pdbx_audit_revision_details.provider            repository 
_pdbx_audit_revision_details.type                'Initial release' 
_pdbx_audit_revision_details.description         ? 
_pdbx_audit_revision_details.details             ? 
# 
_pdbx_audit_revision_group.ordinal             1 
_pdbx_audit_revision_group.revision_ordinal    2 
_pdbx_audit_revision_group.data_content_type   'Structure model' 
_pdbx_audit_revision_group.group               'Data collection' 
# 
loop_
_pdbx_audit_revision_category.ordinal 
_pdbx_audit_revision_category.revision_ordinal 
_pdbx_audit_revision_category.data_content_type 
_pdbx_audit_revision_category.category 
1 2 'Structure model' chem_comp_atom 
2 2 'Structure model' chem_comp_bond 
# 
_pdbx_database_status.entry_id                        7FUT 
_pdbx_database_status.status_code                     REL 
_pdbx_database_status.status_code_sf                  REL 
_pdbx_database_status.status_code_mr                  ? 
_pdbx_database_status.status_code_cs                  ? 
_pdbx_database_status.recvd_initial_deposition_date   2023-03-09 
_pdbx_database_status.status_code_nmr_data            ? 
_pdbx_database_status.deposit_site                    RCSB 
_pdbx_database_status.process_site                    RCSB 
_pdbx_database_status.SG_entry                        ? 
_pdbx_database_status.pdb_format_compatible           Y 
_pdbx_database_status.methods_development_category    ? 
# 
_pdbx_contact_author.id                 1 
_pdbx_contact_author.email              frank.von-delft@diamond.ac.uk 
_pdbx_contact_author.name_first         Frank 
_pdbx_contact_author.name_last          'von Delft' 
_pdbx_contact_author.role               'principal investigator/group leader' 
_pdbx_contact_author.identifier_ORCID   0000-0003-0378-0017 
_pdbx_contact_author.name_mi            ? 
# 
loop_
_audit_author.name 
_audit_author.pdbx_ordinal 
'Grosjean, H.'   1 
'Tomlinson, C.'  2 
'Bradshaw, W.J.' 3 
'Koekemoer, L.'  4 
'Krojer, T.'     5 
'Fearon, D.'     6 
'Biggin, P.C.'   7 
'von Delft, F.'  8 
# 
_citation.id                        primary 
_citation.title                     'PanDDA analysis group deposition' 
_citation.journal_abbrev            'To Be Published' 
_citation.journal_volume            ? 
_citation.page_first                ? 
_citation.page_last                 ? 
_citation.year                      ? 
_citation.journal_id_ASTM           ? 
_citation.country                   ? 
_citation.journal_id_ISSN           ? 
_citation.journal_id_CSD            0353 
_citation.book_publisher            ? 
_citation.pdbx_database_id_PubMed   ? 
_citation.pdbx_database_id_DOI      ? 
# 
loop_
_citation_author.citation_id 
_citation_author.name 
_citation_author.identifier_ORCID 
_citation_author.ordinal 
primary 'Grosjean, H.'   ? 1 
primary 'Tomlinson, C.'  ? 2 
primary 'Bradshaw, W.J.' ? 3 
primary 'Koekemoer, L.'  ? 4 
primary 'Krojer, T.'     ? 5 
primary 'Fearon, D.'     ? 6 
primary 'Biggin, P.C.'   ? 7 
primary 'von Delft, F.'  ? 8 
# 
loop_
_entity.id 
_entity.type 
_entity.src_method 
_entity.pdbx_description 
_entity.formula_weight 
_entity.pdbx_number_of_molecules 
_entity.pdbx_ec 
_entity.pdbx_mutation 
_entity.pdbx_fragment 
_entity.details 
1 polymer     man 'PH-interacting protein'                                17627.859 1   ? ? ? ? 
2 non-polymer syn '4-(furan-2-carbonyl)-N-propylpiperazine-1-carboxamide' 265.308   1   ? ? ? ? 
3 water       nat water                                                   18.015    202 ? ? ? ? 
# 
_entity_name_com.entity_id   1 
_entity_name_com.name        
'PHIP,DDB1- and CUL4-associated factor 14,IRS-1 PH domain-binding protein,WD repeat-containing protein 11' 
# 
_entity_poly.entity_id                      1 
_entity_poly.type                           'polypeptide(L)' 
_entity_poly.nstd_linkage                   no 
_entity_poly.nstd_monomer                   no 
_entity_poly.pdbx_seq_one_letter_code       
;MHHHHHHSSGVDLGTENLYFQSMSYDIQAWKKQCEELLNLIFQCEDSEPFRQPVDLLEYPDYRDIIDTPMDFATVRETLE
AGNYESPMELCKDVRLIFSNSKAYTPSKRSRIYSMSLRLSAFFEEHISSVLSDYKSALRFHKRNTITKR
;
_entity_poly.pdbx_seq_one_letter_code_can   
;MHHHHHHSSGVDLGTENLYFQSMSYDIQAWKKQCEELLNLIFQCEDSEPFRQPVDLLEYPDYRDIIDTPMDFATVRETLE
AGNYESPMELCKDVRLIFSNSKAYTPSKRSRIYSMSLRLSAFFEEHISSVLSDYKSALRFHKRNTITKR
;
_entity_poly.pdbx_strand_id                 A 
_entity_poly.pdbx_target_identifier         ? 
# 
loop_
_pdbx_entity_nonpoly.entity_id 
_pdbx_entity_nonpoly.name 
_pdbx_entity_nonpoly.comp_id 
2 '4-(furan-2-carbonyl)-N-propylpiperazine-1-carboxamide' ZJ8 
3 water                                                   HOH 
# 
loop_
_entity_poly_seq.entity_id 
_entity_poly_seq.num 
_entity_poly_seq.mon_id 
_entity_poly_seq.hetero 
1 1   MET n 
1 2   HIS n 
1 3   HIS n 
1 4   HIS n 
1 5   HIS n 
1 6   HIS n 
1 7   HIS n 
1 8   SER n 
1 9   SER n 
1 10  GLY n 
1 11  VAL n 
1 12  ASP n 
1 13  LEU n 
1 14  GLY n 
1 15  THR n 
1 16  GLU n 
1 17  ASN n 
1 18  LEU n 
1 19  TYR n 
1 20  PHE n 
1 21  GLN n 
1 22  SER n 
1 23  MET n 
1 24  SER n 
1 25  TYR n 
1 26  ASP n 
1 27  ILE n 
1 28  GLN n 
1 29  ALA n 
1 30  TRP n 
1 31  LYS n 
1 32  LYS n 
1 33  GLN n 
1 34  CYS n 
1 35  GLU n 
1 36  GLU n 
1 37  LEU n 
1 38  LEU n 
1 39  ASN n 
1 40  LEU n 
1 41  ILE n 
1 42  PHE n 
1 43  GLN n 
1 44  CYS n 
1 45  GLU n 
1 46  ASP n 
1 47  SER n 
1 48  GLU n 
1 49  PRO n 
1 50  PHE n 
1 51  ARG n 
1 52  GLN n 
1 53  PRO n 
1 54  VAL n 
1 55  ASP n 
1 56  LEU n 
1 57  LEU n 
1 58  GLU n 
1 59  TYR n 
1 60  PRO n 
1 61  ASP n 
1 62  TYR n 
1 63  ARG n 
1 64  ASP n 
1 65  ILE n 
1 66  ILE n 
1 67  ASP n 
1 68  THR n 
1 69  PRO n 
1 70  MET n 
1 71  ASP n 
1 72  PHE n 
1 73  ALA n 
1 74  THR n 
1 75  VAL n 
1 76  ARG n 
1 77  GLU n 
1 78  THR n 
1 79  LEU n 
1 80  GLU n 
1 81  ALA n 
1 82  GLY n 
1 83  ASN n 
1 84  TYR n 
1 85  GLU n 
1 86  SER n 
1 87  PRO n 
1 88  MET n 
1 89  GLU n 
1 90  LEU n 
1 91  CYS n 
1 92  LYS n 
1 93  ASP n 
1 94  VAL n 
1 95  ARG n 
1 96  LEU n 
1 97  ILE n 
1 98  PHE n 
1 99  SER n 
1 100 ASN n 
1 101 SER n 
1 102 LYS n 
1 103 ALA n 
1 104 TYR n 
1 105 THR n 
1 106 PRO n 
1 107 SER n 
1 108 LYS n 
1 109 ARG n 
1 110 SER n 
1 111 ARG n 
1 112 ILE n 
1 113 TYR n 
1 114 SER n 
1 115 MET n 
1 116 SER n 
1 117 LEU n 
1 118 ARG n 
1 119 LEU n 
1 120 SER n 
1 121 ALA n 
1 122 PHE n 
1 123 PHE n 
1 124 GLU n 
1 125 GLU n 
1 126 HIS n 
1 127 ILE n 
1 128 SER n 
1 129 SER n 
1 130 VAL n 
1 131 LEU n 
1 132 SER n 
1 133 ASP n 
1 134 TYR n 
1 135 LYS n 
1 136 SER n 
1 137 ALA n 
1 138 LEU n 
1 139 ARG n 
1 140 PHE n 
1 141 HIS n 
1 142 LYS n 
1 143 ARG n 
1 144 ASN n 
1 145 THR n 
1 146 ILE n 
1 147 THR n 
1 148 LYS n 
1 149 ARG n 
# 
_entity_src_gen.entity_id                          1 
_entity_src_gen.pdbx_src_id                        1 
_entity_src_gen.pdbx_alt_source_flag               sample 
_entity_src_gen.pdbx_seq_type                      'Biological sequence' 
_entity_src_gen.pdbx_beg_seq_num                   1 
_entity_src_gen.pdbx_end_seq_num                   149 
_entity_src_gen.gene_src_common_name               human 
_entity_src_gen.gene_src_genus                     ? 
_entity_src_gen.pdbx_gene_src_gene                 'PHIP, DCAF14, WDR11' 
_entity_src_gen.gene_src_species                   ? 
_entity_src_gen.gene_src_strain                    ? 
_entity_src_gen.gene_src_tissue                    ? 
_entity_src_gen.gene_src_tissue_fraction           ? 
_entity_src_gen.gene_src_details                   ? 
_entity_src_gen.pdbx_gene_src_fragment             ? 
_entity_src_gen.pdbx_gene_src_scientific_name      'Homo sapiens' 
_entity_src_gen.pdbx_gene_src_ncbi_taxonomy_id     9606 
_entity_src_gen.pdbx_gene_src_variant              ? 
_entity_src_gen.pdbx_gene_src_cell_line            ? 
_entity_src_gen.pdbx_gene_src_atcc                 ? 
_entity_src_gen.pdbx_gene_src_organ                ? 
_entity_src_gen.pdbx_gene_src_organelle            ? 
_entity_src_gen.pdbx_gene_src_cell                 ? 
_entity_src_gen.pdbx_gene_src_cellular_location    ? 
_entity_src_gen.host_org_common_name               ? 
_entity_src_gen.pdbx_host_org_scientific_name      'Escherichia coli' 
_entity_src_gen.pdbx_host_org_ncbi_taxonomy_id     562 
_entity_src_gen.host_org_genus                     ? 
_entity_src_gen.pdbx_host_org_gene                 ? 
_entity_src_gen.pdbx_host_org_organ                ? 
_entity_src_gen.host_org_species                   ? 
_entity_src_gen.pdbx_host_org_tissue               ? 
_entity_src_gen.pdbx_host_org_tissue_fraction      ? 
_entity_src_gen.pdbx_host_org_strain               ? 
_entity_src_gen.pdbx_host_org_variant              ? 
_entity_src_gen.pdbx_host_org_cell_line            ? 
_entity_src_gen.pdbx_host_org_atcc                 ? 
_entity_src_gen.pdbx_host_org_culture_collection   ? 
_entity_src_gen.pdbx_host_org_cell                 ? 
_entity_src_gen.pdbx_host_org_organelle            ? 
_entity_src_gen.pdbx_host_org_cellular_location    ? 
_entity_src_gen.pdbx_host_org_vector_type          ? 
_entity_src_gen.pdbx_host_org_vector               ? 
_entity_src_gen.host_org_details                   ? 
_entity_src_gen.expression_system_id               ? 
_entity_src_gen.plasmid_name                       ? 
_entity_src_gen.plasmid_details                    ? 
_entity_src_gen.pdbx_description                   ? 
# 
loop_
_chem_comp.id 
_chem_comp.type 
_chem_comp.mon_nstd_flag 
_chem_comp.name 
_chem_comp.pdbx_synonyms 
_chem_comp.formula 
_chem_comp.formula_weight 
ALA 'L-peptide linking' y ALANINE                                                 ? 'C3 H7 N O2'     89.093  
ARG 'L-peptide linking' y ARGININE                                                ? 'C6 H15 N4 O2 1' 175.209 
ASN 'L-peptide linking' y ASPARAGINE                                              ? 'C4 H8 N2 O3'    132.118 
ASP 'L-peptide linking' y 'ASPARTIC ACID'                                         ? 'C4 H7 N O4'     133.103 
CYS 'L-peptide linking' y CYSTEINE                                                ? 'C3 H7 N O2 S'   121.158 
GLN 'L-peptide linking' y GLUTAMINE                                               ? 'C5 H10 N2 O3'   146.144 
GLU 'L-peptide linking' y 'GLUTAMIC ACID'                                         ? 'C5 H9 N O4'     147.129 
GLY 'peptide linking'   y GLYCINE                                                 ? 'C2 H5 N O2'     75.067  
HIS 'L-peptide linking' y HISTIDINE                                               ? 'C6 H10 N3 O2 1' 156.162 
HOH non-polymer         . WATER                                                   ? 'H2 O'           18.015  
ILE 'L-peptide linking' y ISOLEUCINE                                              ? 'C6 H13 N O2'    131.173 
LEU 'L-peptide linking' y LEUCINE                                                 ? 'C6 H13 N O2'    131.173 
LYS 'L-peptide linking' y LYSINE                                                  ? 'C6 H15 N2 O2 1' 147.195 
MET 'L-peptide linking' y METHIONINE                                              ? 'C5 H11 N O2 S'  149.211 
PHE 'L-peptide linking' y PHENYLALANINE                                           ? 'C9 H11 N O2'    165.189 
PRO 'L-peptide linking' y PROLINE                                                 ? 'C5 H9 N O2'     115.130 
SER 'L-peptide linking' y SERINE                                                  ? 'C3 H7 N O3'     105.093 
THR 'L-peptide linking' y THREONINE                                               ? 'C4 H9 N O3'     119.119 
TRP 'L-peptide linking' y TRYPTOPHAN                                              ? 'C11 H12 N2 O2'  204.225 
TYR 'L-peptide linking' y TYROSINE                                                ? 'C9 H11 N O3'    181.189 
VAL 'L-peptide linking' y VALINE                                                  ? 'C5 H11 N O2'    117.146 
ZJ8 non-polymer         . '4-(furan-2-carbonyl)-N-propylpiperazine-1-carboxamide' ? 'C13 H19 N3 O3'  265.308 
# 
loop_
_pdbx_poly_seq_scheme.asym_id 
_pdbx_poly_seq_scheme.entity_id 
_pdbx_poly_seq_scheme.seq_id 
_pdbx_poly_seq_scheme.mon_id 
_pdbx_poly_seq_scheme.ndb_seq_num 
_pdbx_poly_seq_scheme.pdb_seq_num 
_pdbx_poly_seq_scheme.auth_seq_num 
_pdbx_poly_seq_scheme.pdb_mon_id 
_pdbx_poly_seq_scheme.auth_mon_id 
_pdbx_poly_seq_scheme.pdb_strand_id 
_pdbx_poly_seq_scheme.pdb_ins_code 
_pdbx_poly_seq_scheme.hetero 
A 1 1   MET 1   1292 ?    ?   ?   A . n 
A 1 2   HIS 2   1293 ?    ?   ?   A . n 
A 1 3   HIS 3   1294 ?    ?   ?   A . n 
A 1 4   HIS 4   1295 ?    ?   ?   A . n 
A 1 5   HIS 5   1296 ?    ?   ?   A . n 
A 1 6   HIS 6   1297 ?    ?   ?   A . n 
A 1 7   HIS 7   1298 ?    ?   ?   A . n 
A 1 8   SER 8   1299 ?    ?   ?   A . n 
A 1 9   SER 9   1300 ?    ?   ?   A . n 
A 1 10  GLY 10  1301 ?    ?   ?   A . n 
A 1 11  VAL 11  1302 ?    ?   ?   A . n 
A 1 12  ASP 12  1303 ?    ?   ?   A . n 
A 1 13  LEU 13  1304 ?    ?   ?   A . n 
A 1 14  GLY 14  1305 ?    ?   ?   A . n 
A 1 15  THR 15  1306 ?    ?   ?   A . n 
A 1 16  GLU 16  1307 ?    ?   ?   A . n 
A 1 17  ASN 17  1308 ?    ?   ?   A . n 
A 1 18  LEU 18  1309 ?    ?   ?   A . n 
A 1 19  TYR 19  1310 ?    ?   ?   A . n 
A 1 20  PHE 20  1311 ?    ?   ?   A . n 
A 1 21  GLN 21  1312 ?    ?   ?   A . n 
A 1 22  SER 22  1313 ?    ?   ?   A . n 
A 1 23  MET 23  1314 ?    ?   ?   A . n 
A 1 24  SER 24  1315 1315 SER SER A . n 
A 1 25  TYR 25  1316 1316 TYR TYR A . n 
A 1 26  ASP 26  1317 1317 ASP ASP A . n 
A 1 27  ILE 27  1318 1318 ILE ILE A . n 
A 1 28  GLN 28  1319 1319 GLN GLN A . n 
A 1 29  ALA 29  1320 1320 ALA ALA A . n 
A 1 30  TRP 30  1321 1321 TRP TRP A . n 
A 1 31  LYS 31  1322 1322 LYS LYS A . n 
A 1 32  LYS 32  1323 1323 LYS LYS A . n 
A 1 33  GLN 33  1324 1324 GLN GLN A . n 
A 1 34  CYS 34  1325 1325 CYS CYS A . n 
A 1 35  GLU 35  1326 1326 GLU GLU A . n 
A 1 36  GLU 36  1327 1327 GLU GLU A . n 
A 1 37  LEU 37  1328 1328 LEU LEU A . n 
A 1 38  LEU 38  1329 1329 LEU LEU A . n 
A 1 39  ASN 39  1330 1330 ASN ASN A . n 
A 1 40  LEU 40  1331 1331 LEU LEU A . n 
A 1 41  ILE 41  1332 1332 ILE ILE A . n 
A 1 42  PHE 42  1333 1333 PHE PHE A . n 
A 1 43  GLN 43  1334 1334 GLN GLN A . n 
A 1 44  CYS 44  1335 1335 CYS CYS A . n 
A 1 45  GLU 45  1336 1336 GLU GLU A . n 
A 1 46  ASP 46  1337 1337 ASP ASP A . n 
A 1 47  SER 47  1338 1338 SER SER A . n 
A 1 48  GLU 48  1339 1339 GLU GLU A . n 
A 1 49  PRO 49  1340 1340 PRO PRO A . n 
A 1 50  PHE 50  1341 1341 PHE PHE A . n 
A 1 51  ARG 51  1342 1342 ARG ARG A . n 
A 1 52  GLN 52  1343 1343 GLN GLN A . n 
A 1 53  PRO 53  1344 1344 PRO PRO A . n 
A 1 54  VAL 54  1345 1345 VAL VAL A . n 
A 1 55  ASP 55  1346 1346 ASP ASP A . n 
A 1 56  LEU 56  1347 1347 LEU LEU A . n 
A 1 57  LEU 57  1348 1348 LEU LEU A . n 
A 1 58  GLU 58  1349 1349 GLU GLU A . n 
A 1 59  TYR 59  1350 1350 TYR TYR A . n 
A 1 60  PRO 60  1351 1351 PRO PRO A . n 
A 1 61  ASP 61  1352 1352 ASP ASP A . n 
A 1 62  TYR 62  1353 1353 TYR TYR A . n 
A 1 63  ARG 63  1354 1354 ARG ARG A . n 
A 1 64  ASP 64  1355 1355 ASP ASP A . n 
A 1 65  ILE 65  1356 1356 ILE ILE A . n 
A 1 66  ILE 66  1357 1357 ILE ILE A . n 
A 1 67  ASP 67  1358 1358 ASP ASP A . n 
A 1 68  THR 68  1359 1359 THR THR A . n 
A 1 69  PRO 69  1360 1360 PRO PRO A . n 
A 1 70  MET 70  1361 1361 MET MET A . n 
A 1 71  ASP 71  1362 1362 ASP ASP A . n 
A 1 72  PHE 72  1363 1363 PHE PHE A . n 
A 1 73  ALA 73  1364 1364 ALA ALA A . n 
A 1 74  THR 74  1365 1365 THR THR A . n 
A 1 75  VAL 75  1366 1366 VAL VAL A . n 
A 1 76  ARG 76  1367 1367 ARG ARG A . n 
A 1 77  GLU 77  1368 1368 GLU GLU A . n 
A 1 78  THR 78  1369 1369 THR THR A . n 
A 1 79  LEU 79  1370 1370 LEU LEU A . n 
A 1 80  GLU 80  1371 1371 GLU GLU A . n 
A 1 81  ALA 81  1372 1372 ALA ALA A . n 
A 1 82  GLY 82  1373 1373 GLY GLY A . n 
A 1 83  ASN 83  1374 1374 ASN ASN A . n 
A 1 84  TYR 84  1375 1375 TYR TYR A . n 
A 1 85  GLU 85  1376 1376 GLU GLU A . n 
A 1 86  SER 86  1377 1377 SER SER A . n 
A 1 87  PRO 87  1378 1378 PRO PRO A . n 
A 1 88  MET 88  1379 1379 MET MET A . n 
A 1 89  GLU 89  1380 1380 GLU GLU A . n 
A 1 90  LEU 90  1381 1381 LEU LEU A . n 
A 1 91  CYS 91  1382 1382 CYS CYS A . n 
A 1 92  LYS 92  1383 1383 LYS LYS A . n 
A 1 93  ASP 93  1384 1384 ASP ASP A . n 
A 1 94  VAL 94  1385 1385 VAL VAL A . n 
A 1 95  ARG 95  1386 1386 ARG ARG A . n 
A 1 96  LEU 96  1387 1387 LEU LEU A . n 
A 1 97  ILE 97  1388 1388 ILE ILE A . n 
A 1 98  PHE 98  1389 1389 PHE PHE A . n 
A 1 99  SER 99  1390 1390 SER SER A . n 
A 1 100 ASN 100 1391 1391 ASN ASN A . n 
A 1 101 SER 101 1392 1392 SER SER A . n 
A 1 102 LYS 102 1393 1393 LYS LYS A . n 
A 1 103 ALA 103 1394 1394 ALA ALA A . n 
A 1 104 TYR 104 1395 1395 TYR TYR A . n 
A 1 105 THR 105 1396 1396 THR THR A . n 
A 1 106 PRO 106 1397 1397 PRO PRO A . n 
A 1 107 SER 107 1398 1398 SER SER A . n 
A 1 108 LYS 108 1399 1399 LYS LYS A . n 
A 1 109 ARG 109 1400 1400 ARG ARG A . n 
A 1 110 SER 110 1401 1401 SER SER A . n 
A 1 111 ARG 111 1402 1402 ARG ARG A . n 
A 1 112 ILE 112 1403 1403 ILE ILE A . n 
A 1 113 TYR 113 1404 1404 TYR TYR A . n 
A 1 114 SER 114 1405 1405 SER SER A . n 
A 1 115 MET 115 1406 1406 MET MET A . n 
A 1 116 SER 116 1407 1407 SER SER A . n 
A 1 117 LEU 117 1408 1408 LEU LEU A . n 
A 1 118 ARG 118 1409 1409 ARG ARG A . n 
A 1 119 LEU 119 1410 1410 LEU LEU A . n 
A 1 120 SER 120 1411 1411 SER SER A . n 
A 1 121 ALA 121 1412 1412 ALA ALA A . n 
A 1 122 PHE 122 1413 1413 PHE PHE A . n 
A 1 123 PHE 123 1414 1414 PHE PHE A . n 
A 1 124 GLU 124 1415 1415 GLU GLU A . n 
A 1 125 GLU 125 1416 1416 GLU GLU A . n 
A 1 126 HIS 126 1417 1417 HIS HIS A . n 
A 1 127 ILE 127 1418 1418 ILE ILE A . n 
A 1 128 SER 128 1419 1419 SER SER A . n 
A 1 129 SER 129 1420 1420 SER SER A . n 
A 1 130 VAL 130 1421 1421 VAL VAL A . n 
A 1 131 LEU 131 1422 1422 LEU LEU A . n 
A 1 132 SER 132 1423 1423 SER SER A . n 
A 1 133 ASP 133 1424 1424 ASP ASP A . n 
A 1 134 TYR 134 1425 1425 TYR TYR A . n 
A 1 135 LYS 135 1426 1426 LYS LYS A . n 
A 1 136 SER 136 1427 1427 SER SER A . n 
A 1 137 ALA 137 1428 1428 ALA ALA A . n 
A 1 138 LEU 138 1429 1429 LEU LEU A . n 
A 1 139 ARG 139 1430 1430 ARG ARG A . n 
A 1 140 PHE 140 1431 1431 PHE PHE A . n 
A 1 141 HIS 141 1432 1432 HIS HIS A . n 
A 1 142 LYS 142 1433 1433 LYS LYS A . n 
A 1 143 ARG 143 1434 1434 ARG ARG A . n 
A 1 144 ASN 144 1435 1435 ASN ASN A . n 
A 1 145 THR 145 1436 ?    ?   ?   A . n 
A 1 146 ILE 146 1437 ?    ?   ?   A . n 
A 1 147 THR 147 1438 ?    ?   ?   A . n 
A 1 148 LYS 148 1439 ?    ?   ?   A . n 
A 1 149 ARG 149 1440 ?    ?   ?   A . n 
# 
loop_
_pdbx_nonpoly_scheme.asym_id 
_pdbx_nonpoly_scheme.entity_id 
_pdbx_nonpoly_scheme.mon_id 
_pdbx_nonpoly_scheme.ndb_seq_num 
_pdbx_nonpoly_scheme.pdb_seq_num 
_pdbx_nonpoly_scheme.auth_seq_num 
_pdbx_nonpoly_scheme.pdb_mon_id 
_pdbx_nonpoly_scheme.auth_mon_id 
_pdbx_nonpoly_scheme.pdb_strand_id 
_pdbx_nonpoly_scheme.pdb_ins_code 
B 2 ZJ8 1   1901 1901 ZJ8 LIG A . 
C 3 HOH 1   2001 19   HOH HOH A . 
C 3 HOH 2   2002 1606 HOH HOH A . 
C 3 HOH 3   2003 21   HOH HOH A . 
C 3 HOH 4   2004 1757 HOH HOH A . 
C 3 HOH 5   2005 1610 HOH HOH A . 
C 3 HOH 6   2006 1618 HOH HOH A . 
C 3 HOH 7   2007 1605 HOH HOH A . 
C 3 HOH 8   2008 1607 HOH HOH A . 
C 3 HOH 9   2009 1662 HOH HOH A . 
C 3 HOH 10  2010 8    HOH HOH A . 
C 3 HOH 11  2011 1608 HOH HOH A . 
C 3 HOH 12  2012 1638 HOH HOH A . 
C 3 HOH 13  2013 1712 HOH HOH A . 
C 3 HOH 14  2014 1609 HOH HOH A . 
C 3 HOH 15  2015 1649 HOH HOH A . 
C 3 HOH 16  2016 1604 HOH HOH A . 
C 3 HOH 17  2017 1750 HOH HOH A . 
C 3 HOH 18  2018 1624 HOH HOH A . 
C 3 HOH 19  2019 1630 HOH HOH A . 
C 3 HOH 20  2020 1622 HOH HOH A . 
C 3 HOH 21  2021 1614 HOH HOH A . 
C 3 HOH 22  2022 1629 HOH HOH A . 
C 3 HOH 23  2023 1676 HOH HOH A . 
C 3 HOH 24  2024 1616 HOH HOH A . 
C 3 HOH 25  2025 1602 HOH HOH A . 
C 3 HOH 26  2026 17   HOH HOH A . 
C 3 HOH 27  2027 1771 HOH HOH A . 
C 3 HOH 28  2028 1603 HOH HOH A . 
C 3 HOH 29  2029 1625 HOH HOH A . 
C 3 HOH 30  2030 1633 HOH HOH A . 
C 3 HOH 31  2031 1631 HOH HOH A . 
C 3 HOH 32  2032 1646 HOH HOH A . 
C 3 HOH 33  2033 1615 HOH HOH A . 
C 3 HOH 34  2034 1626 HOH HOH A . 
C 3 HOH 35  2035 18   HOH HOH A . 
C 3 HOH 36  2036 1663 HOH HOH A . 
C 3 HOH 37  2037 1644 HOH HOH A . 
C 3 HOH 38  2038 1620 HOH HOH A . 
C 3 HOH 39  2039 1621 HOH HOH A . 
C 3 HOH 40  2040 1658 HOH HOH A . 
C 3 HOH 41  2041 1732 HOH HOH A . 
C 3 HOH 42  2042 1617 HOH HOH A . 
C 3 HOH 43  2043 1693 HOH HOH A . 
C 3 HOH 44  2044 1673 HOH HOH A . 
C 3 HOH 45  2045 1655 HOH HOH A . 
C 3 HOH 46  2046 1645 HOH HOH A . 
C 3 HOH 47  2047 1767 HOH HOH A . 
C 3 HOH 48  2048 1643 HOH HOH A . 
C 3 HOH 49  2049 1628 HOH HOH A . 
C 3 HOH 50  2050 1671 HOH HOH A . 
C 3 HOH 51  2051 1668 HOH HOH A . 
C 3 HOH 52  2052 1677 HOH HOH A . 
C 3 HOH 53  2053 1632 HOH HOH A . 
C 3 HOH 54  2054 10   HOH HOH A . 
C 3 HOH 55  2055 1634 HOH HOH A . 
C 3 HOH 56  2056 1613 HOH HOH A . 
C 3 HOH 57  2057 1684 HOH HOH A . 
C 3 HOH 58  2058 1672 HOH HOH A . 
C 3 HOH 59  2059 1733 HOH HOH A . 
C 3 HOH 60  2060 1679 HOH HOH A . 
C 3 HOH 61  2061 1666 HOH HOH A . 
C 3 HOH 62  2062 1680 HOH HOH A . 
C 3 HOH 63  2063 1674 HOH HOH A . 
C 3 HOH 64  2064 1731 HOH HOH A . 
C 3 HOH 65  2065 1665 HOH HOH A . 
C 3 HOH 66  2066 1623 HOH HOH A . 
C 3 HOH 67  2067 1689 HOH HOH A . 
C 3 HOH 68  2068 1619 HOH HOH A . 
C 3 HOH 69  2069 1650 HOH HOH A . 
C 3 HOH 70  2070 1723 HOH HOH A . 
C 3 HOH 71  2071 1692 HOH HOH A . 
C 3 HOH 72  2072 1690 HOH HOH A . 
C 3 HOH 73  2073 1678 HOH HOH A . 
C 3 HOH 74  2074 1652 HOH HOH A . 
C 3 HOH 75  2075 1738 HOH HOH A . 
C 3 HOH 76  2076 12   HOH HOH A . 
C 3 HOH 77  2077 13   HOH HOH A . 
C 3 HOH 78  2078 1637 HOH HOH A . 
C 3 HOH 79  2079 1699 HOH HOH A . 
C 3 HOH 80  2080 11   HOH HOH A . 
C 3 HOH 81  2081 1682 HOH HOH A . 
C 3 HOH 82  2082 1687 HOH HOH A . 
C 3 HOH 83  2083 1741 HOH HOH A . 
C 3 HOH 84  2084 1642 HOH HOH A . 
C 3 HOH 85  2085 1688 HOH HOH A . 
C 3 HOH 86  2086 1669 HOH HOH A . 
C 3 HOH 87  2087 1661 HOH HOH A . 
C 3 HOH 88  2088 1681 HOH HOH A . 
C 3 HOH 89  2089 1685 HOH HOH A . 
C 3 HOH 90  2090 1773 HOH HOH A . 
C 3 HOH 91  2091 1718 HOH HOH A . 
C 3 HOH 92  2092 1714 HOH HOH A . 
C 3 HOH 93  2093 1694 HOH HOH A . 
C 3 HOH 94  2094 14   HOH HOH A . 
C 3 HOH 95  2095 1721 HOH HOH A . 
C 3 HOH 96  2096 1647 HOH HOH A . 
C 3 HOH 97  2097 1701 HOH HOH A . 
C 3 HOH 98  2098 1747 HOH HOH A . 
C 3 HOH 99  2099 1641 HOH HOH A . 
C 3 HOH 100 2100 1651 HOH HOH A . 
C 3 HOH 101 2101 1686 HOH HOH A . 
C 3 HOH 102 2102 1601 HOH HOH A . 
C 3 HOH 103 2103 6    HOH HOH A . 
C 3 HOH 104 2104 1664 HOH HOH A . 
C 3 HOH 105 2105 1675 HOH HOH A . 
C 3 HOH 106 2106 1740 HOH HOH A . 
C 3 HOH 107 2107 1611 HOH HOH A . 
C 3 HOH 108 2108 1696 HOH HOH A . 
C 3 HOH 109 2109 1772 HOH HOH A . 
C 3 HOH 110 2110 1720 HOH HOH A . 
C 3 HOH 111 2111 1736 HOH HOH A . 
C 3 HOH 112 2112 1683 HOH HOH A . 
C 3 HOH 113 2113 1725 HOH HOH A . 
C 3 HOH 114 2114 22   HOH HOH A . 
C 3 HOH 115 2115 1657 HOH HOH A . 
C 3 HOH 116 2116 1711 HOH HOH A . 
C 3 HOH 117 2117 1719 HOH HOH A . 
C 3 HOH 118 2118 1722 HOH HOH A . 
C 3 HOH 119 2119 1729 HOH HOH A . 
C 3 HOH 120 2120 1709 HOH HOH A . 
C 3 HOH 121 2121 1734 HOH HOH A . 
C 3 HOH 122 2122 1627 HOH HOH A . 
C 3 HOH 123 2123 1704 HOH HOH A . 
C 3 HOH 124 2124 1706 HOH HOH A . 
C 3 HOH 125 2125 1612 HOH HOH A . 
C 3 HOH 126 2126 1697 HOH HOH A . 
C 3 HOH 127 2127 1728 HOH HOH A . 
C 3 HOH 128 2128 1716 HOH HOH A . 
C 3 HOH 129 2129 1648 HOH HOH A . 
C 3 HOH 130 2130 1713 HOH HOH A . 
C 3 HOH 131 2131 23   HOH HOH A . 
C 3 HOH 132 2132 1739 HOH HOH A . 
C 3 HOH 133 2133 1708 HOH HOH A . 
C 3 HOH 134 2134 1724 HOH HOH A . 
C 3 HOH 135 2135 1715 HOH HOH A . 
C 3 HOH 136 2136 9    HOH HOH A . 
C 3 HOH 137 2137 1640 HOH HOH A . 
C 3 HOH 138 2138 1737 HOH HOH A . 
C 3 HOH 139 2139 1710 HOH HOH A . 
C 3 HOH 140 2140 1727 HOH HOH A . 
C 3 HOH 141 2141 1801 HOH HOH A . 
C 3 HOH 142 2142 1798 HOH HOH A . 
C 3 HOH 143 2143 1744 HOH HOH A . 
C 3 HOH 144 2144 1667 HOH HOH A . 
C 3 HOH 145 2145 1703 HOH HOH A . 
C 3 HOH 146 2146 1726 HOH HOH A . 
C 3 HOH 147 2147 1730 HOH HOH A . 
C 3 HOH 148 2148 1759 HOH HOH A . 
C 3 HOH 149 2149 1635 HOH HOH A . 
C 3 HOH 150 2150 1742 HOH HOH A . 
C 3 HOH 151 2151 1752 HOH HOH A . 
C 3 HOH 152 2152 1755 HOH HOH A . 
C 3 HOH 153 2153 1756 HOH HOH A . 
C 3 HOH 154 2154 1751 HOH HOH A . 
C 3 HOH 155 2155 1753 HOH HOH A . 
C 3 HOH 156 2156 1748 HOH HOH A . 
C 3 HOH 157 2157 20   HOH HOH A . 
C 3 HOH 158 2158 1754 HOH HOH A . 
C 3 HOH 159 2159 1743 HOH HOH A . 
C 3 HOH 160 2160 1766 HOH HOH A . 
C 3 HOH 161 2161 1769 HOH HOH A . 
C 3 HOH 162 2162 1794 HOH HOH A . 
C 3 HOH 163 2163 3    HOH HOH A . 
C 3 HOH 164 2164 1762 HOH HOH A . 
C 3 HOH 165 2165 1795 HOH HOH A . 
C 3 HOH 166 2166 1758 HOH HOH A . 
C 3 HOH 167 2167 1765 HOH HOH A . 
C 3 HOH 168 2168 5    HOH HOH A . 
C 3 HOH 169 2169 1784 HOH HOH A . 
C 3 HOH 170 2170 1786 HOH HOH A . 
C 3 HOH 171 2171 1770 HOH HOH A . 
C 3 HOH 172 2172 1777 HOH HOH A . 
C 3 HOH 173 2173 1763 HOH HOH A . 
C 3 HOH 174 2174 1768 HOH HOH A . 
C 3 HOH 175 2175 1764 HOH HOH A . 
C 3 HOH 176 2176 1779 HOH HOH A . 
C 3 HOH 177 2177 1774 HOH HOH A . 
C 3 HOH 178 2178 1783 HOH HOH A . 
C 3 HOH 179 2179 15   HOH HOH A . 
C 3 HOH 180 2180 16   HOH HOH A . 
C 3 HOH 181 2181 2    HOH HOH A . 
C 3 HOH 182 2182 1785 HOH HOH A . 
C 3 HOH 183 2183 1778 HOH HOH A . 
C 3 HOH 184 2184 1781 HOH HOH A . 
C 3 HOH 185 2185 1775 HOH HOH A . 
C 3 HOH 186 2186 1796 HOH HOH A . 
C 3 HOH 187 2187 1780 HOH HOH A . 
C 3 HOH 188 2188 1782 HOH HOH A . 
C 3 HOH 189 2189 1705 HOH HOH A . 
C 3 HOH 190 2190 1761 HOH HOH A . 
C 3 HOH 191 2191 1787 HOH HOH A . 
C 3 HOH 192 2192 1654 HOH HOH A . 
C 3 HOH 193 2193 1789 HOH HOH A . 
C 3 HOH 194 2194 1790 HOH HOH A . 
C 3 HOH 195 2195 4    HOH HOH A . 
C 3 HOH 196 2196 1793 HOH HOH A . 
C 3 HOH 197 2197 1792 HOH HOH A . 
C 3 HOH 198 2198 1760 HOH HOH A . 
C 3 HOH 199 2199 1788 HOH HOH A . 
C 3 HOH 200 2200 1799 HOH HOH A . 
C 3 HOH 201 2201 1797 HOH HOH A . 
C 3 HOH 202 2202 1800 HOH HOH A . 
# 
loop_
_pdbx_unobs_or_zero_occ_atoms.id 
_pdbx_unobs_or_zero_occ_atoms.PDB_model_num 
_pdbx_unobs_or_zero_occ_atoms.polymer_flag 
_pdbx_unobs_or_zero_occ_atoms.occupancy_flag 
_pdbx_unobs_or_zero_occ_atoms.auth_asym_id 
_pdbx_unobs_or_zero_occ_atoms.auth_comp_id 
_pdbx_unobs_or_zero_occ_atoms.auth_seq_id 
_pdbx_unobs_or_zero_occ_atoms.PDB_ins_code 
_pdbx_unobs_or_zero_occ_atoms.auth_atom_id 
_pdbx_unobs_or_zero_occ_atoms.label_alt_id 
_pdbx_unobs_or_zero_occ_atoms.label_asym_id 
_pdbx_unobs_or_zero_occ_atoms.label_comp_id 
_pdbx_unobs_or_zero_occ_atoms.label_seq_id 
_pdbx_unobs_or_zero_occ_atoms.label_atom_id 
1 1 Y 1 A GLN 1334 ? CD  ? A GLN 43 CD  
2 1 Y 1 A GLN 1334 ? OE1 ? A GLN 43 OE1 
3 1 Y 1 A GLN 1334 ? NE2 ? A GLN 43 NE2 
# 
loop_
_software.pdbx_ordinal 
_software.name 
_software.version 
_software.date 
_software.type 
_software.contact_author 
_software.contact_author_email 
_software.classification 
_software.location 
_software.language 
_software.citation_id 
1 REFMAC      5.8.0267 ?               program 'Garib N. Murshudov' garib@ysbl.york.ac.uk    refinement        
http://www.ccp4.ac.uk/dist/html/refmac5.html        Fortran_77 ? 
2 Aimless     0.7.7    23/04/21        program 'Phil Evans'         ?                        'data scaling'    
http://www.mrc-lmb.cam.ac.uk/harry/pre/aimless.html ?          ? 
3 PDB_EXTRACT 3.23     'SEP. 23, 2016' package PDB                  deposit@deposit.rcsb.org 'data extraction' 
http://sw-tools.pdb.org/apps/PDB_EXTRACT/           C++        ? 
4 XDS         .        ?               program ?                    ?                        'data reduction'  ? ?          ? 
5 REFMAC      .        ?               program ?                    ?                        phasing           ? ?          ? 
# 
_cell.entry_id           7FUT 
_cell.length_a           82.112 
_cell.length_b           27.408 
_cell.length_c           56.437 
_cell.angle_alpha        90.000 
_cell.angle_beta         99.860 
_cell.angle_gamma        90.000 
_cell.Z_PDB              4 
_cell.pdbx_unique_axis   ? 
# 
_symmetry.entry_id                         7FUT 
_symmetry.space_group_name_H-M             'C 1 2 1' 
_symmetry.pdbx_full_space_group_name_H-M   ? 
_symmetry.cell_setting                     ? 
_symmetry.Int_Tables_number                5 
# 
_exptl.crystals_number   1 
_exptl.entry_id          7FUT 
_exptl.method            'X-RAY DIFFRACTION' 
# 
_exptl_crystal.id                    1 
_exptl_crystal.pdbx_mosaicity        0.000 
_exptl_crystal.pdbx_mosaicity_esd    ? 
_exptl_crystal.density_Matthews      1.77 
_exptl_crystal.density_diffrn        ? 
_exptl_crystal.density_meas          ? 
_exptl_crystal.density_meas_temp     ? 
_exptl_crystal.density_percent_sol   30.69 
_exptl_crystal.size_max              ? 
_exptl_crystal.size_mid              ? 
_exptl_crystal.size_min              ? 
_exptl_crystal.size_rad              ? 
_exptl_crystal.description           ? 
# 
_exptl_crystal_grow.crystal_id      1 
_exptl_crystal_grow.method          'VAPOR DIFFUSION, SITTING DROP' 
_exptl_crystal_grow.pH              5.6 
_exptl_crystal_grow.temp            277 
_exptl_crystal_grow.pdbx_details    '20% PEG 8000, 0.04M potassium phosphate' 
_exptl_crystal_grow.temp_details    ? 
_exptl_crystal_grow.pdbx_pH_range   ? 
# 
_diffrn.id                     1 
_diffrn.ambient_temp           100 
_diffrn.crystal_id             1 
_diffrn.ambient_temp_details   ? 
# 
_diffrn_detector.detector               PIXEL 
_diffrn_detector.type                   'DECTRIS PILATUS 6M' 
_diffrn_detector.pdbx_collection_date   2022-09-23 
_diffrn_detector.diffrn_id              1 
_diffrn_detector.details                ? 
# 
_diffrn_radiation.diffrn_id                        1 
_diffrn_radiation.wavelength_id                    1 
_diffrn_radiation.pdbx_diffrn_protocol             'SINGLE WAVELENGTH' 
_diffrn_radiation.pdbx_monochromatic_or_laue_m_l   ? 
_diffrn_radiation.monochromator                    ? 
_diffrn_radiation.pdbx_scattering_type             x-ray 
# 
_diffrn_radiation_wavelength.id           1 
_diffrn_radiation_wavelength.wavelength   0.92124 
_diffrn_radiation_wavelength.wt           1.0 
# 
_diffrn_source.diffrn_id                   1 
_diffrn_source.source                      SYNCHROTRON 
_diffrn_source.type                        'DIAMOND BEAMLINE I04-1' 
_diffrn_source.pdbx_wavelength_list        0.92124 
_diffrn_source.pdbx_synchrotron_site       Diamond 
_diffrn_source.pdbx_synchrotron_beamline   I04-1 
_diffrn_source.pdbx_wavelength             ? 
# 
_reflns.entry_id                     7FUT 
_reflns.pdbx_diffrn_id               1 
_reflns.pdbx_ordinal                 1 
_reflns.observed_criterion_sigma_I   ? 
_reflns.observed_criterion_sigma_F   ? 
_reflns.d_resolution_low             35.780 
_reflns.d_resolution_high            1.180 
_reflns.number_obs                   31774 
_reflns.number_all                   ? 
_reflns.percent_possible_obs         77.300 
_reflns.pdbx_Rmerge_I_obs            0.043 
_reflns.pdbx_Rsym_value              ? 
_reflns.pdbx_netI_over_sigmaI        28.700 
_reflns.B_iso_Wilson_estimate        ? 
_reflns.pdbx_redundancy              5.500 
_reflns.pdbx_Rrim_I_all              0.048 
_reflns.pdbx_Rpim_I_all              0.019 
_reflns.pdbx_CC_half                 0.994 
_reflns.pdbx_netI_over_av_sigmaI     ? 
_reflns.pdbx_number_measured_all     174422 
_reflns.pdbx_scaling_rejects         0 
_reflns.pdbx_chi_squared             ? 
_reflns.Rmerge_F_all                 ? 
_reflns.Rmerge_F_obs                 ? 
_reflns.observed_criterion_F_max     ? 
_reflns.observed_criterion_F_min     ? 
_reflns.observed_criterion_I_max     ? 
_reflns.observed_criterion_I_min     ? 
_reflns.pdbx_d_res_high_opt          ? 
_reflns.pdbx_d_res_low_opt           ? 
_reflns.details                      ? 
# 
loop_
_reflns_shell.pdbx_diffrn_id 
_reflns_shell.pdbx_ordinal 
_reflns_shell.d_res_high 
_reflns_shell.d_res_low 
_reflns_shell.number_measured_obs 
_reflns_shell.number_measured_all 
_reflns_shell.number_unique_obs 
_reflns_shell.pdbx_rejects 
_reflns_shell.Rmerge_I_obs 
_reflns_shell.meanI_over_sigI_obs 
_reflns_shell.pdbx_Rsym_value 
_reflns_shell.pdbx_chi_squared 
_reflns_shell.pdbx_redundancy 
_reflns_shell.percent_possible_obs 
_reflns_shell.pdbx_netI_over_sigmaI_obs 
_reflns_shell.number_possible 
_reflns_shell.number_unique_all 
_reflns_shell.Rmerge_F_all 
_reflns_shell.Rmerge_F_obs 
_reflns_shell.Rmerge_I_all 
_reflns_shell.meanI_over_sigI_all 
_reflns_shell.percent_possible_all 
_reflns_shell.pdbx_Rrim_I_all 
_reflns_shell.pdbx_Rpim_I_all 
_reflns_shell.pdbx_CC_half 
1 1 1.180 1.200  ? 421  ? ? 0.275 ? ? ? 1.200 ? 0.900  ? 344 ? ? ? ? 17.200 0.377 0.258 0.836 
1 2 6.470 35.780 ? 1629 ? ? 0.074 ? ? ? 5.700 ? 62.700 ? 285 ? ? ? ? 99.400 0.083 0.036 0.982 
# 
_refine.entry_id                                 7FUT 
_refine.pdbx_refine_id                           'X-RAY DIFFRACTION' 
_refine.ls_d_res_high                            1.1800 
_refine.ls_d_res_low                             35.7800 
_refine.pdbx_ls_sigma_F                          0.000 
_refine.pdbx_data_cutoff_high_absF               ? 
_refine.pdbx_data_cutoff_low_absF                ? 
_refine.ls_percent_reflns_obs                    77.1600 
_refine.ls_number_reflns_obs                     30191 
_refine.ls_number_reflns_all                     ? 
_refine.pdbx_ls_cross_valid_method               THROUGHOUT 
_refine.ls_matrix_type                           ? 
_refine.pdbx_R_Free_selection_details            RANDOM 
_refine.details                                  
'HYDROGENS HAVE BEEN ADDED IN THE RIDING POSITIONS U VALUES      : REFINED INDIVIDUALLY' 
_refine.ls_R_factor_all                          ? 
_refine.ls_R_factor_obs                          0.1721 
_refine.ls_R_factor_R_work                       0.1707 
_refine.ls_wR_factor_R_work                      ? 
_refine.ls_R_factor_R_free                       0.1990 
_refine.ls_wR_factor_R_free                      ? 
_refine.ls_percent_reflns_R_free                 5.0000 
_refine.ls_number_reflns_R_free                  1582 
_refine.ls_number_reflns_R_work                  ? 
_refine.ls_R_factor_R_free_error                 ? 
_refine.B_iso_mean                               18.8130 
_refine.solvent_model_param_bsol                 ? 
_refine.solvent_model_param_ksol                 ? 
_refine.pdbx_isotropic_thermal_model             ? 
_refine.aniso_B[1][1]                            -0.0100 
_refine.aniso_B[2][2]                            0.8900 
_refine.aniso_B[3][3]                            -0.9300 
_refine.aniso_B[1][2]                            0.0000 
_refine.aniso_B[1][3]                            0.3000 
_refine.aniso_B[2][3]                            0.0000 
_refine.correlation_coeff_Fo_to_Fc               0.9660 
_refine.correlation_coeff_Fo_to_Fc_free          0.9550 
_refine.overall_SU_R_Cruickshank_DPI             ? 
_refine.pdbx_overall_SU_R_free_Cruickshank_DPI   ? 
_refine.pdbx_overall_SU_R_Blow_DPI               ? 
_refine.pdbx_overall_SU_R_free_Blow_DPI          ? 
_refine.overall_SU_R_free                        ? 
_refine.pdbx_overall_ESU_R                       0.0740 
_refine.pdbx_overall_ESU_R_Free                  0.0720 
_refine.overall_SU_ML                            0.0460 
_refine.overall_SU_B                             1.0310 
_refine.solvent_model_details                    MASK 
_refine.pdbx_solvent_vdw_probe_radii             1.2000 
_refine.pdbx_solvent_ion_probe_radii             0.8000 
_refine.pdbx_solvent_shrinkage_radii             0.8000 
_refine.ls_number_parameters                     ? 
_refine.ls_number_restraints                     ? 
_refine.pdbx_starting_model                      7av9 
_refine.pdbx_method_to_determine_struct          'FOURIER SYNTHESIS' 
_refine.pdbx_stereochemistry_target_values       'MAXIMUM LIKELIHOOD' 
_refine.pdbx_stereochem_target_val_spec_case     ? 
_refine.overall_FOM_work_R_set                   ? 
_refine.B_iso_max                                256.090 
_refine.B_iso_min                                9.590 
_refine.pdbx_overall_phase_error                 ? 
_refine.occupancy_max                            ? 
_refine.occupancy_min                            ? 
_refine.pdbx_diffrn_id                           1 
_refine.pdbx_TLS_residual_ADP_flag               ? 
_refine.pdbx_ls_sigma_I                          ? 
_refine.pdbx_data_cutoff_high_rms_absF           ? 
_refine.ls_R_factor_R_free_error_details         ? 
# 
_refine_hist.cycle_id                         final 
_refine_hist.pdbx_refine_id                   'X-RAY DIFFRACTION' 
_refine_hist.d_res_high                       1.1800 
_refine_hist.d_res_low                        35.7800 
_refine_hist.pdbx_number_atoms_ligand         19 
_refine_hist.number_atoms_solvent             202 
_refine_hist.number_atoms_total               1224 
_refine_hist.pdbx_number_residues_total       121 
_refine_hist.pdbx_B_iso_mean_ligand           25.37 
_refine_hist.pdbx_B_iso_mean_solvent          30.31 
_refine_hist.pdbx_number_atoms_protein        1003 
_refine_hist.pdbx_number_atoms_nucleic_acid   0 
# 
loop_
_refine_ls_restr.pdbx_refine_id 
_refine_ls_restr.type 
_refine_ls_restr.number 
_refine_ls_restr.dev_ideal 
_refine_ls_restr.dev_ideal_target 
_refine_ls_restr.weight 
_refine_ls_restr.pdbx_restraint_function 
'X-RAY DIFFRACTION' r_bond_refined_d       2765 0.009  0.015  ? ? 
'X-RAY DIFFRACTION' r_bond_other_d         1897 0.001  0.014  ? ? 
'X-RAY DIFFRACTION' r_angle_refined_deg    2861 1.684  1.673  ? ? 
'X-RAY DIFFRACTION' r_angle_other_deg      4436 1.423  1.583  ? ? 
'X-RAY DIFFRACTION' r_dihedral_angle_1_deg 267  5.642  5.000  ? ? 
'X-RAY DIFFRACTION' r_dihedral_angle_2_deg 119  26.136 20.252 ? ? 
'X-RAY DIFFRACTION' r_dihedral_angle_3_deg 350  13.764 15.000 ? ? 
'X-RAY DIFFRACTION' r_dihedral_angle_4_deg 18   14.470 15.000 ? ? 
'X-RAY DIFFRACTION' r_chiral_restr         263  0.087  0.200  ? ? 
'X-RAY DIFFRACTION' r_gen_planes_refined   2477 0.009  0.020  ? ? 
'X-RAY DIFFRACTION' r_gen_planes_other     509  0.002  0.020  ? ? 
'X-RAY DIFFRACTION' r_mcbond_it            1321 1.255  1.844  ? ? 
'X-RAY DIFFRACTION' r_mcbond_other         1256 1.284  1.763  ? ? 
'X-RAY DIFFRACTION' r_mcangle_it           1271 2.412  2.544  ? ? 
# 
_refine_ls_shell.d_res_high                       1.1800 
_refine_ls_shell.d_res_low                        1.2110 
_refine_ls_shell.pdbx_total_number_of_bins_used   20 
_refine_ls_shell.percent_reflns_obs               19.4800 
_refine_ls_shell.number_reflns_R_work             573 
_refine_ls_shell.R_factor_all                     ? 
_refine_ls_shell.R_factor_R_work                  0.3430 
_refine_ls_shell.R_factor_R_free                  0.3800 
_refine_ls_shell.percent_reflns_R_free            ? 
_refine_ls_shell.number_reflns_R_free             21 
_refine_ls_shell.R_factor_R_free_error            ? 
_refine_ls_shell.number_reflns_all                594 
_refine_ls_shell.number_reflns_obs                ? 
_refine_ls_shell.pdbx_refine_id                   'X-RAY DIFFRACTION' 
# 
_struct.entry_id                  7FUT 
_struct.title                     'PanDDA analysis group deposition -- PHIP in complex with Z44602357' 
_struct.pdbx_model_details        ? 
_struct.pdbx_CASP_flag            ? 
_struct.pdbx_model_type_details   ? 
# 
_struct_keywords.entry_id        7FUT 
_struct_keywords.text            
'False negatives, ligand features, rescreening, catalogue, fragment follow-ups, automated chemistry, SIGNALING PROTEIN' 
_struct_keywords.pdbx_keywords   'SIGNALING PROTEIN' 
# 
loop_
_struct_asym.id 
_struct_asym.pdbx_blank_PDB_chainid_flag 
_struct_asym.pdbx_modified 
_struct_asym.entity_id 
_struct_asym.details 
A N N 1 ? 
B N N 2 ? 
C N N 3 ? 
# 
_struct_ref.id                         1 
_struct_ref.db_name                    UNP 
_struct_ref.db_code                    PHIP_HUMAN 
_struct_ref.pdbx_db_accession          Q8WWQ0 
_struct_ref.pdbx_db_isoform            ? 
_struct_ref.entity_id                  1 
_struct_ref.pdbx_seq_one_letter_code   
;SYDIQAWKKQCEELLNLIFQCEDSEPFRQPVDLLEYPDYRDIIDTPMDFATVRETLEAGNYESPMELCKDVRLIFSNSKA
YTPSKRSRIYSMSLRLSAFFEEHISSVLSDYKSALRFHKRNTITKR
;
_struct_ref.pdbx_align_begin           1315 
# 
_struct_ref_seq.align_id                      1 
_struct_ref_seq.ref_id                        1 
_struct_ref_seq.pdbx_PDB_id_code              7FUT 
_struct_ref_seq.pdbx_strand_id                A 
_struct_ref_seq.seq_align_beg                 24 
_struct_ref_seq.pdbx_seq_align_beg_ins_code   ? 
_struct_ref_seq.seq_align_end                 149 
_struct_ref_seq.pdbx_seq_align_end_ins_code   ? 
_struct_ref_seq.pdbx_db_accession             Q8WWQ0 
_struct_ref_seq.db_align_beg                  1315 
_struct_ref_seq.pdbx_db_align_beg_ins_code    ? 
_struct_ref_seq.db_align_end                  1440 
_struct_ref_seq.pdbx_db_align_end_ins_code    ? 
_struct_ref_seq.pdbx_auth_seq_align_beg       1315 
_struct_ref_seq.pdbx_auth_seq_align_end       1440 
# 
loop_
_struct_ref_seq_dif.align_id 
_struct_ref_seq_dif.pdbx_pdb_id_code 
_struct_ref_seq_dif.mon_id 
_struct_ref_seq_dif.pdbx_pdb_strand_id 
_struct_ref_seq_dif.seq_num 
_struct_ref_seq_dif.pdbx_pdb_ins_code 
_struct_ref_seq_dif.pdbx_seq_db_name 
_struct_ref_seq_dif.pdbx_seq_db_accession_code 
_struct_ref_seq_dif.db_mon_id 
_struct_ref_seq_dif.pdbx_seq_db_seq_num 
_struct_ref_seq_dif.details 
_struct_ref_seq_dif.pdbx_auth_seq_num 
_struct_ref_seq_dif.pdbx_ordinal 
1 7FUT MET A 1  ? UNP Q8WWQ0 ? ? 'initiating methionine' 1292 1  
1 7FUT HIS A 2  ? UNP Q8WWQ0 ? ? 'expression tag'        1293 2  
1 7FUT HIS A 3  ? UNP Q8WWQ0 ? ? 'expression tag'        1294 3  
1 7FUT HIS A 4  ? UNP Q8WWQ0 ? ? 'expression tag'        1295 4  
1 7FUT HIS A 5  ? UNP Q8WWQ0 ? ? 'expression tag'        1296 5  
1 7FUT HIS A 6  ? UNP Q8WWQ0 ? ? 'expression tag'        1297 6  
1 7FUT HIS A 7  ? UNP Q8WWQ0 ? ? 'expression tag'        1298 7  
1 7FUT SER A 8  ? UNP Q8WWQ0 ? ? 'expression tag'        1299 8  
1 7FUT SER A 9  ? UNP Q8WWQ0 ? ? 'expression tag'        1300 9  
1 7FUT GLY A 10 ? UNP Q8WWQ0 ? ? 'expression tag'        1301 10 
1 7FUT VAL A 11 ? UNP Q8WWQ0 ? ? 'expression tag'        1302 11 
1 7FUT ASP A 12 ? UNP Q8WWQ0 ? ? 'expression tag'        1303 12 
1 7FUT LEU A 13 ? UNP Q8WWQ0 ? ? 'expression tag'        1304 13 
1 7FUT GLY A 14 ? UNP Q8WWQ0 ? ? 'expression tag'        1305 14 
1 7FUT THR A 15 ? UNP Q8WWQ0 ? ? 'expression tag'        1306 15 
1 7FUT GLU A 16 ? UNP Q8WWQ0 ? ? 'expression tag'        1307 16 
1 7FUT ASN A 17 ? UNP Q8WWQ0 ? ? 'expression tag'        1308 17 
1 7FUT LEU A 18 ? UNP Q8WWQ0 ? ? 'expression tag'        1309 18 
1 7FUT TYR A 19 ? UNP Q8WWQ0 ? ? 'expression tag'        1310 19 
1 7FUT PHE A 20 ? UNP Q8WWQ0 ? ? 'expression tag'        1311 20 
1 7FUT GLN A 21 ? UNP Q8WWQ0 ? ? 'expression tag'        1312 21 
1 7FUT SER A 22 ? UNP Q8WWQ0 ? ? 'expression tag'        1313 22 
1 7FUT MET A 23 ? UNP Q8WWQ0 ? ? 'expression tag'        1314 23 
# 
_pdbx_struct_assembly.id                   1 
_pdbx_struct_assembly.details              author_and_software_defined_assembly 
_pdbx_struct_assembly.method_details       PISA 
_pdbx_struct_assembly.oligomeric_details   monomeric 
_pdbx_struct_assembly.oligomeric_count     1 
# 
_pdbx_struct_assembly_gen.assembly_id       1 
_pdbx_struct_assembly_gen.oper_expression   1 
_pdbx_struct_assembly_gen.asym_id_list      A,B,C 
# 
_pdbx_struct_oper_list.id                   1 
_pdbx_struct_oper_list.type                 'identity operation' 
_pdbx_struct_oper_list.name                 1_555 
_pdbx_struct_oper_list.symmetry_operation   x,y,z 
_pdbx_struct_oper_list.matrix[1][1]         1.0000000000 
_pdbx_struct_oper_list.matrix[1][2]         0.0000000000 
_pdbx_struct_oper_list.matrix[1][3]         0.0000000000 
_pdbx_struct_oper_list.vector[1]            0.0000000000 
_pdbx_struct_oper_list.matrix[2][1]         0.0000000000 
_pdbx_struct_oper_list.matrix[2][2]         1.0000000000 
_pdbx_struct_oper_list.matrix[2][3]         0.0000000000 
_pdbx_struct_oper_list.vector[2]            0.0000000000 
_pdbx_struct_oper_list.matrix[3][1]         0.0000000000 
_pdbx_struct_oper_list.matrix[3][2]         0.0000000000 
_pdbx_struct_oper_list.matrix[3][3]         1.0000000000 
_pdbx_struct_oper_list.vector[3]            0.0000000000 
# 
loop_
_struct_conf.conf_type_id 
_struct_conf.id 
_struct_conf.pdbx_PDB_helix_id 
_struct_conf.beg_label_comp_id 
_struct_conf.beg_label_asym_id 
_struct_conf.beg_label_seq_id 
_struct_conf.pdbx_beg_PDB_ins_code 
_struct_conf.end_label_comp_id 
_struct_conf.end_label_asym_id 
_struct_conf.end_label_seq_id 
_struct_conf.pdbx_end_PDB_ins_code 
_struct_conf.beg_auth_comp_id 
_struct_conf.beg_auth_asym_id 
_struct_conf.beg_auth_seq_id 
_struct_conf.end_auth_comp_id 
_struct_conf.end_auth_asym_id 
_struct_conf.end_auth_seq_id 
_struct_conf.pdbx_PDB_helix_class 
_struct_conf.details 
_struct_conf.pdbx_PDB_helix_length 
HELX_P HELX_P1 AA1 ALA A 29  ? CYS A 44  ? ALA A 1320 CYS A 1335 1 ? 16 
HELX_P HELX_P2 AA2 GLU A 45  ? ARG A 51  ? GLU A 1336 ARG A 1342 5 ? 7  
HELX_P HELX_P3 AA3 ASP A 61  ? ILE A 66  ? ASP A 1352 ILE A 1357 1 ? 6  
HELX_P HELX_P4 AA4 ASP A 71  ? ALA A 81  ? ASP A 1362 ALA A 1372 1 ? 11 
HELX_P HELX_P5 AA5 SER A 86  ? THR A 105 ? SER A 1377 THR A 1396 1 ? 20 
HELX_P HELX_P6 AA6 SER A 110 ? LYS A 142 ? SER A 1401 LYS A 1433 1 ? 33 
# 
_struct_conf_type.id          HELX_P 
_struct_conf_type.criteria    ? 
_struct_conf_type.reference   ? 
# 
_pdbx_validate_close_contact.id               1 
_pdbx_validate_close_contact.PDB_model_num    1 
_pdbx_validate_close_contact.auth_atom_id_1   O 
_pdbx_validate_close_contact.auth_asym_id_1   A 
_pdbx_validate_close_contact.auth_comp_id_1   HOH 
_pdbx_validate_close_contact.auth_seq_id_1    2153 
_pdbx_validate_close_contact.PDB_ins_code_1   ? 
_pdbx_validate_close_contact.label_alt_id_1   ? 
_pdbx_validate_close_contact.auth_atom_id_2   O 
_pdbx_validate_close_contact.auth_asym_id_2   A 
_pdbx_validate_close_contact.auth_comp_id_2   HOH 
_pdbx_validate_close_contact.auth_seq_id_2    2191 
_pdbx_validate_close_contact.PDB_ins_code_2   ? 
_pdbx_validate_close_contact.label_alt_id_2   ? 
_pdbx_validate_close_contact.dist             2.19 
# 
loop_
_pdbx_validate_symm_contact.id 
_pdbx_validate_symm_contact.PDB_model_num 
_pdbx_validate_symm_contact.auth_atom_id_1 
_pdbx_validate_symm_contact.auth_asym_id_1 
_pdbx_validate_symm_contact.auth_comp_id_1 
_pdbx_validate_symm_contact.auth_seq_id_1 
_pdbx_validate_symm_contact.PDB_ins_code_1 
_pdbx_validate_symm_contact.label_alt_id_1 
_pdbx_validate_symm_contact.site_symmetry_1 
_pdbx_validate_symm_contact.auth_atom_id_2 
_pdbx_validate_symm_contact.auth_asym_id_2 
_pdbx_validate_symm_contact.auth_comp_id_2 
_pdbx_validate_symm_contact.auth_seq_id_2 
_pdbx_validate_symm_contact.PDB_ins_code_2 
_pdbx_validate_symm_contact.label_alt_id_2 
_pdbx_validate_symm_contact.site_symmetry_2 
_pdbx_validate_symm_contact.dist 
1 1 O A HOH 2181 ? ? 1_555 O A HOH 2195 ? ? 1_545 1.53 
2 1 O A HOH 2027 ? ? 1_555 O A HOH 2053 ? ? 4_445 2.12 
# 
_pdbx_validate_rmsd_bond.id                        1 
_pdbx_validate_rmsd_bond.PDB_model_num             1 
_pdbx_validate_rmsd_bond.auth_atom_id_1            CD 
_pdbx_validate_rmsd_bond.auth_asym_id_1            A 
_pdbx_validate_rmsd_bond.auth_comp_id_1            GLU 
_pdbx_validate_rmsd_bond.auth_seq_id_1             1380 
_pdbx_validate_rmsd_bond.PDB_ins_code_1            ? 
_pdbx_validate_rmsd_bond.label_alt_id_1            ? 
_pdbx_validate_rmsd_bond.auth_atom_id_2            OE1 
_pdbx_validate_rmsd_bond.auth_asym_id_2            A 
_pdbx_validate_rmsd_bond.auth_comp_id_2            GLU 
_pdbx_validate_rmsd_bond.auth_seq_id_2             1380 
_pdbx_validate_rmsd_bond.PDB_ins_code_2            ? 
_pdbx_validate_rmsd_bond.label_alt_id_2            ? 
_pdbx_validate_rmsd_bond.bond_value                1.181 
_pdbx_validate_rmsd_bond.bond_target_value         1.252 
_pdbx_validate_rmsd_bond.bond_deviation            -0.071 
_pdbx_validate_rmsd_bond.bond_standard_deviation   0.011 
_pdbx_validate_rmsd_bond.linker_flag               N 
# 
loop_
_pdbx_validate_torsion.id 
_pdbx_validate_torsion.PDB_model_num 
_pdbx_validate_torsion.auth_comp_id 
_pdbx_validate_torsion.auth_asym_id 
_pdbx_validate_torsion.auth_seq_id 
_pdbx_validate_torsion.PDB_ins_code 
_pdbx_validate_torsion.label_alt_id 
_pdbx_validate_torsion.phi 
_pdbx_validate_torsion.psi 
1 1 TYR A 1350 ? ? -117.35 76.48 
2 1 ARG A 1400 ? ? -97.09  31.96 
# 
_pdbx_struct_special_symmetry.id              1 
_pdbx_struct_special_symmetry.PDB_model_num   1 
_pdbx_struct_special_symmetry.auth_asym_id    A 
_pdbx_struct_special_symmetry.auth_comp_id    HOH 
_pdbx_struct_special_symmetry.auth_seq_id     2194 
_pdbx_struct_special_symmetry.PDB_ins_code    ? 
_pdbx_struct_special_symmetry.label_asym_id   C 
_pdbx_struct_special_symmetry.label_comp_id   HOH 
_pdbx_struct_special_symmetry.label_seq_id    . 
# 
_phasing.method   MR 
# 
_pdbx_entry_details.entry_id                 7FUT 
_pdbx_entry_details.compound_details         ? 
_pdbx_entry_details.source_details           ? 
_pdbx_entry_details.nonpolymer_details       ? 
_pdbx_entry_details.sequence_details         ? 
_pdbx_entry_details.has_ligand_of_interest   Y 
# 
loop_
_pdbx_unobs_or_zero_occ_residues.id 
_pdbx_unobs_or_zero_occ_residues.PDB_model_num 
_pdbx_unobs_or_zero_occ_residues.polymer_flag 
_pdbx_unobs_or_zero_occ_residues.occupancy_flag 
_pdbx_unobs_or_zero_occ_residues.auth_asym_id 
_pdbx_unobs_or_zero_occ_residues.auth_comp_id 
_pdbx_unobs_or_zero_occ_residues.auth_seq_id 
_pdbx_unobs_or_zero_occ_residues.PDB_ins_code 
_pdbx_unobs_or_zero_occ_residues.label_asym_id 
_pdbx_unobs_or_zero_occ_residues.label_comp_id 
_pdbx_unobs_or_zero_occ_residues.label_seq_id 
1  1 Y 1 A MET 1292 ? A MET 1   
2  1 Y 1 A HIS 1293 ? A HIS 2   
3  1 Y 1 A HIS 1294 ? A HIS 3   
4  1 Y 1 A HIS 1295 ? A HIS 4   
5  1 Y 1 A HIS 1296 ? A HIS 5   
6  1 Y 1 A HIS 1297 ? A HIS 6   
7  1 Y 1 A HIS 1298 ? A HIS 7   
8  1 Y 1 A SER 1299 ? A SER 8   
9  1 Y 1 A SER 1300 ? A SER 9   
10 1 Y 1 A GLY 1301 ? A GLY 10  
11 1 Y 1 A VAL 1302 ? A VAL 11  
12 1 Y 1 A ASP 1303 ? A ASP 12  
13 1 Y 1 A LEU 1304 ? A LEU 13  
14 1 Y 1 A GLY 1305 ? A GLY 14  
15 1 Y 1 A THR 1306 ? A THR 15  
16 1 Y 1 A GLU 1307 ? A GLU 16  
17 1 Y 1 A ASN 1308 ? A ASN 17  
18 1 Y 1 A LEU 1309 ? A LEU 18  
19 1 Y 1 A TYR 1310 ? A TYR 19  
20 1 Y 1 A PHE 1311 ? A PHE 20  
21 1 Y 1 A GLN 1312 ? A GLN 21  
22 1 Y 1 A SER 1313 ? A SER 22  
23 1 Y 1 A MET 1314 ? A MET 23  
24 1 Y 1 A THR 1436 ? A THR 145 
25 1 Y 1 A ILE 1437 ? A ILE 146 
26 1 Y 1 A THR 1438 ? A THR 147 
27 1 Y 1 A LYS 1439 ? A LYS 148 
28 1 Y 1 A ARG 1440 ? A ARG 149 
# 
loop_
_chem_comp_atom.comp_id 
_chem_comp_atom.atom_id 
_chem_comp_atom.type_symbol 
_chem_comp_atom.pdbx_aromatic_flag 
_chem_comp_atom.pdbx_stereo_config 
_chem_comp_atom.pdbx_ordinal 
ALA N    N N N 1   
ALA CA   C N S 2   
ALA C    C N N 3   
ALA O    O N N 4   
ALA CB   C N N 5   
ALA OXT  O N N 6   
ALA H    H N N 7   
ALA H2   H N N 8   
ALA HA   H N N 9   
ALA HB1  H N N 10  
ALA HB2  H N N 11  
ALA HB3  H N N 12  
ALA HXT  H N N 13  
ARG N    N N N 14  
ARG CA   C N S 15  
ARG C    C N N 16  
ARG O    O N N 17  
ARG CB   C N N 18  
ARG CG   C N N 19  
ARG CD   C N N 20  
ARG NE   N N N 21  
ARG CZ   C N N 22  
ARG NH1  N N N 23  
ARG NH2  N N N 24  
ARG OXT  O N N 25  
ARG H    H N N 26  
ARG H2   H N N 27  
ARG HA   H N N 28  
ARG HB2  H N N 29  
ARG HB3  H N N 30  
ARG HG2  H N N 31  
ARG HG3  H N N 32  
ARG HD2  H N N 33  
ARG HD3  H N N 34  
ARG HE   H N N 35  
ARG HH11 H N N 36  
ARG HH12 H N N 37  
ARG HH21 H N N 38  
ARG HH22 H N N 39  
ARG HXT  H N N 40  
ASN N    N N N 41  
ASN CA   C N S 42  
ASN C    C N N 43  
ASN O    O N N 44  
ASN CB   C N N 45  
ASN CG   C N N 46  
ASN OD1  O N N 47  
ASN ND2  N N N 48  
ASN OXT  O N N 49  
ASN H    H N N 50  
ASN H2   H N N 51  
ASN HA   H N N 52  
ASN HB2  H N N 53  
ASN HB3  H N N 54  
ASN HD21 H N N 55  
ASN HD22 H N N 56  
ASN HXT  H N N 57  
ASP N    N N N 58  
ASP CA   C N S 59  
ASP C    C N N 60  
ASP O    O N N 61  
ASP CB   C N N 62  
ASP CG   C N N 63  
ASP OD1  O N N 64  
ASP OD2  O N N 65  
ASP OXT  O N N 66  
ASP H    H N N 67  
ASP H2   H N N 68  
ASP HA   H N N 69  
ASP HB2  H N N 70  
ASP HB3  H N N 71  
ASP HD2  H N N 72  
ASP HXT  H N N 73  
CYS N    N N N 74  
CYS CA   C N R 75  
CYS C    C N N 76  
CYS O    O N N 77  
CYS CB   C N N 78  
CYS SG   S N N 79  
CYS OXT  O N N 80  
CYS H    H N N 81  
CYS H2   H N N 82  
CYS HA   H N N 83  
CYS HB2  H N N 84  
CYS HB3  H N N 85  
CYS HG   H N N 86  
CYS HXT  H N N 87  
GLN N    N N N 88  
GLN CA   C N S 89  
GLN C    C N N 90  
GLN O    O N N 91  
GLN CB   C N N 92  
GLN CG   C N N 93  
GLN CD   C N N 94  
GLN OE1  O N N 95  
GLN NE2  N N N 96  
GLN OXT  O N N 97  
GLN H    H N N 98  
GLN H2   H N N 99  
GLN HA   H N N 100 
GLN HB2  H N N 101 
GLN HB3  H N N 102 
GLN HG2  H N N 103 
GLN HG3  H N N 104 
GLN HE21 H N N 105 
GLN HE22 H N N 106 
GLN HXT  H N N 107 
GLU N    N N N 108 
GLU CA   C N S 109 
GLU C    C N N 110 
GLU O    O N N 111 
GLU CB   C N N 112 
GLU CG   C N N 113 
GLU CD   C N N 114 
GLU OE1  O N N 115 
GLU OE2  O N N 116 
GLU OXT  O N N 117 
GLU H    H N N 118 
GLU H2   H N N 119 
GLU HA   H N N 120 
GLU HB2  H N N 121 
GLU HB3  H N N 122 
GLU HG2  H N N 123 
GLU HG3  H N N 124 
GLU HE2  H N N 125 
GLU HXT  H N N 126 
GLY N    N N N 127 
GLY CA   C N N 128 
GLY C    C N N 129 
GLY O    O N N 130 
GLY OXT  O N N 131 
GLY H    H N N 132 
GLY H2   H N N 133 
GLY HA2  H N N 134 
GLY HA3  H N N 135 
GLY HXT  H N N 136 
HIS N    N N N 137 
HIS CA   C N S 138 
HIS C    C N N 139 
HIS O    O N N 140 
HIS CB   C N N 141 
HIS CG   C Y N 142 
HIS ND1  N Y N 143 
HIS CD2  C Y N 144 
HIS CE1  C Y N 145 
HIS NE2  N Y N 146 
HIS OXT  O N N 147 
HIS H    H N N 148 
HIS H2   H N N 149 
HIS HA   H N N 150 
HIS HB2  H N N 151 
HIS HB3  H N N 152 
HIS HD1  H N N 153 
HIS HD2  H N N 154 
HIS HE1  H N N 155 
HIS HE2  H N N 156 
HIS HXT  H N N 157 
HOH O    O N N 158 
HOH H1   H N N 159 
HOH H2   H N N 160 
ILE N    N N N 161 
ILE CA   C N S 162 
ILE C    C N N 163 
ILE O    O N N 164 
ILE CB   C N S 165 
ILE CG1  C N N 166 
ILE CG2  C N N 167 
ILE CD1  C N N 168 
ILE OXT  O N N 169 
ILE H    H N N 170 
ILE H2   H N N 171 
ILE HA   H N N 172 
ILE HB   H N N 173 
ILE HG12 H N N 174 
ILE HG13 H N N 175 
ILE HG21 H N N 176 
ILE HG22 H N N 177 
ILE HG23 H N N 178 
ILE HD11 H N N 179 
ILE HD12 H N N 180 
ILE HD13 H N N 181 
ILE HXT  H N N 182 
LEU N    N N N 183 
LEU CA   C N S 184 
LEU C    C N N 185 
LEU O    O N N 186 
LEU CB   C N N 187 
LEU CG   C N N 188 
LEU CD1  C N N 189 
LEU CD2  C N N 190 
LEU OXT  O N N 191 
LEU H    H N N 192 
LEU H2   H N N 193 
LEU HA   H N N 194 
LEU HB2  H N N 195 
LEU HB3  H N N 196 
LEU HG   H N N 197 
LEU HD11 H N N 198 
LEU HD12 H N N 199 
LEU HD13 H N N 200 
LEU HD21 H N N 201 
LEU HD22 H N N 202 
LEU HD23 H N N 203 
LEU HXT  H N N 204 
LYS N    N N N 205 
LYS CA   C N S 206 
LYS C    C N N 207 
LYS O    O N N 208 
LYS CB   C N N 209 
LYS CG   C N N 210 
LYS CD   C N N 211 
LYS CE   C N N 212 
LYS NZ   N N N 213 
LYS OXT  O N N 214 
LYS H    H N N 215 
LYS H2   H N N 216 
LYS HA   H N N 217 
LYS HB2  H N N 218 
LYS HB3  H N N 219 
LYS HG2  H N N 220 
LYS HG3  H N N 221 
LYS HD2  H N N 222 
LYS HD3  H N N 223 
LYS HE2  H N N 224 
LYS HE3  H N N 225 
LYS HZ1  H N N 226 
LYS HZ2  H N N 227 
LYS HZ3  H N N 228 
LYS HXT  H N N 229 
MET N    N N N 230 
MET CA   C N S 231 
MET C    C N N 232 
MET O    O N N 233 
MET CB   C N N 234 
MET CG   C N N 235 
MET SD   S N N 236 
MET CE   C N N 237 
MET OXT  O N N 238 
MET H    H N N 239 
MET H2   H N N 240 
MET HA   H N N 241 
MET HB2  H N N 242 
MET HB3  H N N 243 
MET HG2  H N N 244 
MET HG3  H N N 245 
MET HE1  H N N 246 
MET HE2  H N N 247 
MET HE3  H N N 248 
MET HXT  H N N 249 
PHE N    N N N 250 
PHE CA   C N S 251 
PHE C    C N N 252 
PHE O    O N N 253 
PHE CB   C N N 254 
PHE CG   C Y N 255 
PHE CD1  C Y N 256 
PHE CD2  C Y N 257 
PHE CE1  C Y N 258 
PHE CE2  C Y N 259 
PHE CZ   C Y N 260 
PHE OXT  O N N 261 
PHE H    H N N 262 
PHE H2   H N N 263 
PHE HA   H N N 264 
PHE HB2  H N N 265 
PHE HB3  H N N 266 
PHE HD1  H N N 267 
PHE HD2  H N N 268 
PHE HE1  H N N 269 
PHE HE2  H N N 270 
PHE HZ   H N N 271 
PHE HXT  H N N 272 
PRO N    N N N 273 
PRO CA   C N S 274 
PRO C    C N N 275 
PRO O    O N N 276 
PRO CB   C N N 277 
PRO CG   C N N 278 
PRO CD   C N N 279 
PRO OXT  O N N 280 
PRO H    H N N 281 
PRO HA   H N N 282 
PRO HB2  H N N 283 
PRO HB3  H N N 284 
PRO HG2  H N N 285 
PRO HG3  H N N 286 
PRO HD2  H N N 287 
PRO HD3  H N N 288 
PRO HXT  H N N 289 
SER N    N N N 290 
SER CA   C N S 291 
SER C    C N N 292 
SER O    O N N 293 
SER CB   C N N 294 
SER OG   O N N 295 
SER OXT  O N N 296 
SER H    H N N 297 
SER H2   H N N 298 
SER HA   H N N 299 
SER HB2  H N N 300 
SER HB3  H N N 301 
SER HG   H N N 302 
SER HXT  H N N 303 
THR N    N N N 304 
THR CA   C N S 305 
THR C    C N N 306 
THR O    O N N 307 
THR CB   C N R 308 
THR OG1  O N N 309 
THR CG2  C N N 310 
THR OXT  O N N 311 
THR H    H N N 312 
THR H2   H N N 313 
THR HA   H N N 314 
THR HB   H N N 315 
THR HG1  H N N 316 
THR HG21 H N N 317 
THR HG22 H N N 318 
THR HG23 H N N 319 
THR HXT  H N N 320 
TRP N    N N N 321 
TRP CA   C N S 322 
TRP C    C N N 323 
TRP O    O N N 324 
TRP CB   C N N 325 
TRP CG   C Y N 326 
TRP CD1  C Y N 327 
TRP CD2  C Y N 328 
TRP NE1  N Y N 329 
TRP CE2  C Y N 330 
TRP CE3  C Y N 331 
TRP CZ2  C Y N 332 
TRP CZ3  C Y N 333 
TRP CH2  C Y N 334 
TRP OXT  O N N 335 
TRP H    H N N 336 
TRP H2   H N N 337 
TRP HA   H N N 338 
TRP HB2  H N N 339 
TRP HB3  H N N 340 
TRP HD1  H N N 341 
TRP HE1  H N N 342 
TRP HE3  H N N 343 
TRP HZ2  H N N 344 
TRP HZ3  H N N 345 
TRP HH2  H N N 346 
TRP HXT  H N N 347 
TYR N    N N N 348 
TYR CA   C N S 349 
TYR C    C N N 350 
TYR O    O N N 351 
TYR CB   C N N 352 
TYR CG   C Y N 353 
TYR CD1  C Y N 354 
TYR CD2  C Y N 355 
TYR CE1  C Y N 356 
TYR CE2  C Y N 357 
TYR CZ   C Y N 358 
TYR OH   O N N 359 
TYR OXT  O N N 360 
TYR H    H N N 361 
TYR H2   H N N 362 
TYR HA   H N N 363 
TYR HB2  H N N 364 
TYR HB3  H N N 365 
TYR HD1  H N N 366 
TYR HD2  H N N 367 
TYR HE1  H N N 368 
TYR HE2  H N N 369 
TYR HH   H N N 370 
TYR HXT  H N N 371 
VAL N    N N N 372 
VAL CA   C N S 373 
VAL C    C N N 374 
VAL O    O N N 375 
VAL CB   C N N 376 
VAL CG1  C N N 377 
VAL CG2  C N N 378 
VAL OXT  O N N 379 
VAL H    H N N 380 
VAL H2   H N N 381 
VAL HA   H N N 382 
VAL HB   H N N 383 
VAL HG11 H N N 384 
VAL HG12 H N N 385 
VAL HG13 H N N 386 
VAL HG21 H N N 387 
VAL HG22 H N N 388 
VAL HG23 H N N 389 
VAL HXT  H N N 390 
ZJ8 N1   N N N 391 
ZJ8 N3   N N N 392 
ZJ8 C4   C N N 393 
ZJ8 C5   C N N 394 
ZJ8 C6   C N N 395 
ZJ8 C7   C N N 396 
ZJ8 C8   C N N 397 
ZJ8 C10  C Y N 398 
ZJ8 C13  C Y N 399 
ZJ8 C1   C N N 400 
ZJ8 C11  C Y N 401 
ZJ8 C12  C Y N 402 
ZJ8 C2   C N N 403 
ZJ8 C3   C N N 404 
ZJ8 C9   C N N 405 
ZJ8 N2   N N N 406 
ZJ8 O1   O N N 407 
ZJ8 O2   O N N 408 
ZJ8 O3   O Y N 409 
ZJ8 H8   H N N 410 
ZJ8 H9   H N N 411 
ZJ8 H10  H N N 412 
ZJ8 H12  H N N 413 
ZJ8 H11  H N N 414 
ZJ8 H13  H N N 415 
ZJ8 H14  H N N 416 
ZJ8 H16  H N N 417 
ZJ8 H15  H N N 418 
ZJ8 H19  H N N 419 
ZJ8 H3   H N N 420 
ZJ8 H1   H N N 421 
ZJ8 H2   H N N 422 
ZJ8 H17  H N N 423 
ZJ8 H18  H N N 424 
ZJ8 H4   H N N 425 
ZJ8 H5   H N N 426 
ZJ8 H7   H N N 427 
ZJ8 H6   H N N 428 
# 
loop_
_chem_comp_bond.comp_id 
_chem_comp_bond.atom_id_1 
_chem_comp_bond.atom_id_2 
_chem_comp_bond.value_order 
_chem_comp_bond.pdbx_aromatic_flag 
_chem_comp_bond.pdbx_stereo_config 
_chem_comp_bond.pdbx_ordinal 
ALA N   CA   sing N N 1   
ALA N   H    sing N N 2   
ALA N   H2   sing N N 3   
ALA CA  C    sing N N 4   
ALA CA  CB   sing N N 5   
ALA CA  HA   sing N N 6   
ALA C   O    doub N N 7   
ALA C   OXT  sing N N 8   
ALA CB  HB1  sing N N 9   
ALA CB  HB2  sing N N 10  
ALA CB  HB3  sing N N 11  
ALA OXT HXT  sing N N 12  
ARG N   CA   sing N N 13  
ARG N   H    sing N N 14  
ARG N   H2   sing N N 15  
ARG CA  C    sing N N 16  
ARG CA  CB   sing N N 17  
ARG CA  HA   sing N N 18  
ARG C   O    doub N N 19  
ARG C   OXT  sing N N 20  
ARG CB  CG   sing N N 21  
ARG CB  HB2  sing N N 22  
ARG CB  HB3  sing N N 23  
ARG CG  CD   sing N N 24  
ARG CG  HG2  sing N N 25  
ARG CG  HG3  sing N N 26  
ARG CD  NE   sing N N 27  
ARG CD  HD2  sing N N 28  
ARG CD  HD3  sing N N 29  
ARG NE  CZ   sing N N 30  
ARG NE  HE   sing N N 31  
ARG CZ  NH1  sing N N 32  
ARG CZ  NH2  doub N N 33  
ARG NH1 HH11 sing N N 34  
ARG NH1 HH12 sing N N 35  
ARG NH2 HH21 sing N N 36  
ARG NH2 HH22 sing N N 37  
ARG OXT HXT  sing N N 38  
ASN N   CA   sing N N 39  
ASN N   H    sing N N 40  
ASN N   H2   sing N N 41  
ASN CA  C    sing N N 42  
ASN CA  CB   sing N N 43  
ASN CA  HA   sing N N 44  
ASN C   O    doub N N 45  
ASN C   OXT  sing N N 46  
ASN CB  CG   sing N N 47  
ASN CB  HB2  sing N N 48  
ASN CB  HB3  sing N N 49  
ASN CG  OD1  doub N N 50  
ASN CG  ND2  sing N N 51  
ASN ND2 HD21 sing N N 52  
ASN ND2 HD22 sing N N 53  
ASN OXT HXT  sing N N 54  
ASP N   CA   sing N N 55  
ASP N   H    sing N N 56  
ASP N   H2   sing N N 57  
ASP CA  C    sing N N 58  
ASP CA  CB   sing N N 59  
ASP CA  HA   sing N N 60  
ASP C   O    doub N N 61  
ASP C   OXT  sing N N 62  
ASP CB  CG   sing N N 63  
ASP CB  HB2  sing N N 64  
ASP CB  HB3  sing N N 65  
ASP CG  OD1  doub N N 66  
ASP CG  OD2  sing N N 67  
ASP OD2 HD2  sing N N 68  
ASP OXT HXT  sing N N 69  
CYS N   CA   sing N N 70  
CYS N   H    sing N N 71  
CYS N   H2   sing N N 72  
CYS CA  C    sing N N 73  
CYS CA  CB   sing N N 74  
CYS CA  HA   sing N N 75  
CYS C   O    doub N N 76  
CYS C   OXT  sing N N 77  
CYS CB  SG   sing N N 78  
CYS CB  HB2  sing N N 79  
CYS CB  HB3  sing N N 80  
CYS SG  HG   sing N N 81  
CYS OXT HXT  sing N N 82  
GLN N   CA   sing N N 83  
GLN N   H    sing N N 84  
GLN N   H2   sing N N 85  
GLN CA  C    sing N N 86  
GLN CA  CB   sing N N 87  
GLN CA  HA   sing N N 88  
GLN C   O    doub N N 89  
GLN C   OXT  sing N N 90  
GLN CB  CG   sing N N 91  
GLN CB  HB2  sing N N 92  
GLN CB  HB3  sing N N 93  
GLN CG  CD   sing N N 94  
GLN CG  HG2  sing N N 95  
GLN CG  HG3  sing N N 96  
GLN CD  OE1  doub N N 97  
GLN CD  NE2  sing N N 98  
GLN NE2 HE21 sing N N 99  
GLN NE2 HE22 sing N N 100 
GLN OXT HXT  sing N N 101 
GLU N   CA   sing N N 102 
GLU N   H    sing N N 103 
GLU N   H2   sing N N 104 
GLU CA  C    sing N N 105 
GLU CA  CB   sing N N 106 
GLU CA  HA   sing N N 107 
GLU C   O    doub N N 108 
GLU C   OXT  sing N N 109 
GLU CB  CG   sing N N 110 
GLU CB  HB2  sing N N 111 
GLU CB  HB3  sing N N 112 
GLU CG  CD   sing N N 113 
GLU CG  HG2  sing N N 114 
GLU CG  HG3  sing N N 115 
GLU CD  OE1  doub N N 116 
GLU CD  OE2  sing N N 117 
GLU OE2 HE2  sing N N 118 
GLU OXT HXT  sing N N 119 
GLY N   CA   sing N N 120 
GLY N   H    sing N N 121 
GLY N   H2   sing N N 122 
GLY CA  C    sing N N 123 
GLY CA  HA2  sing N N 124 
GLY CA  HA3  sing N N 125 
GLY C   O    doub N N 126 
GLY C   OXT  sing N N 127 
GLY OXT HXT  sing N N 128 
HIS N   CA   sing N N 129 
HIS N   H    sing N N 130 
HIS N   H2   sing N N 131 
HIS CA  C    sing N N 132 
HIS CA  CB   sing N N 133 
HIS CA  HA   sing N N 134 
HIS C   O    doub N N 135 
HIS C   OXT  sing N N 136 
HIS CB  CG   sing N N 137 
HIS CB  HB2  sing N N 138 
HIS CB  HB3  sing N N 139 
HIS CG  ND1  sing Y N 140 
HIS CG  CD2  doub Y N 141 
HIS ND1 CE1  doub Y N 142 
HIS ND1 HD1  sing N N 143 
HIS CD2 NE2  sing Y N 144 
HIS CD2 HD2  sing N N 145 
HIS CE1 NE2  sing Y N 146 
HIS CE1 HE1  sing N N 147 
HIS NE2 HE2  sing N N 148 
HIS OXT HXT  sing N N 149 
HOH O   H1   sing N N 150 
HOH O   H2   sing N N 151 
ILE N   CA   sing N N 152 
ILE N   H    sing N N 153 
ILE N   H2   sing N N 154 
ILE CA  C    sing N N 155 
ILE CA  CB   sing N N 156 
ILE CA  HA   sing N N 157 
ILE C   O    doub N N 158 
ILE C   OXT  sing N N 159 
ILE CB  CG1  sing N N 160 
ILE CB  CG2  sing N N 161 
ILE CB  HB   sing N N 162 
ILE CG1 CD1  sing N N 163 
ILE CG1 HG12 sing N N 164 
ILE CG1 HG13 sing N N 165 
ILE CG2 HG21 sing N N 166 
ILE CG2 HG22 sing N N 167 
ILE CG2 HG23 sing N N 168 
ILE CD1 HD11 sing N N 169 
ILE CD1 HD12 sing N N 170 
ILE CD1 HD13 sing N N 171 
ILE OXT HXT  sing N N 172 
LEU N   CA   sing N N 173 
LEU N   H    sing N N 174 
LEU N   H2   sing N N 175 
LEU CA  C    sing N N 176 
LEU CA  CB   sing N N 177 
LEU CA  HA   sing N N 178 
LEU C   O    doub N N 179 
LEU C   OXT  sing N N 180 
LEU CB  CG   sing N N 181 
LEU CB  HB2  sing N N 182 
LEU CB  HB3  sing N N 183 
LEU CG  CD1  sing N N 184 
LEU CG  CD2  sing N N 185 
LEU CG  HG   sing N N 186 
LEU CD1 HD11 sing N N 187 
LEU CD1 HD12 sing N N 188 
LEU CD1 HD13 sing N N 189 
LEU CD2 HD21 sing N N 190 
LEU CD2 HD22 sing N N 191 
LEU CD2 HD23 sing N N 192 
LEU OXT HXT  sing N N 193 
LYS N   CA   sing N N 194 
LYS N   H    sing N N 195 
LYS N   H2   sing N N 196 
LYS CA  C    sing N N 197 
LYS CA  CB   sing N N 198 
LYS CA  HA   sing N N 199 
LYS C   O    doub N N 200 
LYS C   OXT  sing N N 201 
LYS CB  CG   sing N N 202 
LYS CB  HB2  sing N N 203 
LYS CB  HB3  sing N N 204 
LYS CG  CD   sing N N 205 
LYS CG  HG2  sing N N 206 
LYS CG  HG3  sing N N 207 
LYS CD  CE   sing N N 208 
LYS CD  HD2  sing N N 209 
LYS CD  HD3  sing N N 210 
LYS CE  NZ   sing N N 211 
LYS CE  HE2  sing N N 212 
LYS CE  HE3  sing N N 213 
LYS NZ  HZ1  sing N N 214 
LYS NZ  HZ2  sing N N 215 
LYS NZ  HZ3  sing N N 216 
LYS OXT HXT  sing N N 217 
MET N   CA   sing N N 218 
MET N   H    sing N N 219 
MET N   H2   sing N N 220 
MET CA  C    sing N N 221 
MET CA  CB   sing N N 222 
MET CA  HA   sing N N 223 
MET C   O    doub N N 224 
MET C   OXT  sing N N 225 
MET CB  CG   sing N N 226 
MET CB  HB2  sing N N 227 
MET CB  HB3  sing N N 228 
MET CG  SD   sing N N 229 
MET CG  HG2  sing N N 230 
MET CG  HG3  sing N N 231 
MET SD  CE   sing N N 232 
MET CE  HE1  sing N N 233 
MET CE  HE2  sing N N 234 
MET CE  HE3  sing N N 235 
MET OXT HXT  sing N N 236 
PHE N   CA   sing N N 237 
PHE N   H    sing N N 238 
PHE N   H2   sing N N 239 
PHE CA  C    sing N N 240 
PHE CA  CB   sing N N 241 
PHE CA  HA   sing N N 242 
PHE C   O    doub N N 243 
PHE C   OXT  sing N N 244 
PHE CB  CG   sing N N 245 
PHE CB  HB2  sing N N 246 
PHE CB  HB3  sing N N 247 
PHE CG  CD1  doub Y N 248 
PHE CG  CD2  sing Y N 249 
PHE CD1 CE1  sing Y N 250 
PHE CD1 HD1  sing N N 251 
PHE CD2 CE2  doub Y N 252 
PHE CD2 HD2  sing N N 253 
PHE CE1 CZ   doub Y N 254 
PHE CE1 HE1  sing N N 255 
PHE CE2 CZ   sing Y N 256 
PHE CE2 HE2  sing N N 257 
PHE CZ  HZ   sing N N 258 
PHE OXT HXT  sing N N 259 
PRO N   CA   sing N N 260 
PRO N   CD   sing N N 261 
PRO N   H    sing N N 262 
PRO CA  C    sing N N 263 
PRO CA  CB   sing N N 264 
PRO CA  HA   sing N N 265 
PRO C   O    doub N N 266 
PRO C   OXT  sing N N 267 
PRO CB  CG   sing N N 268 
PRO CB  HB2  sing N N 269 
PRO CB  HB3  sing N N 270 
PRO CG  CD   sing N N 271 
PRO CG  HG2  sing N N 272 
PRO CG  HG3  sing N N 273 
PRO CD  HD2  sing N N 274 
PRO CD  HD3  sing N N 275 
PRO OXT HXT  sing N N 276 
SER N   CA   sing N N 277 
SER N   H    sing N N 278 
SER N   H2   sing N N 279 
SER CA  C    sing N N 280 
SER CA  CB   sing N N 281 
SER CA  HA   sing N N 282 
SER C   O    doub N N 283 
SER C   OXT  sing N N 284 
SER CB  OG   sing N N 285 
SER CB  HB2  sing N N 286 
SER CB  HB3  sing N N 287 
SER OG  HG   sing N N 288 
SER OXT HXT  sing N N 289 
THR N   CA   sing N N 290 
THR N   H    sing N N 291 
THR N   H2   sing N N 292 
THR CA  C    sing N N 293 
THR CA  CB   sing N N 294 
THR CA  HA   sing N N 295 
THR C   O    doub N N 296 
THR C   OXT  sing N N 297 
THR CB  OG1  sing N N 298 
THR CB  CG2  sing N N 299 
THR CB  HB   sing N N 300 
THR OG1 HG1  sing N N 301 
THR CG2 HG21 sing N N 302 
THR CG2 HG22 sing N N 303 
THR CG2 HG23 sing N N 304 
THR OXT HXT  sing N N 305 
TRP N   CA   sing N N 306 
TRP N   H    sing N N 307 
TRP N   H2   sing N N 308 
TRP CA  C    sing N N 309 
TRP CA  CB   sing N N 310 
TRP CA  HA   sing N N 311 
TRP C   O    doub N N 312 
TRP C   OXT  sing N N 313 
TRP CB  CG   sing N N 314 
TRP CB  HB2  sing N N 315 
TRP CB  HB3  sing N N 316 
TRP CG  CD1  doub Y N 317 
TRP CG  CD2  sing Y N 318 
TRP CD1 NE1  sing Y N 319 
TRP CD1 HD1  sing N N 320 
TRP CD2 CE2  doub Y N 321 
TRP CD2 CE3  sing Y N 322 
TRP NE1 CE2  sing Y N 323 
TRP NE1 HE1  sing N N 324 
TRP CE2 CZ2  sing Y N 325 
TRP CE3 CZ3  doub Y N 326 
TRP CE3 HE3  sing N N 327 
TRP CZ2 CH2  doub Y N 328 
TRP CZ2 HZ2  sing N N 329 
TRP CZ3 CH2  sing Y N 330 
TRP CZ3 HZ3  sing N N 331 
TRP CH2 HH2  sing N N 332 
TRP OXT HXT  sing N N 333 
TYR N   CA   sing N N 334 
TYR N   H    sing N N 335 
TYR N   H2   sing N N 336 
TYR CA  C    sing N N 337 
TYR CA  CB   sing N N 338 
TYR CA  HA   sing N N 339 
TYR C   O    doub N N 340 
TYR C   OXT  sing N N 341 
TYR CB  CG   sing N N 342 
TYR CB  HB2  sing N N 343 
TYR CB  HB3  sing N N 344 
TYR CG  CD1  doub Y N 345 
TYR CG  CD2  sing Y N 346 
TYR CD1 CE1  sing Y N 347 
TYR CD1 HD1  sing N N 348 
TYR CD2 CE2  doub Y N 349 
TYR CD2 HD2  sing N N 350 
TYR CE1 CZ   doub Y N 351 
TYR CE1 HE1  sing N N 352 
TYR CE2 CZ   sing Y N 353 
TYR CE2 HE2  sing N N 354 
TYR CZ  OH   sing N N 355 
TYR OH  HH   sing N N 356 
TYR OXT HXT  sing N N 357 
VAL N   CA   sing N N 358 
VAL N   H    sing N N 359 
VAL N   H2   sing N N 360 
VAL CA  C    sing N N 361 
VAL CA  CB   sing N N 362 
VAL CA  HA   sing N N 363 
VAL C   O    doub N N 364 
VAL C   OXT  sing N N 365 
VAL CB  CG1  sing N N 366 
VAL CB  CG2  sing N N 367 
VAL CB  HB   sing N N 368 
VAL CG1 HG11 sing N N 369 
VAL CG1 HG12 sing N N 370 
VAL CG1 HG13 sing N N 371 
VAL CG2 HG21 sing N N 372 
VAL CG2 HG22 sing N N 373 
VAL CG2 HG23 sing N N 374 
VAL OXT HXT  sing N N 375 
ZJ8 C1  C2   sing N N 376 
ZJ8 C2  C3   sing N N 377 
ZJ8 C3  N1   sing N N 378 
ZJ8 N1  C4   sing N N 379 
ZJ8 C4  O1   doub N N 380 
ZJ8 C4  N2   sing N N 381 
ZJ8 N2  C5   sing N N 382 
ZJ8 C5  C6   sing N N 383 
ZJ8 C6  N3   sing N N 384 
ZJ8 N3  C7   sing N N 385 
ZJ8 C7  C8   sing N N 386 
ZJ8 N3  C9   sing N N 387 
ZJ8 C9  O2   doub N N 388 
ZJ8 C9  C10  sing N N 389 
ZJ8 C10 C11  doub Y N 390 
ZJ8 C11 C12  sing Y N 391 
ZJ8 C12 C13  doub Y N 392 
ZJ8 C13 O3   sing Y N 393 
ZJ8 N2  C8   sing N N 394 
ZJ8 C10 O3   sing Y N 395 
ZJ8 N1  H8   sing N N 396 
ZJ8 C5  H9   sing N N 397 
ZJ8 C5  H10  sing N N 398 
ZJ8 C6  H12  sing N N 399 
ZJ8 C6  H11  sing N N 400 
ZJ8 C7  H13  sing N N 401 
ZJ8 C7  H14  sing N N 402 
ZJ8 C8  H16  sing N N 403 
ZJ8 C8  H15  sing N N 404 
ZJ8 C13 H19  sing N N 405 
ZJ8 C1  H3   sing N N 406 
ZJ8 C1  H1   sing N N 407 
ZJ8 C1  H2   sing N N 408 
ZJ8 C11 H17  sing N N 409 
ZJ8 C12 H18  sing N N 410 
ZJ8 C2  H4   sing N N 411 
ZJ8 C2  H5   sing N N 412 
ZJ8 C3  H7   sing N N 413 
ZJ8 C3  H6   sing N N 414 
# 
_pdbx_audit_support.ordinal                1 
_pdbx_audit_support.funding_organization   'Wellcome Trust' 
_pdbx_audit_support.grant_number           None 
_pdbx_audit_support.country                'United Kingdom' 
# 
_pdbx_deposit_group.group_id            G_1002265 
_pdbx_deposit_group.group_description   
;XDomainX of XOrganismX PHIP screened against predicted false negatives and catalogue compounds by X-ray Crystallography at the XChem facility of Diamond Light Source beamline I04-1
;
_pdbx_deposit_group.group_title         'PanDDA analysis group deposition' 
_pdbx_deposit_group.group_type          'changed state' 
# 
_pdbx_entity_instance_feature.ordinal        1 
_pdbx_entity_instance_feature.comp_id        ZJ8 
_pdbx_entity_instance_feature.asym_id        ? 
_pdbx_entity_instance_feature.seq_num        ? 
_pdbx_entity_instance_feature.auth_comp_id   ZJ8 
_pdbx_entity_instance_feature.auth_asym_id   ? 
_pdbx_entity_instance_feature.auth_seq_num   ? 
_pdbx_entity_instance_feature.feature_type   'SUBJECT OF INVESTIGATION' 
_pdbx_entity_instance_feature.details        ? 
# 
_atom_sites.entry_id                    7FUT 
_atom_sites.fract_transf_matrix[1][1]   -0.00565073 
_atom_sites.fract_transf_matrix[1][2]   0.00886138 
_atom_sites.fract_transf_matrix[1][3]   -0.00650620 
_atom_sites.fract_transf_matrix[2][1]   0.01022343 
_atom_sites.fract_transf_matrix[2][2]   0.02472963 
_atom_sites.fract_transf_matrix[2][3]   0.02480232 
_atom_sites.fract_transf_matrix[3][1]   0.01354857 
_atom_sites.fract_transf_matrix[3][2]   0.00510138 
_atom_sites.fract_transf_matrix[3][3]   -0.01067110 
_atom_sites.fract_transf_vector[1]      -0.146299 
_atom_sites.fract_transf_vector[2]      0.449574 
_atom_sites.fract_transf_vector[3]      0.214922 
# 
loop_
_atom_type.symbol 
C 
N 
O 
S 
# 
loop_
_atom_site.group_PDB 
_atom_site.id 
_atom_site.type_symbol 
_atom_site.label_atom_id 
_atom_site.label_alt_id 
_atom_site.label_comp_id 
_atom_site.label_asym_id 
_atom_site.label_entity_id 
_atom_site.label_seq_id 
_atom_site.pdbx_PDB_ins_code 
_atom_site.Cartn_x 
_atom_site.Cartn_y 
_atom_site.Cartn_z 
_atom_site.occupancy 
_atom_site.B_iso_or_equiv 
_atom_site.pdbx_formal_charge 
_atom_site.auth_seq_id 
_atom_site.auth_comp_id 
_atom_site.auth_asym_id 
_atom_site.auth_atom_id 
_atom_site.pdbx_PDB_model_num 
ATOM   1    N N   . SER A 1 24  ? -20.358 -2.154  13.542  1.00 26.64  ? 1315 SER A N   1 
ATOM   2    C CA  . SER A 1 24  ? -19.142 -2.543  12.786  1.00 24.01  ? 1315 SER A CA  1 
ATOM   3    C C   . SER A 1 24  ? -19.510 -2.807  11.325  1.00 20.34  ? 1315 SER A C   1 
ATOM   4    O O   . SER A 1 24  ? -18.626 -3.321  10.590  1.00 20.14  ? 1315 SER A O   1 
ATOM   5    C CB  . SER A 1 24  ? -18.477 -3.742  13.411  1.00 26.32  ? 1315 SER A CB  1 
ATOM   6    O OG  . SER A 1 24  ? -19.428 -4.772  13.640  1.00 28.16  ? 1315 SER A OG  1 
ATOM   7    N N   . TYR A 1 25  ? -20.726 -2.438  10.886  1.00 17.64  ? 1316 TYR A N   1 
ATOM   8    C CA  . TYR A 1 25  ? -21.145 -2.629  9.474   1.00 14.23  ? 1316 TYR A CA  1 
ATOM   9    C C   . TYR A 1 25  ? -21.079 -1.293  8.722   1.00 12.63  ? 1316 TYR A C   1 
ATOM   10   O O   . TYR A 1 25  ? -21.780 -1.109  7.720   1.00 12.46  ? 1316 TYR A O   1 
ATOM   11   C CB  . TYR A 1 25  ? -22.525 -3.260  9.396   1.00 14.06  ? 1316 TYR A CB  1 
ATOM   12   C CG  . TYR A 1 25  ? -22.660 -4.584  10.113  1.00 13.14  ? 1316 TYR A CG  1 
ATOM   13   C CD1 . TYR A 1 25  ? -21.942 -5.716  9.730   1.00 12.23  ? 1316 TYR A CD1 1 
ATOM   14   C CD2 . TYR A 1 25  ? -23.666 -4.762  11.043  1.00 13.07  ? 1316 TYR A CD2 1 
ATOM   15   C CE1 . TYR A 1 25  ? -22.091 -6.938  10.386  1.00 12.63  ? 1316 TYR A CE1 1 
ATOM   16   C CE2 . TYR A 1 25  ? -23.860 -5.982  11.672  1.00 13.80  ? 1316 TYR A CE2 1 
ATOM   17   C CZ  . TYR A 1 25  ? -23.082 -7.077  11.337  1.00 12.92  ? 1316 TYR A CZ  1 
ATOM   18   O OH  . TYR A 1 25  ? -23.256 -8.326  11.917  1.00 13.95  ? 1316 TYR A OH  1 
ATOM   19   N N   . ASP A 1 26  ? -20.151 -0.425  9.126   1.00 13.20  ? 1317 ASP A N   1 
ATOM   20   C CA  . ASP A 1 26  ? -19.952 0.889   8.453   1.00 13.08  ? 1317 ASP A CA  1 
ATOM   21   C C   . ASP A 1 26  ? -19.167 0.685   7.165   1.00 13.18  ? 1317 ASP A C   1 
ATOM   22   O O   . ASP A 1 26  ? -17.954 0.350   7.195   1.00 13.21  ? 1317 ASP A O   1 
ATOM   23   C CB  . ASP A 1 26  ? -19.197 1.802   9.406   1.00 14.41  ? 1317 ASP A CB  1 
ATOM   24   C CG  . ASP A 1 26  ? -18.935 3.224   8.919   1.00 13.44  ? 1317 ASP A CG  1 
ATOM   25   O OD1 . ASP A 1 26  ? -19.062 3.452   7.669   1.00 14.68  ? 1317 ASP A OD1 1 
ATOM   26   O OD2 . ASP A 1 26  ? -18.725 4.145   9.750   1.00 19.33  ? 1317 ASP A OD2 1 
ATOM   27   N N   A ILE A 1 27  ? -19.840 0.860   6.028   0.25 11.63  ? 1318 ILE A N   1 
ATOM   28   N N   B ILE A 1 27  ? -19.854 0.859   6.025   0.25 13.24  ? 1318 ILE A N   1 
ATOM   29   C CA  A ILE A 1 27  ? -19.261 0.660   4.668   0.25 11.17  ? 1318 ILE A CA  1 
ATOM   30   C CA  B ILE A 1 27  ? -19.289 0.642   4.659   0.25 13.86  ? 1318 ILE A CA  1 
ATOM   31   C C   A ILE A 1 27  ? -18.165 1.689   4.378   0.25 12.08  ? 1318 ILE A C   1 
ATOM   32   C C   B ILE A 1 27  ? -18.221 1.699   4.341   0.25 13.54  ? 1318 ILE A C   1 
ATOM   33   O O   A ILE A 1 27  ? -17.303 1.394   3.541   0.25 12.68  ? 1318 ILE A O   1 
ATOM   34   O O   B ILE A 1 27  ? -17.408 1.412   3.451   0.25 13.98  ? 1318 ILE A O   1 
ATOM   35   C CB  A ILE A 1 27  ? -20.363 0.729   3.600   0.25 10.00  ? 1318 ILE A CB  1 
ATOM   36   C CB  B ILE A 1 27  ? -20.361 0.575   3.539   0.25 14.73  ? 1318 ILE A CB  1 
ATOM   37   C CG1 A ILE A 1 27  ? -21.473 -0.289  3.897   0.25 10.09  ? 1318 ILE A CG1 1 
ATOM   38   C CG1 B ILE A 1 27  ? -21.393 1.703   3.565   0.25 16.57  ? 1318 ILE A CG1 1 
ATOM   39   C CG2 A ILE A 1 27  ? -19.788 0.573   2.188   0.25 9.59   ? 1318 ILE A CG2 1 
ATOM   40   C CG2 B ILE A 1 27  ? -21.086 -0.761  3.509   0.25 15.41  ? 1318 ILE A CG2 1 
ATOM   41   C CD1 A ILE A 1 27  ? -22.709 -0.107  3.064   0.25 9.71   ? 1318 ILE A CD1 1 
ATOM   42   C CD1 B ILE A 1 27  ? -22.819 1.216   3.378   0.25 17.23  ? 1318 ILE A CD1 1 
ATOM   43   N N   . GLN A 1 28  ? -18.199 2.849   5.033   1.00 11.55  ? 1319 GLN A N   1 
ATOM   44   C CA  . GLN A 1 28  ? -17.219 3.956   4.760   1.00 11.99  ? 1319 GLN A CA  1 
ATOM   45   C C   . GLN A 1 28  ? -16.009 3.953   5.683   1.00 12.55  ? 1319 GLN A C   1 
ATOM   46   O O   . GLN A 1 28  ? -15.030 4.697   5.412   1.00 12.86  ? 1319 GLN A O   1 
ATOM   47   C CB  . GLN A 1 28  ? -17.889 5.335   4.834   1.00 13.61  ? 1319 GLN A CB  1 
ATOM   48   C CG  . GLN A 1 28  ? -18.756 5.606   3.582   1.00 14.73  ? 1319 GLN A CG  1 
ATOM   49   C CD  . GLN A 1 28  ? -20.215 5.206   3.766   1.00 12.29  ? 1319 GLN A CD  1 
ATOM   50   O OE1 . GLN A 1 28  ? -20.862 5.581   4.760   1.00 13.07  ? 1319 GLN A OE1 1 
ATOM   51   N NE2 . GLN A 1 28  ? -20.770 4.605   2.767   1.00 13.97  ? 1319 GLN A NE2 1 
ATOM   52   N N   . ALA A 1 29  ? -15.976 3.075   6.730   1.00 12.37  ? 1320 ALA A N   1 
ATOM   53   C CA  . ALA A 1 29  ? -14.955 3.158   7.803   1.00 11.95  ? 1320 ALA A CA  1 
ATOM   54   C C   . ALA A 1 29  ? -13.509 2.884   7.296   1.00 10.98  ? 1320 ALA A C   1 
ATOM   55   O O   . ALA A 1 29  ? -12.556 3.407   7.904   1.00 12.77  ? 1320 ALA A O   1 
ATOM   56   C CB  . ALA A 1 29  ? -15.287 2.217   8.978   1.00 13.41  ? 1320 ALA A CB  1 
ATOM   57   N N   . TRP A 1 30  ? -13.392 2.117   6.202   1.00 11.25  ? 1321 TRP A N   1 
ATOM   58   C CA  . TRP A 1 30  ? -12.070 1.738   5.672   1.00 11.47  ? 1321 TRP A CA  1 
ATOM   59   C C   . TRP A 1 30  ? -11.227 2.977   5.352   1.00 10.83  ? 1321 TRP A C   1 
ATOM   60   O O   . TRP A 1 30  ? -10.004 2.906   5.422   1.00 11.75  ? 1321 TRP A O   1 
ATOM   61   C CB  . TRP A 1 30  ? -12.231 0.878   4.426   1.00 12.39  ? 1321 TRP A CB  1 
ATOM   62   C CG  . TRP A 1 30  ? -12.874 1.619   3.295   1.00 12.27  ? 1321 TRP A CG  1 
ATOM   63   C CD1 . TRP A 1 30  ? -14.191 1.725   3.052   1.00 12.73  ? 1321 TRP A CD1 1 
ATOM   64   C CD2 . TRP A 1 30  ? -12.204 2.323   2.230   1.00 11.05  ? 1321 TRP A CD2 1 
ATOM   65   N NE1 . TRP A 1 30  ? -14.417 2.497   1.929   1.00 12.51  ? 1321 TRP A NE1 1 
ATOM   66   C CE2 . TRP A 1 30  ? -13.219 2.852   1.407   1.00 11.92  ? 1321 TRP A CE2 1 
ATOM   67   C CE3 . TRP A 1 30  ? -10.892 2.546   1.851   1.00 12.42  ? 1321 TRP A CE3 1 
ATOM   68   C CZ2 . TRP A 1 30  ? -12.970 3.621   0.252   1.00 13.42  ? 1321 TRP A CZ2 1 
ATOM   69   C CZ3 . TRP A 1 30  ? -10.627 3.297   0.725   1.00 13.70  ? 1321 TRP A CZ3 1 
ATOM   70   C CH2 . TRP A 1 30  ? -11.652 3.823   -0.061  1.00 15.07  ? 1321 TRP A CH2 1 
ATOM   71   N N   . LYS A 1 31  ? -11.853 4.117   4.976   1.00 11.59  ? 1322 LYS A N   1 
ATOM   72   C CA  . LYS A 1 31  ? -11.073 5.241   4.443   1.00 11.93  ? 1322 LYS A CA  1 
ATOM   73   C C   . LYS A 1 31  ? -10.200 5.824   5.538   1.00 12.04  ? 1322 LYS A C   1 
ATOM   74   O O   . LYS A 1 31  ? -8.981  5.974   5.361   1.00 12.77  ? 1322 LYS A O   1 
ATOM   75   C CB  . LYS A 1 31  ? -11.984 6.214   3.699   1.00 12.55  ? 1322 LYS A CB  1 
ATOM   76   C CG  . LYS A 1 31  ? -11.227 7.406   3.117   1.00 13.34  ? 1322 LYS A CG  1 
ATOM   77   C CD  . LYS A 1 31  ? -12.119 8.279   2.265   1.00 13.32  ? 1322 LYS A CD  1 
ATOM   78   C CE  . LYS A 1 31  ? -11.397 9.431   1.585   1.00 14.01  ? 1322 LYS A CE  1 
ATOM   79   N NZ  . LYS A 1 31  ? -12.356 10.199  0.740   1.00 15.07  ? 1322 LYS A NZ  1 
ATOM   80   N N   . LYS A 1 32  ? -10.813 6.185   6.669   1.00 13.24  ? 1323 LYS A N   1 
ATOM   81   C CA  . LYS A 1 32  ? -10.019 6.719   7.771   1.00 13.25  ? 1323 LYS A CA  1 
ATOM   82   C C   . LYS A 1 32  ? -9.053  5.675   8.368   1.00 12.42  ? 1323 LYS A C   1 
ATOM   83   O O   . LYS A 1 32  ? -7.938  6.040   8.729   1.00 13.52  ? 1323 LYS A O   1 
ATOM   84   C CB  . LYS A 1 32  ? -10.917 7.272   8.890   1.00 16.64  ? 1323 LYS A CB  1 
ATOM   85   C CG  . LYS A 1 32  ? -10.148 7.902   10.037  1.00 23.57  ? 1323 LYS A CG  1 
ATOM   86   C CD  . LYS A 1 32  ? -10.874 8.961   10.915  1.00 31.12  ? 1323 LYS A CD  1 
ATOM   87   C CE  . LYS A 1 32  ? -9.864  9.923   11.533  1.00 38.87  ? 1323 LYS A CE  1 
ATOM   88   N NZ  . LYS A 1 32  ? -10.459 10.827  12.548  1.00 41.77  ? 1323 LYS A NZ  1 
ATOM   89   N N   . GLN A 1 33  ? -9.430  4.404   8.375   1.00 12.50  ? 1324 GLN A N   1 
ATOM   90   C CA  . GLN A 1 33  ? -8.517  3.327   8.833   1.00 11.88  ? 1324 GLN A CA  1 
ATOM   91   C C   . GLN A 1 33  ? -7.277  3.279   7.912   1.00 11.90  ? 1324 GLN A C   1 
ATOM   92   O O   . GLN A 1 33  ? -6.143  3.152   8.381   1.00 12.91  ? 1324 GLN A O   1 
ATOM   93   C CB  . GLN A 1 33  ? -9.203  1.967   8.822   1.00 12.88  ? 1324 GLN A CB  1 
ATOM   94   C CG  . GLN A 1 33  ? -10.288 1.868   9.885   1.00 13.69  ? 1324 GLN A CG  1 
ATOM   95   C CD  . GLN A 1 33  ? -11.249 0.748   9.676   1.00 14.96  ? 1324 GLN A CD  1 
ATOM   96   O OE1 . GLN A 1 33  ? -11.248 -0.005  8.705   1.00 17.29  ? 1324 GLN A OE1 1 
ATOM   97   N NE2 . GLN A 1 33  ? -12.212 0.665   10.603  1.00 17.14  ? 1324 GLN A NE2 1 
ATOM   98   N N   . CYS A 1 34  ? -7.471  3.453   6.591   1.00 11.37  ? 1325 CYS A N   1 
ATOM   99   C CA  . CYS A 1 34  ? -6.356  3.495   5.623   1.00 11.23  ? 1325 CYS A CA  1 
ATOM   100  C C   . CYS A 1 34  ? -5.536  4.775   5.825   1.00 11.30  ? 1325 CYS A C   1 
ATOM   101  O O   . CYS A 1 34  ? -4.266  4.714   5.753   1.00 11.71  ? 1325 CYS A O   1 
ATOM   102  C CB  . CYS A 1 34  ? -6.808  3.344   4.187   1.00 11.46  ? 1325 CYS A CB  1 
ATOM   103  S SG  . CYS A 1 34  ? -7.352  1.659   3.776   1.00 12.83  ? 1325 CYS A SG  1 
ATOM   104  N N   . GLU A 1 35  ? -6.136  5.908   6.111   1.00 12.44  ? 1326 GLU A N   1 
ATOM   105  C CA  . GLU A 1 35  ? -5.384  7.162   6.366   1.00 14.02  ? 1326 GLU A CA  1 
ATOM   106  C C   . GLU A 1 35  ? -4.496  6.949   7.594   1.00 13.06  ? 1326 GLU A C   1 
ATOM   107  O O   . GLU A 1 35  ? -3.320  7.325   7.545   1.00 15.11  ? 1326 GLU A O   1 
ATOM   108  C CB  . GLU A 1 35  ? -6.345  8.320   6.669   1.00 16.80  ? 1326 GLU A CB  1 
ATOM   109  C CG  . GLU A 1 35  ? -7.126  8.856   5.498   1.00 20.24  ? 1326 GLU A CG  1 
ATOM   110  C CD  . GLU A 1 35  ? -8.305  9.772   5.818   1.00 23.13  ? 1326 GLU A CD  1 
ATOM   111  O OE1 . GLU A 1 35  ? -8.557  10.076  7.000   1.00 26.65  ? 1326 GLU A OE1 1 
ATOM   112  O OE2 . GLU A 1 35  ? -9.005  10.135  4.869   1.00 24.45  ? 1326 GLU A OE2 1 
ATOM   113  N N   . GLU A 1 36  ? -4.985  6.339   8.661   1.00 14.24  ? 1327 GLU A N   1 
ATOM   114  C CA  . GLU A 1 36  ? -4.233  6.070   9.902   1.00 15.25  ? 1327 GLU A CA  1 
ATOM   115  C C   . GLU A 1 36  ? -3.091  5.122   9.565   1.00 13.71  ? 1327 GLU A C   1 
ATOM   116  O O   . GLU A 1 36  ? -1.960  5.340   10.106  1.00 15.58  ? 1327 GLU A O   1 
ATOM   117  C CB  . GLU A 1 36  ? -5.193  5.593   11.003  1.00 18.18  ? 1327 GLU A CB  1 
ATOM   118  C CG  . GLU A 1 36  ? -6.146  6.711   11.434  1.00 24.02  ? 1327 GLU A CG  1 
ATOM   119  C CD  . GLU A 1 36  ? -7.304  6.344   12.345  1.00 34.32  ? 1327 GLU A CD  1 
ATOM   120  O OE1 . GLU A 1 36  ? -7.429  5.148   12.731  1.00 40.87  ? 1327 GLU A OE1 1 
ATOM   121  O OE2 . GLU A 1 36  ? -8.098  7.263   12.640  1.00 39.02  ? 1327 GLU A OE2 1 
ATOM   122  N N   . LEU A 1 37  ? -3.356  4.064   8.818   1.00 13.78  ? 1328 LEU A N   1 
ATOM   123  C CA  . LEU A 1 37  ? -2.279  3.094   8.509   1.00 13.14  ? 1328 LEU A CA  1 
ATOM   124  C C   . LEU A 1 37  ? -1.184  3.774   7.671   1.00 12.66  ? 1328 LEU A C   1 
ATOM   125  O O   . LEU A 1 37  ? 0.043   3.567   7.911   1.00 13.71  ? 1328 LEU A O   1 
ATOM   126  C CB  . LEU A 1 37  ? -2.841  1.853   7.847   1.00 14.96  ? 1328 LEU A CB  1 
ATOM   127  C CG  . LEU A 1 37  ? -1.847  0.809   7.377   1.00 13.23  ? 1328 LEU A CG  1 
ATOM   128  C CD1 . LEU A 1 37  ? -0.939  0.366   8.524   1.00 15.99  ? 1328 LEU A CD1 1 
ATOM   129  C CD2 . LEU A 1 37  ? -2.613  -0.334  6.836   1.00 15.13  ? 1328 LEU A CD2 1 
ATOM   130  N N   . LEU A 1 38  ? -1.530  4.628   6.706   1.00 12.88  ? 1329 LEU A N   1 
ATOM   131  C CA  . LEU A 1 38  ? -0.524  5.376   5.943   1.00 12.91  ? 1329 LEU A CA  1 
ATOM   132  C C   . LEU A 1 38  ? 0.270   6.286   6.872   1.00 13.48  ? 1329 LEU A C   1 
ATOM   133  O O   . LEU A 1 38  ? 1.489   6.401   6.679   1.00 15.85  ? 1329 LEU A O   1 
ATOM   134  C CB  . LEU A 1 38  ? -1.192  6.145   4.796   1.00 14.74  ? 1329 LEU A CB  1 
ATOM   135  C CG  . LEU A 1 38  ? -1.742  5.296   3.656   1.00 14.12  ? 1329 LEU A CG  1 
ATOM   136  C CD1 . LEU A 1 38  ? -2.648  6.146   2.757   1.00 16.08  ? 1329 LEU A CD1 1 
ATOM   137  C CD2 . LEU A 1 38  ? -0.653  4.632   2.802   1.00 15.80  ? 1329 LEU A CD2 1 
ATOM   138  N N   . ASN A 1 39  ? -0.352  6.934   7.836   1.00 15.04  ? 1330 ASN A N   1 
ATOM   139  C CA  . ASN A 1 39  ? 0.408   7.728   8.851   1.00 18.37  ? 1330 ASN A CA  1 
ATOM   140  C C   . ASN A 1 39  ? 1.439   6.835   9.566   1.00 15.20  ? 1330 ASN A C   1 
ATOM   141  O O   . ASN A 1 39  ? 2.631   7.269   9.706   1.00 17.39  ? 1330 ASN A O   1 
ATOM   142  C CB  . ASN A 1 39  ? -0.527  8.440   9.840   1.00 20.45  ? 1330 ASN A CB  1 
ATOM   143  C CG  . ASN A 1 39  ? -1.279  9.606   9.229   1.00 23.98  ? 1330 ASN A CG  1 
ATOM   144  O OD1 . ASN A 1 39  ? -0.895  10.160  8.203   1.00 27.92  ? 1330 ASN A OD1 1 
ATOM   145  N ND2 . ASN A 1 39  ? -2.378  10.002  9.858   1.00 26.87  ? 1330 ASN A ND2 1 
ATOM   146  N N   . LEU A 1 40  ? 1.090   5.642   9.962   1.00 15.63  ? 1331 LEU A N   1 
ATOM   147  C CA  . LEU A 1 40  ? 2.049   4.750   10.655  1.00 16.54  ? 1331 LEU A CA  1 
ATOM   148  C C   . LEU A 1 40  ? 3.161   4.360   9.692   1.00 15.59  ? 1331 LEU A C   1 
ATOM   149  O O   . LEU A 1 40  ? 4.368   4.393   10.114  1.00 17.45  ? 1331 LEU A O   1 
ATOM   150  C CB  . LEU A 1 40  ? 1.340   3.524   11.181  1.00 16.05  ? 1331 LEU A CB  1 
ATOM   151  C CG  . LEU A 1 40  ? 0.357   3.720   12.330  1.00 16.22  ? 1331 LEU A CG  1 
ATOM   152  C CD1 . LEU A 1 40  ? -0.348  2.429   12.638  1.00 20.84  ? 1331 LEU A CD1 1 
ATOM   153  C CD2 . LEU A 1 40  ? 1.047   4.309   13.566  1.00 22.20  ? 1331 LEU A CD2 1 
ATOM   154  N N   . ILE A 1 41  ? 2.860   4.126   8.413   1.00 14.13  ? 1332 ILE A N   1 
ATOM   155  C CA  . ILE A 1 41  ? 3.887   3.726   7.434   1.00 13.36  ? 1332 ILE A CA  1 
ATOM   156  C C   . ILE A 1 41  ? 4.852   4.891   7.223   1.00 13.89  ? 1332 ILE A C   1 
ATOM   157  O O   . ILE A 1 41  ? 6.110   4.657   7.225   1.00 14.70  ? 1332 ILE A O   1 
ATOM   158  C CB  . ILE A 1 41  ? 3.198   3.261   6.128   1.00 13.64  ? 1332 ILE A CB  1 
ATOM   159  C CG1 . ILE A 1 41  ? 2.537   1.902   6.348   1.00 15.09  ? 1332 ILE A CG1 1 
ATOM   160  C CG2 . ILE A 1 41  ? 4.154   3.259   4.939   1.00 12.56  ? 1332 ILE A CG2 1 
ATOM   161  C CD1 . ILE A 1 41  ? 1.645   1.443   5.248   1.00 17.44  ? 1332 ILE A CD1 1 
ATOM   162  N N   . PHE A 1 42  ? 4.359   6.136   7.163   1.00 15.42  ? 1333 PHE A N   1 
ATOM   163  C CA  . PHE A 1 42  ? 5.247   7.319   7.026   1.00 17.90  ? 1333 PHE A CA  1 
ATOM   164  C C   . PHE A 1 42  ? 6.124   7.520   8.287   1.00 19.15  ? 1333 PHE A C   1 
ATOM   165  O O   . PHE A 1 42  ? 7.279   7.984   8.085   1.00 25.42  ? 1333 PHE A O   1 
ATOM   166  C CB  . PHE A 1 42  ? 4.421   8.556   6.639   1.00 17.80  ? 1333 PHE A CB  1 
ATOM   167  C CG  . PHE A 1 42  ? 4.160   8.715   5.149   1.00 17.29  ? 1333 PHE A CG  1 
ATOM   168  C CD1 . PHE A 1 42  ? 5.022   9.469   4.350   1.00 18.98  ? 1333 PHE A CD1 1 
ATOM   169  C CD2 . PHE A 1 42  ? 3.050   8.135   4.535   1.00 19.02  ? 1333 PHE A CD2 1 
ATOM   170  C CE1 . PHE A 1 42  ? 4.774   9.630   2.984   1.00 22.58  ? 1333 PHE A CE1 1 
ATOM   171  C CE2 . PHE A 1 42  ? 2.826   8.289   3.172   1.00 19.47  ? 1333 PHE A CE2 1 
ATOM   172  C CZ  . PHE A 1 42  ? 3.697   9.031   2.398   1.00 21.21  ? 1333 PHE A CZ  1 
ATOM   173  N N   . GLN A 1 43  ? 5.756   7.044   9.481   1.00 17.89  ? 1334 GLN A N   1 
ATOM   174  C CA  . GLN A 1 43  ? 6.631   7.104   10.725  1.00 19.39  ? 1334 GLN A CA  1 
ATOM   175  C C   . GLN A 1 43  ? 7.704   6.002   10.758  1.00 20.38  ? 1334 GLN A C   1 
ATOM   176  O O   . GLN A 1 43  ? 8.722   6.132   11.494  1.00 22.84  ? 1334 GLN A O   1 
ATOM   177  C CB  . GLN A 1 43  ? 5.740   6.957   11.965  1.00 20.63  ? 1334 GLN A CB  1 
ATOM   178  C CG  . GLN A 1 43  ? 4.751   8.091   12.154  1.00 24.02  ? 1334 GLN A CG  1 
ATOM   179  N N   A CYS A 1 44  ? 7.493   4.921   10.010  0.30 19.54  ? 1335 CYS A N   1 
ATOM   180  N N   B CYS A 1 44  ? 7.492   4.927   10.002  0.30 19.74  ? 1335 CYS A N   1 
ATOM   181  C CA  A CYS A 1 44  ? 8.449   3.798   9.860   0.30 18.45  ? 1335 CYS A CA  1 
ATOM   182  C CA  B CYS A 1 44  ? 8.439   3.795   9.874   0.30 18.70  ? 1335 CYS A CA  1 
ATOM   183  C C   A CYS A 1 44  ? 9.675   4.293   9.078   0.30 17.59  ? 1335 CYS A C   1 
ATOM   184  C C   B CYS A 1 44  ? 9.670   4.268   9.079   0.30 17.75  ? 1335 CYS A C   1 
ATOM   185  O O   A CYS A 1 44  ? 9.536   4.766   7.930   0.30 16.79  ? 1335 CYS A O   1 
ATOM   186  O O   B CYS A 1 44  ? 9.525   4.695   7.917   0.30 16.82  ? 1335 CYS A O   1 
ATOM   187  C CB  A CYS A 1 44  ? 7.816   2.596   9.163   0.30 17.62  ? 1335 CYS A CB  1 
ATOM   188  C CB  B CYS A 1 44  ? 7.802   2.586   9.191   0.30 18.13  ? 1335 CYS A CB  1 
ATOM   189  S SG  A CYS A 1 44  ? 6.532   1.828   10.177  0.30 18.95  ? 1335 CYS A SG  1 
ATOM   190  S SG  B CYS A 1 44  ? 8.715   1.062   9.531   0.30 20.00  ? 1335 CYS A SG  1 
ATOM   191  N N   . GLU A 1 45  ? 10.874  4.159   9.648   1.00 17.47  ? 1336 GLU A N   1 
ATOM   192  C CA  . GLU A 1 45  ? 12.117  4.434   8.873   1.00 16.27  ? 1336 GLU A CA  1 
ATOM   193  C C   . GLU A 1 45  ? 12.197  3.555   7.603   1.00 15.61  ? 1336 GLU A C   1 
ATOM   194  O O   . GLU A 1 45  ? 12.722  4.015   6.559   1.00 15.18  ? 1336 GLU A O   1 
ATOM   195  C CB  . GLU A 1 45  ? 13.340  4.152   9.743   1.00 16.78  ? 1336 GLU A CB  1 
ATOM   196  C CG  . GLU A 1 45  ? 13.486  5.198   10.830  1.00 20.36  ? 1336 GLU A CG  1 
ATOM   197  C CD  . GLU A 1 45  ? 14.650  5.074   11.785  1.00 23.17  ? 1336 GLU A CD  1 
ATOM   198  O OE1 . GLU A 1 45  ? 15.421  4.098   11.647  1.00 25.84  ? 1336 GLU A OE1 1 
ATOM   199  O OE2 . GLU A 1 45  ? 14.756  5.963   12.676  1.00 27.23  ? 1336 GLU A OE2 1 
ATOM   200  N N   . ASP A 1 46  ? 11.600  2.365   7.662   1.00 13.99  ? 1337 ASP A N   1 
ATOM   201  C CA  . ASP A 1 46  ? 11.624  1.432   6.506   1.00 14.29  ? 1337 ASP A CA  1 
ATOM   202  C C   . ASP A 1 46  ? 10.820  1.990   5.317   1.00 13.06  ? 1337 ASP A C   1 
ATOM   203  O O   . ASP A 1 46  ? 11.021  1.451   4.182   1.00 13.94  ? 1337 ASP A O   1 
ATOM   204  C CB  . ASP A 1 46  ? 11.116  0.058   6.872   1.00 15.33  ? 1337 ASP A CB  1 
ATOM   205  C CG  . ASP A 1 46  ? 12.094  -0.780  7.700   1.00 16.47  ? 1337 ASP A CG  1 
ATOM   206  O OD1 . ASP A 1 46  ? 13.317  -0.442  7.706   1.00 18.51  ? 1337 ASP A OD1 1 
ATOM   207  O OD2 . ASP A 1 46  ? 11.681  -1.777  8.288   1.00 16.03  ? 1337 ASP A OD2 1 
ATOM   208  N N   . SER A 1 47  ? 9.991   3.007   5.482   1.00 12.55  ? 1338 SER A N   1 
ATOM   209  C CA  . SER A 1 47  ? 9.267   3.553   4.318   1.00 12.95  ? 1338 SER A CA  1 
ATOM   210  C C   . SER A 1 47  ? 10.074  4.560   3.510   1.00 13.87  ? 1338 SER A C   1 
ATOM   211  O O   . SER A 1 47  ? 9.623   4.960   2.457   1.00 13.66  ? 1338 SER A O   1 
ATOM   212  C CB  . SER A 1 47  ? 7.947   4.126   4.709   1.00 13.04  ? 1338 SER A CB  1 
ATOM   213  O OG  . SER A 1 47  ? 8.039   5.337   5.459   1.00 14.79  ? 1338 SER A OG  1 
ATOM   214  N N   . GLU A 1 48  ? 11.211  5.005   4.004   1.00 13.61  ? 1339 GLU A N   1 
ATOM   215  C CA  . GLU A 1 48  ? 11.883  6.170   3.376   1.00 16.50  ? 1339 GLU A CA  1 
ATOM   216  C C   . GLU A 1 48  ? 12.101  6.002   1.860   1.00 13.67  ? 1339 GLU A C   1 
ATOM   217  O O   . GLU A 1 48  ? 11.820  6.938   1.074   1.00 15.37  ? 1339 GLU A O   1 
ATOM   218  C CB  . GLU A 1 48  ? 13.175  6.510   4.115   1.00 22.34  ? 1339 GLU A CB  1 
ATOM   219  C CG  . GLU A 1 48  ? 13.560  7.954   3.862   1.00 28.05  ? 1339 GLU A CG  1 
ATOM   220  C CD  . GLU A 1 48  ? 14.223  8.187   2.526   1.00 32.98  ? 1339 GLU A CD  1 
ATOM   221  O OE1 . GLU A 1 48  ? 14.776  7.226   2.001   1.00 32.24  ? 1339 GLU A OE1 1 
ATOM   222  O OE2 . GLU A 1 48  ? 14.167  9.338   2.003   1.00 43.88  ? 1339 GLU A OE2 1 
ATOM   223  N N   . PRO A 1 49  ? 12.573  4.851   1.334   1.00 13.57  ? 1340 PRO A N   1 
ATOM   224  C CA  . PRO A 1 49  ? 12.745  4.747   -0.115  1.00 13.06  ? 1340 PRO A CA  1 
ATOM   225  C C   . PRO A 1 49  ? 11.452  4.803   -0.942  1.00 12.26  ? 1340 PRO A C   1 
ATOM   226  O O   . PRO A 1 49  ? 11.542  4.961   -2.162  1.00 12.32  ? 1340 PRO A O   1 
ATOM   227  C CB  . PRO A 1 49  ? 13.407  3.373   -0.294  1.00 13.67  ? 1340 PRO A CB  1 
ATOM   228  C CG  . PRO A 1 49  ? 14.061  3.093   1.048   1.00 14.03  ? 1340 PRO A CG  1 
ATOM   229  C CD  . PRO A 1 49  ? 13.056  3.652   2.037   1.00 13.29  ? 1340 PRO A CD  1 
ATOM   230  N N   . PHE A 1 50  ? 10.296  4.642   -0.293  1.00 12.01  ? 1341 PHE A N   1 
ATOM   231  C CA  . PHE A 1 50  ? 8.998   4.409   -0.980  1.00 11.64  ? 1341 PHE A CA  1 
ATOM   232  C C   . PHE A 1 50  ? 8.024   5.573   -0.763  1.00 12.46  ? 1341 PHE A C   1 
ATOM   233  O O   . PHE A 1 50  ? 6.840   5.422   -1.045  1.00 12.93  ? 1341 PHE A O   1 
ATOM   234  C CB  . PHE A 1 50  ? 8.425   3.072   -0.510  1.00 11.61  ? 1341 PHE A CB  1 
ATOM   235  C CG  . PHE A 1 50  ? 9.421   1.940   -0.559  1.00 11.04  ? 1341 PHE A CG  1 
ATOM   236  C CD1 . PHE A 1 50  ? 9.888   1.485   -1.774  1.00 12.27  ? 1341 PHE A CD1 1 
ATOM   237  C CD2 . PHE A 1 50  ? 9.963   1.398   0.598   1.00 11.38  ? 1341 PHE A CD2 1 
ATOM   238  C CE1 . PHE A 1 50  ? 10.833  0.478   -1.838  1.00 12.44  ? 1341 PHE A CE1 1 
ATOM   239  C CE2 . PHE A 1 50  ? 10.899  0.381   0.540   1.00 11.92  ? 1341 PHE A CE2 1 
ATOM   240  C CZ  . PHE A 1 50  ? 11.343  -0.071  -0.680  1.00 12.22  ? 1341 PHE A CZ  1 
ATOM   241  N N   . ARG A 1 51  ? 8.504   6.730   -0.313  1.00 13.65  ? 1342 ARG A N   1 
ATOM   242  C CA  . ARG A 1 51  ? 7.609   7.858   0.050   1.00 14.35  ? 1342 ARG A CA  1 
ATOM   243  C C   . ARG A 1 51  ? 7.396   8.802   -1.127  1.00 15.29  ? 1342 ARG A C   1 
ATOM   244  O O   . ARG A 1 51  ? 6.558   9.719   -0.959  1.00 18.55  ? 1342 ARG A O   1 
ATOM   245  C CB  . ARG A 1 51  ? 8.205   8.686   1.185   1.00 15.19  ? 1342 ARG A CB  1 
ATOM   246  C CG  . ARG A 1 51  ? 8.141   7.953   2.507   1.00 15.49  ? 1342 ARG A CG  1 
ATOM   247  C CD  . ARG A 1 51  ? 8.644   8.825   3.627   1.00 15.70  ? 1342 ARG A CD  1 
ATOM   248  N NE  . ARG A 1 51  ? 8.944   8.006   4.781   1.00 16.39  ? 1342 ARG A NE  1 
ATOM   249  C CZ  . ARG A 1 51  ? 9.828   8.298   5.726   1.00 17.98  ? 1342 ARG A CZ  1 
ATOM   250  N NH1 . ARG A 1 51  ? 10.489  9.444   5.713   1.00 19.71  ? 1342 ARG A NH1 1 
ATOM   251  N NH2 . ARG A 1 51  ? 9.998   7.464   6.729   1.00 18.28  ? 1342 ARG A NH2 1 
ATOM   252  N N   . GLN A 1 52  ? 8.197   8.668   -2.184  1.00 16.32  ? 1343 GLN A N   1 
ATOM   253  C CA  . GLN A 1 52  ? 8.171   9.527   -3.391  1.00 18.24  ? 1343 GLN A CA  1 
ATOM   254  C C   . GLN A 1 52  ? 8.508   8.654   -4.593  1.00 19.35  ? 1343 GLN A C   1 
ATOM   255  O O   . GLN A 1 52  ? 9.143   7.613   -4.439  1.00 19.12  ? 1343 GLN A O   1 
ATOM   256  C CB  . GLN A 1 52  ? 9.166   10.689  -3.263  1.00 20.23  ? 1343 GLN A CB  1 
ATOM   257  C CG  . GLN A 1 52  ? 8.823   11.678  -2.166  1.00 24.05  ? 1343 GLN A CG  1 
ATOM   258  C CD  . GLN A 1 52  ? 7.547   12.419  -2.476  1.00 26.45  ? 1343 GLN A CD  1 
ATOM   259  O OE1 . GLN A 1 52  ? 7.305   12.812  -3.612  1.00 30.94  ? 1343 GLN A OE1 1 
ATOM   260  N NE2 . GLN A 1 52  ? 6.691   12.578  -1.476  1.00 28.36  ? 1343 GLN A NE2 1 
ATOM   261  N N   . PRO A 1 53  ? 8.074   9.034   -5.817  1.00 23.06  ? 1344 PRO A N   1 
ATOM   262  C CA  . PRO A 1 53  ? 8.388   8.242   -7.001  1.00 24.33  ? 1344 PRO A CA  1 
ATOM   263  C C   . PRO A 1 53  ? 9.909   8.098   -7.113  1.00 26.12  ? 1344 PRO A C   1 
ATOM   264  O O   . PRO A 1 53  ? 10.620  9.053   -6.781  1.00 26.85  ? 1344 PRO A O   1 
ATOM   265  C CB  . PRO A 1 53  ? 7.804   9.038   -8.181  1.00 24.01  ? 1344 PRO A CB  1 
ATOM   266  C CG  . PRO A 1 53  ? 6.821   9.995   -7.548  1.00 24.51  ? 1344 PRO A CG  1 
ATOM   267  C CD  . PRO A 1 53  ? 7.311   10.251  -6.136  1.00 23.34  ? 1344 PRO A CD  1 
ATOM   268  N N   . VAL A 1 54  ? 10.375  6.911   -7.510  1.00 27.66  ? 1345 VAL A N   1 
ATOM   269  C CA  . VAL A 1 54  ? 11.813  6.654   -7.802  1.00 28.29  ? 1345 VAL A CA  1 
ATOM   270  C C   . VAL A 1 54  ? 12.308  7.779   -8.714  1.00 29.48  ? 1345 VAL A C   1 
ATOM   271  O O   . VAL A 1 54  ? 11.529  8.228   -9.595  1.00 28.47  ? 1345 VAL A O   1 
ATOM   272  C CB  . VAL A 1 54  ? 12.052  5.267   -8.426  1.00 28.42  ? 1345 VAL A CB  1 
ATOM   273  C CG1 . VAL A 1 54  ? 13.499  5.106   -8.872  1.00 28.52  ? 1345 VAL A CG1 1 
ATOM   274  C CG2 . VAL A 1 54  ? 11.647  4.153   -7.476  1.00 29.29  ? 1345 VAL A CG2 1 
ATOM   275  N N   . ASP A 1 55  ? 13.536  8.240   -8.460  1.00 30.76  ? 1346 ASP A N   1 
ATOM   276  C CA  . ASP A 1 55  ? 14.263  9.259   -9.259  1.00 31.83  ? 1346 ASP A CA  1 
ATOM   277  C C   . ASP A 1 55  ? 15.017  8.535   -10.381 1.00 31.03  ? 1346 ASP A C   1 
ATOM   278  O O   . ASP A 1 55  ? 15.857  7.677   -10.078 1.00 31.49  ? 1346 ASP A O   1 
ATOM   279  C CB  . ASP A 1 55  ? 15.211  10.079  -8.377  1.00 33.77  ? 1346 ASP A CB  1 
ATOM   280  C CG  . ASP A 1 55  ? 15.911  11.227  -9.083  1.00 35.51  ? 1346 ASP A CG  1 
ATOM   281  O OD1 . ASP A 1 55  ? 15.553  11.517  -10.242 1.00 35.56  ? 1346 ASP A OD1 1 
ATOM   282  O OD2 . ASP A 1 55  ? 16.820  11.819  -8.467  1.00 40.31  ? 1346 ASP A OD2 1 
ATOM   283  N N   . LEU A 1 56  ? 14.729  8.891   -11.628 1.00 31.46  ? 1347 LEU A N   1 
ATOM   284  C CA  . LEU A 1 56  ? 15.305  8.234   -12.827 1.00 31.98  ? 1347 LEU A CA  1 
ATOM   285  C C   . LEU A 1 56  ? 16.736  8.738   -13.054 1.00 30.77  ? 1347 LEU A C   1 
ATOM   286  O O   . LEU A 1 56  ? 17.538  7.984   -13.627 1.00 31.72  ? 1347 LEU A O   1 
ATOM   287  C CB  . LEU A 1 56  ? 14.385  8.507   -14.020 1.00 30.86  ? 1347 LEU A CB  1 
ATOM   288  C CG  . LEU A 1 56  ? 12.933  8.060   -13.825 1.00 32.09  ? 1347 LEU A CG  1 
ATOM   289  C CD1 . LEU A 1 56  ? 12.123  8.280   -15.087 1.00 32.54  ? 1347 LEU A CD1 1 
ATOM   290  C CD2 . LEU A 1 56  ? 12.853  6.603   -13.392 1.00 33.15  ? 1347 LEU A CD2 1 
ATOM   291  N N   . LEU A 1 57  ? 17.067  9.943   -12.578 1.00 33.34  ? 1348 LEU A N   1 
ATOM   292  C CA  . LEU A 1 57  ? 18.434  10.515  -12.707 1.00 33.83  ? 1348 LEU A CA  1 
ATOM   293  C C   . LEU A 1 57  ? 19.426  9.552   -12.045 1.00 32.20  ? 1348 LEU A C   1 
ATOM   294  O O   . LEU A 1 57  ? 20.489  9.283   -12.639 1.00 32.59  ? 1348 LEU A O   1 
ATOM   295  C CB  . LEU A 1 57  ? 18.485  11.903  -12.054 1.00 36.24  ? 1348 LEU A CB  1 
ATOM   296  C CG  . LEU A 1 57  ? 17.426  12.906  -12.517 1.00 39.11  ? 1348 LEU A CG  1 
ATOM   297  C CD1 . LEU A 1 57  ? 17.641  14.266  -11.868 1.00 41.07  ? 1348 LEU A CD1 1 
ATOM   298  C CD2 . LEU A 1 57  ? 17.416  13.035  -14.030 1.00 38.67  ? 1348 LEU A CD2 1 
ATOM   299  N N   . GLU A 1 58  ? 19.053  9.032   -10.872 1.00 28.96  ? 1349 GLU A N   1 
ATOM   300  C CA  . GLU A 1 58  ? 19.877  8.150   -10.007 1.00 28.35  ? 1349 GLU A CA  1 
ATOM   301  C C   . GLU A 1 58  ? 19.813  6.699   -10.505 1.00 24.66  ? 1349 GLU A C   1 
ATOM   302  O O   . GLU A 1 58  ? 20.836  5.981   -10.441 1.00 24.48  ? 1349 GLU A O   1 
ATOM   303  C CB  . GLU A 1 58  ? 19.323  8.215   -8.584  1.00 29.94  ? 1349 GLU A CB  1 
ATOM   304  C CG  . GLU A 1 58  ? 19.365  9.597   -7.951  1.00 33.99  ? 1349 GLU A CG  1 
ATOM   305  C CD  . GLU A 1 58  ? 18.698  9.707   -6.588  1.00 38.12  ? 1349 GLU A CD  1 
ATOM   306  O OE1 . GLU A 1 58  ? 18.063  8.723   -6.154  1.00 42.86  ? 1349 GLU A OE1 1 
ATOM   307  O OE2 . GLU A 1 58  ? 18.827  10.774  -5.954  1.00 42.28  ? 1349 GLU A OE2 1 
ATOM   308  N N   . TYR A 1 59  ? 18.628  6.261   -10.938 1.00 24.40  ? 1350 TYR A N   1 
ATOM   309  C CA  . TYR A 1 59  ? 18.360  4.872   -11.385 1.00 22.71  ? 1350 TYR A CA  1 
ATOM   310  C C   . TYR A 1 59  ? 17.962  4.929   -12.854 1.00 21.05  ? 1350 TYR A C   1 
ATOM   311  O O   . TYR A 1 59  ? 16.786  4.825   -13.189 1.00 19.10  ? 1350 TYR A O   1 
ATOM   312  C CB  . TYR A 1 59  ? 17.315  4.244   -10.459 1.00 23.37  ? 1350 TYR A CB  1 
ATOM   313  C CG  . TYR A 1 59  ? 17.811  4.073   -9.043  1.00 23.52  ? 1350 TYR A CG  1 
ATOM   314  C CD1 . TYR A 1 59  ? 18.544  2.958   -8.676  1.00 24.31  ? 1350 TYR A CD1 1 
ATOM   315  C CD2 . TYR A 1 59  ? 17.583  5.038   -8.073  1.00 24.92  ? 1350 TYR A CD2 1 
ATOM   316  C CE1 . TYR A 1 59  ? 19.020  2.792   -7.385  1.00 24.63  ? 1350 TYR A CE1 1 
ATOM   317  C CE2 . TYR A 1 59  ? 18.069  4.900   -6.780  1.00 24.73  ? 1350 TYR A CE2 1 
ATOM   318  C CZ  . TYR A 1 59  ? 18.776  3.762   -6.430  1.00 25.15  ? 1350 TYR A CZ  1 
ATOM   319  O OH  . TYR A 1 59  ? 19.245  3.576   -5.157  1.00 26.21  ? 1350 TYR A OH  1 
ATOM   320  N N   . PRO A 1 60  ? 18.936  5.115   -13.782 1.00 19.95  ? 1351 PRO A N   1 
ATOM   321  C CA  . PRO A 1 60  ? 18.611  5.474   -15.165 1.00 19.20  ? 1351 PRO A CA  1 
ATOM   322  C C   . PRO A 1 60  ? 17.848  4.376   -15.927 1.00 17.84  ? 1351 PRO A C   1 
ATOM   323  O O   . PRO A 1 60  ? 17.174  4.679   -16.888 1.00 16.70  ? 1351 PRO A O   1 
ATOM   324  C CB  . PRO A 1 60  ? 19.992  5.773   -15.788 1.00 20.91  ? 1351 PRO A CB  1 
ATOM   325  C CG  . PRO A 1 60  ? 20.955  4.963   -14.957 1.00 21.56  ? 1351 PRO A CG  1 
ATOM   326  C CD  . PRO A 1 60  ? 20.387  5.008   -13.552 1.00 20.73  ? 1351 PRO A CD  1 
ATOM   327  N N   . ASP A 1 61  ? 17.950  3.128   -15.476 1.00 17.08  ? 1352 ASP A N   1 
ATOM   328  C CA  . ASP A 1 61  ? 17.293  1.970   -16.137 1.00 17.58  ? 1352 ASP A CA  1 
ATOM   329  C C   . ASP A 1 61  ? 15.930  1.635   -15.501 1.00 16.38  ? 1352 ASP A C   1 
ATOM   330  O O   . ASP A 1 61  ? 15.344  0.627   -15.893 1.00 14.89  ? 1352 ASP A O   1 
ATOM   331  C CB  . ASP A 1 61  ? 18.203  0.745   -16.083 1.00 18.22  ? 1352 ASP A CB  1 
ATOM   332  C CG  . ASP A 1 61  ? 18.479  0.308   -14.664 1.00 18.38  ? 1352 ASP A CG  1 
ATOM   333  O OD1 . ASP A 1 61  ? 18.461  1.191   -13.768 1.00 22.10  ? 1352 ASP A OD1 1 
ATOM   334  O OD2 . ASP A 1 61  ? 18.726  -0.890  -14.455 1.00 24.46  ? 1352 ASP A OD2 1 
ATOM   335  N N   . TYR A 1 62  ? 15.364  2.455   -14.615 1.00 15.59  ? 1353 TYR A N   1 
ATOM   336  C CA  . TYR A 1 62  ? 14.170  2.043   -13.813 1.00 15.46  ? 1353 TYR A CA  1 
ATOM   337  C C   . TYR A 1 62  ? 12.966  1.693   -14.712 1.00 16.76  ? 1353 TYR A C   1 
ATOM   338  O O   . TYR A 1 62  ? 12.370  0.615   -14.478 1.00 15.09  ? 1353 TYR A O   1 
ATOM   339  C CB  . TYR A 1 62  ? 13.887  3.104   -12.740 1.00 15.56  ? 1353 TYR A CB  1 
ATOM   340  C CG  . TYR A 1 62  ? 12.911  2.670   -11.673 1.00 15.43  ? 1353 TYR A CG  1 
ATOM   341  C CD1 . TYR A 1 62  ? 13.292  1.762   -10.698 1.00 15.67  ? 1353 TYR A CD1 1 
ATOM   342  C CD2 . TYR A 1 62  ? 11.594  3.110   -11.678 1.00 15.95  ? 1353 TYR A CD2 1 
ATOM   343  C CE1 . TYR A 1 62  ? 12.403  1.326   -9.727  1.00 14.78  ? 1353 TYR A CE1 1 
ATOM   344  C CE2 . TYR A 1 62  ? 10.700  2.714   -10.685 1.00 14.54  ? 1353 TYR A CE2 1 
ATOM   345  C CZ  . TYR A 1 62  ? 11.096  1.783   -9.737  1.00 14.64  ? 1353 TYR A CZ  1 
ATOM   346  O OH  . TYR A 1 62  ? 10.205  1.348   -8.793  1.00 14.72  ? 1353 TYR A OH  1 
ATOM   347  N N   . ARG A 1 63  ? 12.584  2.539   -15.682 1.00 16.84  ? 1354 ARG A N   1 
ATOM   348  C CA  . ARG A 1 63  ? 11.393  2.321   -16.525 1.00 18.49  ? 1354 ARG A CA  1 
ATOM   349  C C   . ARG A 1 63  ? 11.625  1.280   -17.617 1.00 18.10  ? 1354 ARG A C   1 
ATOM   350  O O   . ARG A 1 63  ? 10.656  0.839   -18.241 1.00 20.31  ? 1354 ARG A O   1 
ATOM   351  C CB  . ARG A 1 63  ? 10.891  3.610   -17.169 1.00 19.76  ? 1354 ARG A CB  1 
ATOM   352  C CG  . ARG A 1 63  ? 10.454  4.623   -16.128 1.00 22.49  ? 1354 ARG A CG  1 
ATOM   353  C CD  . ARG A 1 63  ? 9.290   4.190   -15.231 1.00 26.14  ? 1354 ARG A CD  1 
ATOM   354  N NE  . ARG A 1 63  ? 8.146   3.800   -16.034 1.00 30.57  ? 1354 ARG A NE  1 
ATOM   355  C CZ  . ARG A 1 63  ? 7.217   4.638   -16.507 1.00 34.44  ? 1354 ARG A CZ  1 
ATOM   356  N NH1 . ARG A 1 63  ? 7.238   5.922   -16.191 1.00 36.09  ? 1354 ARG A NH1 1 
ATOM   357  N NH2 . ARG A 1 63  ? 6.241   4.174   -17.259 1.00 38.28  ? 1354 ARG A NH2 1 
ATOM   358  N N   . ASP A 1 64  ? 12.850  0.773   -17.767 1.00 17.63  ? 1355 ASP A N   1 
ATOM   359  C CA  . ASP A 1 64  ? 13.131  -0.406  -18.639 1.00 19.45  ? 1355 ASP A CA  1 
ATOM   360  C C   . ASP A 1 64  ? 12.680  -1.698  -17.951 1.00 18.56  ? 1355 ASP A C   1 
ATOM   361  O O   . ASP A 1 64  ? 12.431  -2.709  -18.634 1.00 24.18  ? 1355 ASP A O   1 
ATOM   362  C CB  . ASP A 1 64  ? 14.623  -0.540  -18.956 1.00 18.79  ? 1355 ASP A CB  1 
ATOM   363  C CG  . ASP A 1 64  ? 15.234  0.657   -19.665 1.00 21.66  ? 1355 ASP A CG  1 
ATOM   364  O OD1 . ASP A 1 64  ? 14.477  1.443   -20.267 1.00 26.77  ? 1355 ASP A OD1 1 
ATOM   365  O OD2 . ASP A 1 64  ? 16.447  0.781   -19.600 1.00 26.20  ? 1355 ASP A OD2 1 
ATOM   366  N N   . ILE A 1 65  ? 12.616  -1.667  -16.611 1.00 16.93  ? 1356 ILE A N   1 
ATOM   367  C CA  . ILE A 1 65  ? 12.277  -2.829  -15.740 1.00 16.75  ? 1356 ILE A CA  1 
ATOM   368  C C   . ILE A 1 65  ? 10.839  -2.698  -15.214 1.00 16.29  ? 1356 ILE A C   1 
ATOM   369  O O   . ILE A 1 65  ? 10.112  -3.703  -15.241 1.00 18.99  ? 1356 ILE A O   1 
ATOM   370  C CB  . ILE A 1 65  ? 13.305  -2.946  -14.598 1.00 15.94  ? 1356 ILE A CB  1 
ATOM   371  C CG1 . ILE A 1 65  ? 14.758  -2.842  -15.087 1.00 16.13  ? 1356 ILE A CG1 1 
ATOM   372  C CG2 . ILE A 1 65  ? 13.066  -4.210  -13.786 1.00 16.42  ? 1356 ILE A CG2 1 
ATOM   373  C CD1 . ILE A 1 65  ? 15.214  -3.945  -16.042 1.00 16.43  ? 1356 ILE A CD1 1 
ATOM   374  N N   . ILE A 1 66  ? 10.426  -1.490  -14.815 1.00 16.08  ? 1357 ILE A N   1 
ATOM   375  C CA  . ILE A 1 66  ? 9.159   -1.241  -14.075 1.00 16.60  ? 1357 ILE A CA  1 
ATOM   376  C C   . ILE A 1 66  ? 8.166   -0.546  -15.003 1.00 16.18  ? 1357 ILE A C   1 
ATOM   377  O O   . ILE A 1 66  ? 8.405   0.606   -15.373 1.00 18.61  ? 1357 ILE A O   1 
ATOM   378  C CB  . ILE A 1 66  ? 9.475   -0.447  -12.785 1.00 13.79  ? 1357 ILE A CB  1 
ATOM   379  C CG1 . ILE A 1 66  ? 10.398  -1.234  -11.842 1.00 15.95  ? 1357 ILE A CG1 1 
ATOM   380  C CG2 . ILE A 1 66  ? 8.167   -0.013  -12.106 1.00 14.86  ? 1357 ILE A CG2 1 
ATOM   381  C CD1 . ILE A 1 66  ? 9.936   -2.600  -11.510 1.00 17.22  ? 1357 ILE A CD1 1 
ATOM   382  N N   . ASP A 1 67  ? 7.064   -1.243  -15.295 1.00 18.36  ? 1358 ASP A N   1 
ATOM   383  C CA  . ASP A 1 67  ? 6.047   -0.664  -16.206 1.00 21.53  ? 1358 ASP A CA  1 
ATOM   384  C C   . ASP A 1 67  ? 5.196   0.398   -15.495 1.00 18.83  ? 1358 ASP A C   1 
ATOM   385  O O   . ASP A 1 67  ? 4.670   1.328   -16.138 1.00 21.48  ? 1358 ASP A O   1 
ATOM   386  C CB  . ASP A 1 67  ? 5.059   -1.728  -16.673 1.00 25.78  ? 1358 ASP A CB  1 
ATOM   387  C CG  . ASP A 1 67  ? 5.589   -2.779  -17.625 1.00 32.77  ? 1358 ASP A CG  1 
ATOM   388  O OD1 . ASP A 1 67  ? 6.696   -2.590  -18.145 1.00 33.65  ? 1358 ASP A OD1 1 
ATOM   389  O OD2 . ASP A 1 67  ? 4.886   -3.787  -17.832 1.00 43.85  ? 1358 ASP A OD2 1 
ATOM   390  N N   . THR A 1 68  ? 4.887   0.199   -14.193 1.00 17.58  ? 1359 THR A N   1 
ATOM   391  C CA  . THR A 1 68  ? 3.925   1.078   -13.475 1.00 17.77  ? 1359 THR A CA  1 
ATOM   392  C C   . THR A 1 68  ? 4.540   1.498   -12.140 1.00 14.93  ? 1359 THR A C   1 
ATOM   393  O O   . THR A 1 68  ? 4.372   0.776   -11.115 1.00 16.15  ? 1359 THR A O   1 
ATOM   394  C CB  . THR A 1 68  ? 2.564   0.402   -13.251 1.00 18.14  ? 1359 THR A CB  1 
ATOM   395  O OG1 . THR A 1 68  ? 2.101   -0.139  -14.497 1.00 20.74  ? 1359 THR A OG1 1 
ATOM   396  C CG2 . THR A 1 68  ? 1.513   1.357   -12.723 1.00 20.17  ? 1359 THR A CG2 1 
ATOM   397  N N   . PRO A 1 69  ? 5.240   2.633   -12.076 1.00 15.46  ? 1360 PRO A N   1 
ATOM   398  C CA  . PRO A 1 69  ? 5.770   3.145   -10.804 1.00 16.49  ? 1360 PRO A CA  1 
ATOM   399  C C   . PRO A 1 69  ? 4.638   3.384   -9.796  1.00 14.51  ? 1360 PRO A C   1 
ATOM   400  O O   . PRO A 1 69  ? 3.521   3.734   -10.145 1.00 15.89  ? 1360 PRO A O   1 
ATOM   401  C CB  . PRO A 1 69  ? 6.437   4.477   -11.183 1.00 17.72  ? 1360 PRO A CB  1 
ATOM   402  C CG  . PRO A 1 69  ? 6.792   4.276   -12.649 1.00 19.42  ? 1360 PRO A CG  1 
ATOM   403  C CD  . PRO A 1 69  ? 5.598   3.525   -13.219 1.00 16.86  ? 1360 PRO A CD  1 
ATOM   404  N N   . MET A 1 70  ? 4.953   3.171   -8.505  1.00 14.23  ? 1361 MET A N   1 
ATOM   405  C CA  . MET A 1 70  ? 3.976   3.483   -7.429  1.00 12.87  ? 1361 MET A CA  1 
ATOM   406  C C   . MET A 1 70  ? 4.781   3.836   -6.170  1.00 12.63  ? 1361 MET A C   1 
ATOM   407  O O   . MET A 1 70  ? 5.847   3.324   -5.960  1.00 12.53  ? 1361 MET A O   1 
ATOM   408  C CB  . MET A 1 70  ? 3.001   2.317   -7.192  1.00 12.98  ? 1361 MET A CB  1 
ATOM   409  C CG  . MET A 1 70  ? 1.879   2.644   -6.222  1.00 12.72  ? 1361 MET A CG  1 
ATOM   410  S SD  . MET A 1 70  ? 0.863   4.060   -6.628  1.00 13.45  ? 1361 MET A SD  1 
ATOM   411  C CE  . MET A 1 70  ? 0.288   3.697   -8.294  1.00 16.47  ? 1361 MET A CE  1 
ATOM   412  N N   . ASP A 1 71  ? 4.211   4.707   -5.357  1.00 11.85  ? 1362 ASP A N   1 
ATOM   413  C CA  . ASP A 1 71  ? 4.850   5.113   -4.090  1.00 11.44  ? 1362 ASP A CA  1 
ATOM   414  C C   . ASP A 1 71  ? 3.759   5.540   -3.090  1.00 10.93  ? 1362 ASP A C   1 
ATOM   415  O O   . ASP A 1 71  ? 2.578   5.745   -3.479  1.00 12.33  ? 1362 ASP A O   1 
ATOM   416  C CB  . ASP A 1 71  ? 5.792   6.279   -4.370  1.00 13.03  ? 1362 ASP A CB  1 
ATOM   417  C CG  . ASP A 1 71  ? 5.014   7.483   -4.834  1.00 14.76  ? 1362 ASP A CG  1 
ATOM   418  O OD1 . ASP A 1 71  ? 4.655   7.549   -6.047  1.00 16.60  ? 1362 ASP A OD1 1 
ATOM   419  O OD2 . ASP A 1 71  ? 4.581   8.256   -3.990  1.00 15.68  ? 1362 ASP A OD2 1 
ATOM   420  N N   . PHE A 1 72  ? 4.109   5.702   -1.812  1.00 11.29  ? 1363 PHE A N   1 
ATOM   421  C CA  . PHE A 1 72  ? 3.097   5.950   -0.769  1.00 10.69  ? 1363 PHE A CA  1 
ATOM   422  C C   . PHE A 1 72  ? 2.466   7.347   -0.857  1.00 12.55  ? 1363 PHE A C   1 
ATOM   423  O O   . PHE A 1 72  ? 1.324   7.532   -0.440  1.00 12.38  ? 1363 PHE A O   1 
ATOM   424  C CB  . PHE A 1 72  ? 3.629   5.686   0.635   1.00 11.27  ? 1363 PHE A CB  1 
ATOM   425  C CG  . PHE A 1 72  ? 3.739   4.213   0.913   1.00 11.58  ? 1363 PHE A CG  1 
ATOM   426  C CD1 . PHE A 1 72  ? 2.623   3.458   1.176   1.00 11.68  ? 1363 PHE A CD1 1 
ATOM   427  C CD2 . PHE A 1 72  ? 4.975   3.592   0.964   1.00 11.78  ? 1363 PHE A CD2 1 
ATOM   428  C CE1 . PHE A 1 72  ? 2.736   2.108   1.455   1.00 12.97  ? 1363 PHE A CE1 1 
ATOM   429  C CE2 . PHE A 1 72  ? 5.098   2.241   1.254   1.00 11.75  ? 1363 PHE A CE2 1 
ATOM   430  C CZ  . PHE A 1 72  ? 3.962   1.487   1.449   1.00 12.90  ? 1363 PHE A CZ  1 
ATOM   431  N N   . ALA A 1 73  ? 3.201   8.361   -1.345  1.00 11.58  ? 1364 ALA A N   1 
ATOM   432  C CA  . ALA A 1 73  ? 2.591   9.688   -1.548  1.00 12.16  ? 1364 ALA A CA  1 
ATOM   433  C C   . ALA A 1 73  ? 1.504   9.620   -2.633  1.00 12.71  ? 1364 ALA A C   1 
ATOM   434  O O   . ALA A 1 73  ? 0.423   10.194  -2.436  1.00 13.22  ? 1364 ALA A O   1 
ATOM   435  C CB  . ALA A 1 73  ? 3.637   10.727  -1.858  1.00 13.16  ? 1364 ALA A CB  1 
ATOM   436  N N   . THR A 1 74  ? 1.722   8.879   -3.690  1.00 12.30  ? 1365 THR A N   1 
ATOM   437  C CA  . THR A 1 74  ? 0.706   8.679   -4.742  1.00 12.60  ? 1365 THR A CA  1 
ATOM   438  C C   . THR A 1 74  ? -0.509  7.978   -4.127  1.00 11.66  ? 1365 THR A C   1 
ATOM   439  O O   . THR A 1 74  ? -1.647  8.394   -4.379  1.00 12.13  ? 1365 THR A O   1 
ATOM   440  C CB  . THR A 1 74  ? 1.268   7.954   -5.940  1.00 13.19  ? 1365 THR A CB  1 
ATOM   441  O OG1 . THR A 1 74  ? 2.322   8.774   -6.491  1.00 16.43  ? 1365 THR A OG1 1 
ATOM   442  C CG2 . THR A 1 74  ? 0.237   7.657   -7.013  1.00 13.43  ? 1365 THR A CG2 1 
ATOM   443  N N   . VAL A 1 75  ? -0.272  6.922   -3.335  1.00 10.64  ? 1366 VAL A N   1 
ATOM   444  C CA  . VAL A 1 75  ? -1.414  6.235   -2.682  1.00 10.51  ? 1366 VAL A CA  1 
ATOM   445  C C   . VAL A 1 75  ? -2.231  7.196   -1.805  1.00 10.65  ? 1366 VAL A C   1 
ATOM   446  O O   . VAL A 1 75  ? -3.472  7.238   -1.861  1.00 10.52  ? 1366 VAL A O   1 
ATOM   447  C CB  . VAL A 1 75  ? -0.945  4.976   -1.922  1.00 11.41  ? 1366 VAL A CB  1 
ATOM   448  C CG1 . VAL A 1 75  ? -2.109  4.346   -1.176  1.00 12.29  ? 1366 VAL A CG1 1 
ATOM   449  C CG2 . VAL A 1 75  ? -0.317  3.974   -2.863  1.00 11.56  ? 1366 VAL A CG2 1 
ATOM   450  N N   . ARG A 1 76  ? -1.539  7.947   -0.953  1.00 10.64  ? 1367 ARG A N   1 
ATOM   451  C CA  . ARG A 1 76  ? -2.233  8.924   -0.059  1.00 13.00  ? 1367 ARG A CA  1 
ATOM   452  C C   . ARG A 1 76  ? -3.035  9.959   -0.872  1.00 12.15  ? 1367 ARG A C   1 
ATOM   453  O O   . ARG A 1 76  ? -4.186  10.282  -0.480  1.00 12.81  ? 1367 ARG A O   1 
ATOM   454  C CB  . ARG A 1 76  ? -1.195  9.608   0.843   1.00 14.02  ? 1367 ARG A CB  1 
ATOM   455  C CG  . ARG A 1 76  ? -1.788  10.631  1.790   1.00 18.59  ? 1367 ARG A CG  1 
ATOM   456  C CD  . ARG A 1 76  ? -0.607  11.178  2.593   1.00 23.13  ? 1367 ARG A CD  1 
ATOM   457  N NE  . ARG A 1 76  ? -0.376  10.535  3.863   1.00 24.63  ? 1367 ARG A NE  1 
ATOM   458  C CZ  . ARG A 1 76  ? 0.687   10.721  4.672   1.00 23.65  ? 1367 ARG A CZ  1 
ATOM   459  N NH1 . ARG A 1 76  ? 1.763   11.388  4.280   1.00 22.96  ? 1367 ARG A NH1 1 
ATOM   460  N NH2 . ARG A 1 76  ? 0.661   10.163  5.857   1.00 26.88  ? 1367 ARG A NH2 1 
ATOM   461  N N   . GLU A 1 77  ? -2.405  10.498  -1.903  1.00 11.91  ? 1368 GLU A N   1 
ATOM   462  C CA  . GLU A 1 77  ? -3.094  11.512  -2.719  1.00 12.33  ? 1368 GLU A CA  1 
ATOM   463  C C   . GLU A 1 77  ? -4.311  10.898  -3.418  1.00 13.08  ? 1368 GLU A C   1 
ATOM   464  O O   . GLU A 1 77  ? -5.327  11.582  -3.560  1.00 13.33  ? 1368 GLU A O   1 
ATOM   465  C CB  . GLU A 1 77  ? -2.108  12.064  -3.728  1.00 15.81  ? 1368 GLU A CB  1 
ATOM   466  C CG  . GLU A 1 77  ? -1.028  12.983  -3.163  1.00 19.95  ? 1368 GLU A CG  1 
ATOM   467  C CD  . GLU A 1 77  ? 0.282   13.132  -3.931  1.00 29.59  ? 1368 GLU A CD  1 
ATOM   468  O OE1 . GLU A 1 77  ? 0.360   12.706  -5.121  1.00 34.01  ? 1368 GLU A OE1 1 
ATOM   469  O OE2 . GLU A 1 77  ? 1.249   13.685  -3.318  1.00 40.20  ? 1368 GLU A OE2 1 
ATOM   470  N N   . THR A 1 78  ? -4.227  9.677   -3.926  1.00 12.26  ? 1369 THR A N   1 
ATOM   471  C CA  . THR A 1 78  ? -5.367  9.011   -4.596  1.00 11.50  ? 1369 THR A CA  1 
ATOM   472  C C   . THR A 1 78  ? -6.494  8.821   -3.584  1.00 12.40  ? 1369 THR A C   1 
ATOM   473  O O   . THR A 1 78  ? -7.721  9.083   -3.915  1.00 12.01  ? 1369 THR A O   1 
ATOM   474  C CB  . THR A 1 78  ? -4.902  7.676   -5.201  1.00 11.66  ? 1369 THR A CB  1 
ATOM   475  O OG1 . THR A 1 78  ? -3.861  7.887   -6.144  1.00 13.34  ? 1369 THR A OG1 1 
ATOM   476  C CG2 . THR A 1 78  ? -6.018  6.933   -5.901  1.00 12.41  ? 1369 THR A CG2 1 
ATOM   477  N N   . LEU A 1 79  ? -6.166  8.381   -2.361  1.00 11.14  ? 1370 LEU A N   1 
ATOM   478  C CA  . LEU A 1 79  ? -7.174  8.225   -1.292  1.00 11.21  ? 1370 LEU A CA  1 
ATOM   479  C C   . LEU A 1 79  ? -7.861  9.562   -0.986  1.00 11.97  ? 1370 LEU A C   1 
ATOM   480  O O   . LEU A 1 79  ? -9.134  9.659   -0.907  1.00 12.58  ? 1370 LEU A O   1 
ATOM   481  C CB  . LEU A 1 79  ? -6.491  7.573   -0.074  1.00 11.21  ? 1370 LEU A CB  1 
ATOM   482  C CG  . LEU A 1 79  ? -7.430  7.241   1.089   1.00 11.34  ? 1370 LEU A CG  1 
ATOM   483  C CD1 . LEU A 1 79  ? -8.391  6.139   0.732   1.00 11.99  ? 1370 LEU A CD1 1 
ATOM   484  C CD2 . LEU A 1 79  ? -6.574  6.845   2.303   1.00 13.42  ? 1370 LEU A CD2 1 
ATOM   485  N N   . GLU A 1 80  ? -7.072  10.610  -0.765  1.00 13.73  ? 1371 GLU A N   1 
ATOM   486  C CA  . GLU A 1 80  ? -7.623  11.933  -0.352  1.00 14.77  ? 1371 GLU A CA  1 
ATOM   487  C C   . GLU A 1 80  ? -8.395  12.579  -1.512  1.00 14.10  ? 1371 GLU A C   1 
ATOM   488  O O   . GLU A 1 80  ? -9.355  13.312  -1.239  1.00 14.54  ? 1371 GLU A O   1 
ATOM   489  C CB  . GLU A 1 80  ? -6.521  12.795  0.263   1.00 16.57  ? 1371 GLU A CB  1 
ATOM   490  C CG  . GLU A 1 80  ? -6.318  12.395  1.711   1.00 20.31  ? 1371 GLU A CG  1 
ATOM   491  C CD  . GLU A 1 80  ? -7.638  11.950  2.339   1.00 21.37  ? 1371 GLU A CD  1 
ATOM   492  O OE1 . GLU A 1 80  ? -8.546  12.813  2.423   1.00 22.30  ? 1371 GLU A OE1 1 
ATOM   493  O OE2 . GLU A 1 80  ? -7.786  10.736  2.694   1.00 20.17  ? 1371 GLU A OE2 1 
ATOM   494  N N   . ALA A 1 81  ? -8.077  12.269  -2.759  1.00 13.49  ? 1372 ALA A N   1 
ATOM   495  C CA  . ALA A 1 81  ? -8.852  12.792  -3.926  1.00 13.93  ? 1372 ALA A CA  1 
ATOM   496  C C   . ALA A 1 81  ? -10.225 12.137  -3.999  1.00 15.06  ? 1372 ALA A C   1 
ATOM   497  O O   . ALA A 1 81  ? -11.079 12.547  -4.794  1.00 15.48  ? 1372 ALA A O   1 
ATOM   498  C CB  . ALA A 1 81  ? -8.091  12.600  -5.179  1.00 14.70  ? 1372 ALA A CB  1 
ATOM   499  N N   . GLY A 1 82  ? -10.473 11.056  -3.233  1.00 13.71  ? 1373 GLY A N   1 
ATOM   500  C CA  . GLY A 1 82  ? -11.683 10.245  -3.428  1.00 13.48  ? 1373 GLY A CA  1 
ATOM   501  C C   . GLY A 1 82  ? -11.635 9.438   -4.688  1.00 13.32  ? 1373 GLY A C   1 
ATOM   502  O O   . GLY A 1 82  ? -12.661 9.222   -5.346  1.00 13.59  ? 1373 GLY A O   1 
ATOM   503  N N   . ASN A 1 83  ? -10.491 8.865   -5.040  1.00 12.10  ? 1374 ASN A N   1 
ATOM   504  C CA  . ASN A 1 83  ? -10.298 8.093   -6.269  1.00 13.38  ? 1374 ASN A CA  1 
ATOM   505  C C   . ASN A 1 83  ? -10.003 6.587   -6.031  1.00 12.52  ? 1374 ASN A C   1 
ATOM   506  O O   . ASN A 1 83  ? -9.703  5.852   -6.962  1.00 12.82  ? 1374 ASN A O   1 
ATOM   507  C CB  . ASN A 1 83  ? -9.222  8.734   -7.146  1.00 13.13  ? 1374 ASN A CB  1 
ATOM   508  C CG  . ASN A 1 83  ? -9.606  10.050  -7.792  1.00 15.15  ? 1374 ASN A CG  1 
ATOM   509  O OD1 . ASN A 1 83  ? -8.757  10.626  -8.467  1.00 17.98  ? 1374 ASN A OD1 1 
ATOM   510  N ND2 . ASN A 1 83  ? -10.833 10.545  -7.673  1.00 15.11  ? 1374 ASN A ND2 1 
ATOM   511  N N   . TYR A 1 84  ? -10.192 6.144   -4.777  1.00 12.46  ? 1375 TYR A N   1 
ATOM   512  C CA  . TYR A 1 84  ? -10.330 4.706   -4.456  1.00 12.54  ? 1375 TYR A CA  1 
ATOM   513  C C   . TYR A 1 84  ? -11.813 4.461   -4.112  1.00 12.64  ? 1375 TYR A C   1 
ATOM   514  O O   . TYR A 1 84  ? -12.373 5.207   -3.294  1.00 13.70  ? 1375 TYR A O   1 
ATOM   515  C CB  . TYR A 1 84  ? -9.443  4.220   -3.300  1.00 12.10  ? 1375 TYR A CB  1 
ATOM   516  C CG  . TYR A 1 84  ? -7.974  4.208   -3.587  1.00 11.47  ? 1375 TYR A CG  1 
ATOM   517  C CD1 . TYR A 1 84  ? -7.504  3.512   -4.689  1.00 11.99  ? 1375 TYR A CD1 1 
ATOM   518  C CD2 . TYR A 1 84  ? -7.042  4.880   -2.799  1.00 10.78  ? 1375 TYR A CD2 1 
ATOM   519  C CE1 . TYR A 1 84  ? -6.155  3.423   -4.958  1.00 11.09  ? 1375 TYR A CE1 1 
ATOM   520  C CE2 . TYR A 1 84  ? -5.691  4.795   -3.047  1.00 11.34  ? 1375 TYR A CE2 1 
ATOM   521  C CZ  . TYR A 1 84  ? -5.250  4.074   -4.138  1.00 11.39  ? 1375 TYR A CZ  1 
ATOM   522  O OH  . TYR A 1 84  ? -3.885  4.050   -4.370  1.00 12.67  ? 1375 TYR A OH  1 
ATOM   523  N N   . GLU A 1 85  ? -12.413 3.398   -4.686  1.00 13.32  ? 1376 GLU A N   1 
ATOM   524  C CA  . GLU A 1 85  ? -13.795 3.012   -4.273  1.00 14.90  ? 1376 GLU A CA  1 
ATOM   525  C C   . GLU A 1 85  ? -13.787 2.010   -3.097  1.00 14.68  ? 1376 GLU A C   1 
ATOM   526  O O   . GLU A 1 85  ? -14.805 1.908   -2.365  1.00 18.88  ? 1376 GLU A O   1 
ATOM   527  C CB  . GLU A 1 85  ? -14.517 2.366   -5.447  1.00 17.82  ? 1376 GLU A CB  1 
ATOM   528  C CG  . GLU A 1 85  ? -15.989 2.140   -5.117  1.00 22.69  ? 1376 GLU A CG  1 
ATOM   529  C CD  . GLU A 1 85  ? -16.808 1.602   -6.270  1.00 27.13  ? 1376 GLU A CD  1 
ATOM   530  O OE1 . GLU A 1 85  ? -16.183 1.192   -7.270  1.00 35.97  ? 1376 GLU A OE1 1 
ATOM   531  O OE2 . GLU A 1 85  ? -18.089 1.723   -6.202  1.00 31.69  ? 1376 GLU A OE2 1 
ATOM   532  N N   . SER A 1 86  ? -12.678 1.302   -2.867  1.00 13.23  ? 1377 SER A N   1 
ATOM   533  C CA  . SER A 1 86  ? -12.638 0.201   -1.886  1.00 13.68  ? 1377 SER A CA  1 
ATOM   534  C C   . SER A 1 86  ? -11.236 0.099   -1.337  1.00 12.20  ? 1377 SER A C   1 
ATOM   535  O O   . SER A 1 86  ? -10.269 0.520   -1.989  1.00 12.42  ? 1377 SER A O   1 
ATOM   536  C CB  . SER A 1 86  ? -13.065 -1.100  -2.488  1.00 13.39  ? 1377 SER A CB  1 
ATOM   537  O OG  . SER A 1 86  ? -12.062 -1.571  -3.357  1.00 14.66  ? 1377 SER A OG  1 
ATOM   538  N N   . PRO A 1 87  ? -11.066 -0.540  -0.159  1.00 11.46  ? 1378 PRO A N   1 
ATOM   539  C CA  . PRO A 1 87  ? -9.715  -0.760  0.355   1.00 11.69  ? 1378 PRO A CA  1 
ATOM   540  C C   . PRO A 1 87  ? -8.973  -1.824  -0.476  1.00 12.00  ? 1378 PRO A C   1 
ATOM   541  O O   . PRO A 1 87  ? -7.731  -1.830  -0.438  1.00 11.92  ? 1378 PRO A O   1 
ATOM   542  C CB  . PRO A 1 87  ? -9.956  -1.262  1.795   1.00 12.16  ? 1378 PRO A CB  1 
ATOM   543  C CG  . PRO A 1 87  ? -11.381 -1.847  1.771   1.00 12.03  ? 1378 PRO A CG  1 
ATOM   544  C CD  . PRO A 1 87  ? -12.116 -0.897  0.843   1.00 12.27  ? 1378 PRO A CD  1 
ATOM   545  N N   . MET A 1 88  ? -9.684  -2.692  -1.211  1.00 11.40  ? 1379 MET A N   1 
ATOM   546  C CA  . MET A 1 88  ? -8.998  -3.645  -2.107  1.00 12.13  ? 1379 MET A CA  1 
ATOM   547  C C   . MET A 1 88  ? -8.207  -2.905  -3.188  1.00 10.96  ? 1379 MET A C   1 
ATOM   548  O O   . MET A 1 88  ? -7.109  -3.323  -3.560  1.00 10.71  ? 1379 MET A O   1 
ATOM   549  C CB  . MET A 1 88  ? -9.978  -4.616  -2.781  1.00 13.18  ? 1379 MET A CB  1 
ATOM   550  C CG  . MET A 1 88  ? -10.726 -5.521  -1.779  1.00 13.13  ? 1379 MET A CG  1 
ATOM   551  S SD  . MET A 1 88  ? -12.178 -4.786  -0.952  1.00 15.12  ? 1379 MET A SD  1 
ATOM   552  C CE  . MET A 1 88  ? -13.389 -5.010  -2.275  1.00 16.14  ? 1379 MET A CE  1 
ATOM   553  N N   . GLU A 1 89  ? -8.732  -1.783  -3.711  1.00 10.98  ? 1380 GLU A N   1 
ATOM   554  C CA  . GLU A 1 89  ? -8.000  -1.026  -4.727  1.00 12.75  ? 1380 GLU A CA  1 
ATOM   555  C C   . GLU A 1 89  ? -6.732  -0.417  -4.116  1.00 10.97  ? 1380 GLU A C   1 
ATOM   556  O O   . GLU A 1 89  ? -5.675  -0.401  -4.758  1.00 11.31  ? 1380 GLU A O   1 
ATOM   557  C CB  . GLU A 1 89  ? -8.878  0.069   -5.333  1.00 13.78  ? 1380 GLU A CB  1 
ATOM   558  C CG  . GLU A 1 89  ? -10.034 -0.419  -6.190  1.00 14.14  ? 1380 GLU A CG  1 
ATOM   559  C CD  . GLU A 1 89  ? -10.929 0.709   -6.681  1.00 15.36  ? 1380 GLU A CD  1 
ATOM   560  O OE1 . GLU A 1 89  ? -10.753 1.806   -6.280  1.00 15.37  ? 1380 GLU A OE1 1 
ATOM   561  O OE2 . GLU A 1 89  ? -11.791 0.421   -7.555  1.00 20.35  ? 1380 GLU A OE2 1 
ATOM   562  N N   . LEU A 1 90  ? -6.850  0.190   -2.935  1.00 11.26  ? 1381 LEU A N   1 
ATOM   563  C CA  . LEU A 1 90  ? -5.681  0.755   -2.235  1.00 10.93  ? 1381 LEU A CA  1 
ATOM   564  C C   . LEU A 1 90  ? -4.618  -0.337  -2.013  1.00 11.28  ? 1381 LEU A C   1 
ATOM   565  O O   . LEU A 1 90  ? -3.413  -0.128  -2.196  1.00 11.21  ? 1381 LEU A O   1 
ATOM   566  C CB  . LEU A 1 90  ? -6.141  1.427   -0.916  1.00 11.02  ? 1381 LEU A CB  1 
ATOM   567  C CG  . LEU A 1 90  ? -5.000  2.013   -0.061  1.00 11.59  ? 1381 LEU A CG  1 
ATOM   568  C CD1 . LEU A 1 90  ? -5.431  3.289   0.630   1.00 11.78  ? 1381 LEU A CD1 1 
ATOM   569  C CD2 . LEU A 1 90  ? -4.434  1.019   0.929   1.00 11.20  ? 1381 LEU A CD2 1 
ATOM   570  N N   A CYS A 1 91  ? -5.078  -1.505  -1.576  0.35 11.52  ? 1382 CYS A N   1 
ATOM   571  N N   B CYS A 1 91  ? -5.049  -1.520  -1.577  0.15 11.46  ? 1382 CYS A N   1 
ATOM   572  C CA  A CYS A 1 91  ? -4.210  -2.666  -1.258  0.35 11.92  ? 1382 CYS A CA  1 
ATOM   573  C CA  B CYS A 1 91  ? -4.135  -2.667  -1.334  0.15 11.72  ? 1382 CYS A CA  1 
ATOM   574  C C   A CYS A 1 91  ? -3.447  -3.077  -2.537  0.35 11.90  ? 1382 CYS A C   1 
ATOM   575  C C   B CYS A 1 91  ? -3.378  -3.019  -2.598  0.15 11.86  ? 1382 CYS A C   1 
ATOM   576  O O   A CYS A 1 91  ? -2.249  -3.381  -2.448  0.35 12.68  ? 1382 CYS A O   1 
ATOM   577  O O   B CYS A 1 91  ? -2.171  -3.305  -2.526  0.15 12.11  ? 1382 CYS A O   1 
ATOM   578  C CB  A CYS A 1 91  ? -5.031  -3.791  -0.614  0.35 12.10  ? 1382 CYS A CB  1 
ATOM   579  C CB  B CYS A 1 91  ? -4.868  -3.936  -0.946  0.15 11.78  ? 1382 CYS A CB  1 
ATOM   580  S SG  A CYS A 1 91  ? -4.043  -5.164  0.036   0.35 14.26  ? 1382 CYS A SG  1 
ATOM   581  S SG  B CYS A 1 91  ? -5.316  -3.870  0.793   0.15 12.53  ? 1382 CYS A SG  1 
ATOM   582  N N   . LYS A 1 92  ? -4.108  -3.077  -3.705  1.00 12.56  ? 1383 LYS A N   1 
ATOM   583  C CA  . LYS A 1 92  ? -3.456  -3.463  -4.966  1.00 12.08  ? 1383 LYS A CA  1 
ATOM   584  C C   . LYS A 1 92  ? -2.297  -2.469  -5.249  1.00 12.25  ? 1383 LYS A C   1 
ATOM   585  O O   . LYS A 1 92  ? -1.211  -2.889  -5.670  1.00 12.78  ? 1383 LYS A O   1 
ATOM   586  C CB  . LYS A 1 92  ? -4.517  -3.451  -6.075  1.00 14.65  ? 1383 LYS A CB  1 
ATOM   587  C CG  . LYS A 1 92  ? -3.959  -3.806  -7.433  1.00 17.02  ? 1383 LYS A CG  1 
ATOM   588  C CD  . LYS A 1 92  ? -5.034  -4.126  -8.461  1.00 21.64  ? 1383 LYS A CD  1 
ATOM   589  C CE  . LYS A 1 92  ? -4.504  -4.070  -9.881  1.00 27.08  ? 1383 LYS A CE  1 
ATOM   590  N NZ  . LYS A 1 92  ? -5.559  -4.290  -10.919 1.00 33.60  ? 1383 LYS A NZ  1 
ATOM   591  N N   . ASP A 1 93  ? -2.514  -1.168  -5.076  1.00 11.29  ? 1384 ASP A N   1 
ATOM   592  C CA  . ASP A 1 93  ? -1.448  -0.164  -5.322  1.00 11.08  ? 1384 ASP A CA  1 
ATOM   593  C C   . ASP A 1 93  ? -0.290  -0.335  -4.322  1.00 10.08  ? 1384 ASP A C   1 
ATOM   594  O O   . ASP A 1 93  ? 0.859   -0.228  -4.697  1.00 10.62  ? 1384 ASP A O   1 
ATOM   595  C CB  . ASP A 1 93  ? -1.989  1.260   -5.331  1.00 12.20  ? 1384 ASP A CB  1 
ATOM   596  C CG  . ASP A 1 93  ? -2.715  1.668   -6.612  1.00 15.51  ? 1384 ASP A CG  1 
ATOM   597  O OD1 . ASP A 1 93  ? -2.663  0.830   -7.586  1.00 18.37  ? 1384 ASP A OD1 1 
ATOM   598  O OD2 . ASP A 1 93  ? -3.327  2.756   -6.624  1.00 14.79  ? 1384 ASP A OD2 1 
ATOM   599  N N   . VAL A 1 94  ? -0.607  -0.564  -3.030  1.00 10.49  ? 1385 VAL A N   1 
ATOM   600  C CA  . VAL A 1 94  ? 0.504   -0.732  -2.030  1.00 10.04  ? 1385 VAL A CA  1 
ATOM   601  C C   . VAL A 1 94  ? 1.289   -2.013  -2.399  1.00 10.03  ? 1385 VAL A C   1 
ATOM   602  O O   . VAL A 1 94  ? 2.530   -2.012  -2.364  1.00 10.42  ? 1385 VAL A O   1 
ATOM   603  C CB  . VAL A 1 94  ? -0.039  -0.785  -0.590  1.00 10.37  ? 1385 VAL A CB  1 
ATOM   604  C CG1 . VAL A 1 94  ? 1.021   -1.224  0.401   1.00 10.27  ? 1385 VAL A CG1 1 
ATOM   605  C CG2 . VAL A 1 94  ? -0.637  0.548   -0.179  1.00 11.08  ? 1385 VAL A CG2 1 
ATOM   606  N N   . ARG A 1 95  ? 0.596   -3.084  -2.778  1.00 10.17  ? 1386 ARG A N   1 
ATOM   607  C CA  . ARG A 1 95  ? 1.288   -4.321  -3.151  1.00 10.46  ? 1386 ARG A CA  1 
ATOM   608  C C   . ARG A 1 95  ? 2.186   -4.091  -4.368  1.00 10.48  ? 1386 ARG A C   1 
ATOM   609  O O   . ARG A 1 95  ? 3.249   -4.744  -4.486  1.00 11.34  ? 1386 ARG A O   1 
ATOM   610  C CB  . ARG A 1 95  ? 0.286   -5.469  -3.305  1.00 11.57  ? 1386 ARG A CB  1 
ATOM   611  C CG  . ARG A 1 95  ? -0.180  -5.955  -1.935  1.00 12.28  ? 1386 ARG A CG  1 
ATOM   612  C CD  . ARG A 1 95  ? -1.401  -6.862  -2.095  1.00 14.16  ? 1386 ARG A CD  1 
ATOM   613  N NE  . ARG A 1 95  ? -1.828  -7.391  -0.809  1.00 15.30  ? 1386 ARG A NE  1 
ATOM   614  C CZ  . ARG A 1 95  ? -2.860  -8.243  -0.642  1.00 17.77  ? 1386 ARG A CZ  1 
ATOM   615  N NH1 . ARG A 1 95  ? -3.695  -8.536  -1.637  1.00 19.28  ? 1386 ARG A NH1 1 
ATOM   616  N NH2 . ARG A 1 95  ? -3.119  -8.705  0.573   1.00 20.26  ? 1386 ARG A NH2 1 
ATOM   617  N N   . LEU A 1 96  ? 1.810   -3.182  -5.271  1.00 10.82  ? 1387 LEU A N   1 
ATOM   618  C CA  . LEU A 1 96  ? 2.621   -2.805  -6.453  1.00 10.80  ? 1387 LEU A CA  1 
ATOM   619  C C   . LEU A 1 96  ? 3.919   -2.117  -6.017  1.00 10.49  ? 1387 LEU A C   1 
ATOM   620  O O   . LEU A 1 96  ? 4.987   -2.338  -6.622  1.00 11.31  ? 1387 LEU A O   1 
ATOM   621  C CB  . LEU A 1 96  ? 1.819   -1.889  -7.370  1.00 12.18  ? 1387 LEU A CB  1 
ATOM   622  C CG  . LEU A 1 96  ? 2.455   -1.427  -8.663  1.00 13.15  ? 1387 LEU A CG  1 
ATOM   623  C CD1 . LEU A 1 96  ? 2.889   -2.561  -9.539  1.00 14.37  ? 1387 LEU A CD1 1 
ATOM   624  C CD2 . LEU A 1 96  ? 1.486   -0.533  -9.414  1.00 13.99  ? 1387 LEU A CD2 1 
ATOM   625  N N   . ILE A 1 97  ? 3.877   -1.302  -4.957  1.00 11.50  ? 1388 ILE A N   1 
ATOM   626  C CA  . ILE A 1 97  ? 5.146   -0.711  -4.432  1.00 10.66  ? 1388 ILE A CA  1 
ATOM   627  C C   . ILE A 1 97  ? 6.135   -1.840  -4.127  1.00 10.91  ? 1388 ILE A C   1 
ATOM   628  O O   . ILE A 1 97  ? 7.316   -1.780  -4.487  1.00 11.16  ? 1388 ILE A O   1 
ATOM   629  C CB  . ILE A 1 97  ? 4.846   0.158   -3.195  1.00 10.46  ? 1388 ILE A CB  1 
ATOM   630  C CG1 . ILE A 1 97  ? 3.946   1.348   -3.517  1.00 10.61  ? 1388 ILE A CG1 1 
ATOM   631  C CG2 . ILE A 1 97  ? 6.126   0.616   -2.561  1.00 11.60  ? 1388 ILE A CG2 1 
ATOM   632  C CD1 . ILE A 1 97  ? 3.420   2.095   -2.296  1.00 11.68  ? 1388 ILE A CD1 1 
ATOM   633  N N   . PHE A 1 98  ? 5.660   -2.879  -3.471  1.00 10.42  ? 1389 PHE A N   1 
ATOM   634  C CA  . PHE A 1 98  ? 6.523   -3.981  -2.987  1.00 11.20  ? 1389 PHE A CA  1 
ATOM   635  C C   . PHE A 1 98  ? 6.945   -4.857  -4.160  1.00 11.17  ? 1389 PHE A C   1 
ATOM   636  O O   . PHE A 1 98  ? 8.123   -5.267  -4.203  1.00 11.98  ? 1389 PHE A O   1 
ATOM   637  C CB  . PHE A 1 98  ? 5.839   -4.750  -1.844  1.00 11.36  ? 1389 PHE A CB  1 
ATOM   638  C CG  . PHE A 1 98  ? 5.507   -3.912  -0.633  1.00 11.82  ? 1389 PHE A CG  1 
ATOM   639  C CD1 . PHE A 1 98  ? 6.416   -3.007  -0.115  1.00 12.95  ? 1389 PHE A CD1 1 
ATOM   640  C CD2 . PHE A 1 98  ? 4.260   -3.971  -0.049  1.00 12.49  ? 1389 PHE A CD2 1 
ATOM   641  C CE1 . PHE A 1 98  ? 6.125   -2.201  0.989   1.00 15.56  ? 1389 PHE A CE1 1 
ATOM   642  C CE2 . PHE A 1 98  ? 3.993   -3.156  1.066   1.00 13.13  ? 1389 PHE A CE2 1 
ATOM   643  C CZ  . PHE A 1 98  ? 4.925   -2.311  1.548   1.00 14.95  ? 1389 PHE A CZ  1 
ATOM   644  N N   . SER A 1 99  ? 6.021   -5.171  -5.090  1.00 11.18  ? 1390 SER A N   1 
ATOM   645  C CA  . SER A 1 99  ? 6.438   -6.007  -6.253  1.00 12.04  ? 1390 SER A CA  1 
ATOM   646  C C   . SER A 1 99  ? 7.438   -5.220  -7.107  1.00 11.51  ? 1390 SER A C   1 
ATOM   647  O O   . SER A 1 99  ? 8.375   -5.854  -7.698  1.00 12.00  ? 1390 SER A O   1 
ATOM   648  C CB  . SER A 1 99  ? 5.244   -6.526  -7.016  1.00 12.94  ? 1390 SER A CB  1 
ATOM   649  O OG  . SER A 1 99  ? 4.498   -5.512  -7.569  1.00 14.66  ? 1390 SER A OG  1 
ATOM   650  N N   . ASN A 1 100 ? 7.297   -3.918  -7.292  1.00 11.06  ? 1391 ASN A N   1 
ATOM   651  C CA  . ASN A 1 100 ? 8.305   -3.140  -8.053  1.00 12.07  ? 1391 ASN A CA  1 
ATOM   652  C C   . ASN A 1 100 ? 9.672   -3.248  -7.374  1.00 11.96  ? 1391 ASN A C   1 
ATOM   653  O O   . ASN A 1 100 ? 10.703  -3.431  -8.081  1.00 12.71  ? 1391 ASN A O   1 
ATOM   654  C CB  . ASN A 1 100 ? 7.876   -1.704  -8.220  1.00 12.15  ? 1391 ASN A CB  1 
ATOM   655  C CG  . ASN A 1 100 ? 6.711   -1.468  -9.153  1.00 11.66  ? 1391 ASN A CG  1 
ATOM   656  O OD1 . ASN A 1 100 ? 6.381   -2.342  -9.958  1.00 12.23  ? 1391 ASN A OD1 1 
ATOM   657  N ND2 . ASN A 1 100 ? 6.233   -0.258  -9.113  1.00 12.48  ? 1391 ASN A ND2 1 
ATOM   658  N N   . SER A 1 101 ? 9.746   -3.144  -6.049  1.00 11.62  ? 1392 SER A N   1 
ATOM   659  C CA  . SER A 1 101 ? 11.040  -3.257  -5.336  1.00 11.45  ? 1392 SER A CA  1 
ATOM   660  C C   . SER A 1 101 ? 11.640  -4.649  -5.607  1.00 12.03  ? 1392 SER A C   1 
ATOM   661  O O   . SER A 1 101 ? 12.882  -4.734  -5.841  1.00 12.61  ? 1392 SER A O   1 
ATOM   662  C CB  . SER A 1 101 ? 10.855  -2.900  -3.868  1.00 10.98  ? 1392 SER A CB  1 
ATOM   663  O OG  . SER A 1 101 ? 12.120  -2.985  -3.212  1.00 13.39  ? 1392 SER A OG  1 
ATOM   664  N N   . LYS A 1 102 ? 10.860  -5.708  -5.524  1.00 12.77  ? 1393 LYS A N   1 
ATOM   665  C CA  . LYS A 1 102 ? 11.370  -7.076  -5.796  1.00 13.70  ? 1393 LYS A CA  1 
ATOM   666  C C   . LYS A 1 102 ? 11.858  -7.213  -7.240  1.00 14.45  ? 1393 LYS A C   1 
ATOM   667  O O   . LYS A 1 102 ? 12.877  -7.917  -7.475  1.00 15.21  ? 1393 LYS A O   1 
ATOM   668  C CB  . LYS A 1 102 ? 10.271  -8.067  -5.483  1.00 13.47  ? 1393 LYS A CB  1 
ATOM   669  C CG  . LYS A 1 102 ? 10.711  -9.527  -5.498  1.00 15.13  ? 1393 LYS A CG  1 
ATOM   670  C CD  . LYS A 1 102 ? 9.668   -10.441 -4.983  1.00 15.47  ? 1393 LYS A CD  1 
ATOM   671  C CE  . LYS A 1 102 ? 10.165  -11.843 -4.731  1.00 17.21  ? 1393 LYS A CE  1 
ATOM   672  N NZ  . LYS A 1 102 ? 9.119   -12.735 -4.186  1.00 20.69  ? 1393 LYS A NZ  1 
ATOM   673  N N   . ALA A 1 103 ? 11.150  -6.632  -8.183  1.00 14.21  ? 1394 ALA A N   1 
ATOM   674  C CA  . ALA A 1 103 ? 11.552  -6.726  -9.604  1.00 14.53  ? 1394 ALA A CA  1 
ATOM   675  C C   . ALA A 1 103 ? 12.799  -5.911  -9.864  1.00 14.94  ? 1394 ALA A C   1 
ATOM   676  O O   . ALA A 1 103 ? 13.622  -6.321  -10.726 1.00 16.50  ? 1394 ALA A O   1 
ATOM   677  C CB  . ALA A 1 103 ? 10.389  -6.248  -10.449 1.00 15.11  ? 1394 ALA A CB  1 
ATOM   678  N N   . TYR A 1 104 ? 12.987  -4.758  -9.247  1.00 14.41  ? 1395 TYR A N   1 
ATOM   679  C CA  . TYR A 1 104 ? 14.139  -3.884  -9.546  1.00 14.30  ? 1395 TYR A CA  1 
ATOM   680  C C   . TYR A 1 104 ? 15.400  -4.290  -8.800  1.00 14.33  ? 1395 TYR A C   1 
ATOM   681  O O   . TYR A 1 104 ? 16.500  -3.926  -9.232  1.00 14.78  ? 1395 TYR A O   1 
ATOM   682  C CB  . TYR A 1 104 ? 13.823  -2.415  -9.272  1.00 14.57  ? 1395 TYR A CB  1 
ATOM   683  C CG  . TYR A 1 104 ? 14.880  -1.515  -9.870  1.00 15.18  ? 1395 TYR A CG  1 
ATOM   684  C CD1 . TYR A 1 104 ? 15.065  -1.380  -11.234 1.00 16.53  ? 1395 TYR A CD1 1 
ATOM   685  C CD2 . TYR A 1 104 ? 15.737  -0.822  -9.028  1.00 17.79  ? 1395 TYR A CD2 1 
ATOM   686  C CE1 . TYR A 1 104 ? 16.099  -0.576  -11.732 1.00 16.69  ? 1395 TYR A CE1 1 
ATOM   687  C CE2 . TYR A 1 104 ? 16.746  -0.007  -9.490  1.00 19.12  ? 1395 TYR A CE2 1 
ATOM   688  C CZ  . TYR A 1 104 ? 16.933  0.078   -10.849 1.00 16.90  ? 1395 TYR A CZ  1 
ATOM   689  O OH  . TYR A 1 104 ? 17.978  0.862   -11.297 1.00 21.65  ? 1395 TYR A OH  1 
ATOM   690  N N   . THR A 1 105 ? 15.315  -5.065  -7.713  1.00 14.74  ? 1396 THR A N   1 
ATOM   691  C CA  . THR A 1 105 ? 16.499  -5.381  -6.860  1.00 14.69  ? 1396 THR A CA  1 
ATOM   692  C C   . THR A 1 105 ? 17.478  -6.329  -7.576  1.00 16.45  ? 1396 THR A C   1 
ATOM   693  O O   . THR A 1 105 ? 17.069  -7.327  -8.182  1.00 16.51  ? 1396 THR A O   1 
ATOM   694  C CB  . THR A 1 105 ? 16.071  -5.936  -5.493  1.00 14.82  ? 1396 THR A CB  1 
ATOM   695  O OG1 . THR A 1 105 ? 17.188  -5.954  -4.609  1.00 15.42  ? 1396 THR A OG1 1 
ATOM   696  C CG2 . THR A 1 105 ? 15.492  -7.331  -5.555  1.00 14.99  ? 1396 THR A CG2 1 
ATOM   697  N N   . PRO A 1 106 ? 18.811  -6.094  -7.481  1.00 16.32  ? 1397 PRO A N   1 
ATOM   698  C CA  . PRO A 1 106 ? 19.788  -7.003  -8.086  1.00 16.41  ? 1397 PRO A CA  1 
ATOM   699  C C   . PRO A 1 106 ? 20.069  -8.208  -7.187  1.00 17.90  ? 1397 PRO A C   1 
ATOM   700  O O   . PRO A 1 106 ? 20.729  -9.129  -7.624  1.00 16.55  ? 1397 PRO A O   1 
ATOM   701  C CB  . PRO A 1 106 ? 21.036  -6.121  -8.231  1.00 18.35  ? 1397 PRO A CB  1 
ATOM   702  C CG  . PRO A 1 106 ? 20.949  -5.194  -7.036  1.00 18.67  ? 1397 PRO A CG  1 
ATOM   703  C CD  . PRO A 1 106 ? 19.467  -4.939  -6.843  1.00 16.95  ? 1397 PRO A CD  1 
ATOM   704  N N   . SER A 1 107 ? 19.642  -8.160  -5.929  1.00 18.37  ? 1398 SER A N   1 
ATOM   705  C CA  . SER A 1 107 ? 19.834  -9.287  -4.992  1.00 18.68  ? 1398 SER A CA  1 
ATOM   706  C C   . SER A 1 107 ? 18.803  -9.266  -3.862  1.00 18.43  ? 1398 SER A C   1 
ATOM   707  O O   . SER A 1 107 ? 18.230  -8.202  -3.532  1.00 17.65  ? 1398 SER A O   1 
ATOM   708  C CB  . SER A 1 107 ? 21.226  -9.280  -4.449  1.00 19.67  ? 1398 SER A CB  1 
ATOM   709  O OG  . SER A 1 107 ? 21.340  -10.177 -3.365  1.00 22.51  ? 1398 SER A OG  1 
ATOM   710  N N   . LYS A 1 108 ? 18.625  -10.414 -3.218  1.00 20.68  ? 1399 LYS A N   1 
ATOM   711  C CA  . LYS A 1 108 ? 17.715  -10.508 -2.053  1.00 23.30  ? 1399 LYS A CA  1 
ATOM   712  C C   . LYS A 1 108 ? 18.428  -9.904  -0.836  1.00 25.48  ? 1399 LYS A C   1 
ATOM   713  O O   . LYS A 1 108 ? 17.720  -9.554  0.119   1.00 25.36  ? 1399 LYS A O   1 
ATOM   714  C CB  . LYS A 1 108 ? 17.221  -11.952 -1.944  1.00 25.89  ? 1399 LYS A CB  1 
ATOM   715  C CG  . LYS A 1 108 ? 16.302  -12.334 -3.105  1.00 28.77  ? 1399 LYS A CG  1 
ATOM   716  C CD  . LYS A 1 108 ? 16.007  -13.802 -3.228  1.00 31.37  ? 1399 LYS A CD  1 
ATOM   717  C CE  . LYS A 1 108 ? 14.547  -14.154 -3.018  1.00 32.92  ? 1399 LYS A CE  1 
ATOM   718  N NZ  . LYS A 1 108 ? 13.678  -13.612 -4.093  1.00 34.89  ? 1399 LYS A NZ  1 
ATOM   719  N N   . ARG A 1 109 ? 19.747  -9.684  -0.925  1.00 25.38  ? 1400 ARG A N   1 
ATOM   720  C CA  . ARG A 1 109 ? 20.592  -9.131  0.171   1.00 27.97  ? 1400 ARG A CA  1 
ATOM   721  C C   . ARG A 1 109 ? 20.769  -7.622  -0.037  1.00 27.30  ? 1400 ARG A C   1 
ATOM   722  O O   . ARG A 1 109 ? 21.812  -7.075  0.357   1.00 30.37  ? 1400 ARG A O   1 
ATOM   723  C CB  . ARG A 1 109 ? 21.929  -9.880  0.227   1.00 29.71  ? 1400 ARG A CB  1 
ATOM   724  C CG  . ARG A 1 109 ? 21.775  -11.364 0.524   1.00 32.86  ? 1400 ARG A CG  1 
ATOM   725  C CD  . ARG A 1 109 ? 23.008  -12.197 0.223   1.00 35.33  ? 1400 ARG A CD  1 
ATOM   726  N NE  . ARG A 1 109 ? 23.795  -12.505 1.411   1.00 38.19  ? 1400 ARG A NE  1 
ATOM   727  C CZ  . ARG A 1 109 ? 24.604  -13.559 1.544   1.00 39.91  ? 1400 ARG A CZ  1 
ATOM   728  N NH1 . ARG A 1 109 ? 24.740  -14.443 0.565   1.00 42.13  ? 1400 ARG A NH1 1 
ATOM   729  N NH2 . ARG A 1 109 ? 25.278  -13.737 2.667   1.00 40.83  ? 1400 ARG A NH2 1 
ATOM   730  N N   . SER A 1 110 ? 19.759  -6.968  -0.609  1.00 24.11  ? 1401 SER A N   1 
ATOM   731  C CA  . SER A 1 110 ? 19.735  -5.510  -0.871  1.00 21.56  ? 1401 SER A CA  1 
ATOM   732  C C   . SER A 1 110 ? 19.146  -4.781  0.339   1.00 18.27  ? 1401 SER A C   1 
ATOM   733  O O   . SER A 1 110 ? 18.166  -5.275  0.939   1.00 17.29  ? 1401 SER A O   1 
ATOM   734  C CB  . SER A 1 110 ? 18.968  -5.216  -2.128  1.00 23.05  ? 1401 SER A CB  1 
ATOM   735  O OG  . SER A 1 110 ? 18.349  -3.935  -2.086  1.00 25.55  ? 1401 SER A OG  1 
ATOM   736  N N   . ARG A 1 111 ? 19.757  -3.662  0.713   1.00 16.59  ? 1402 ARG A N   1 
ATOM   737  C CA  . ARG A 1 111 ? 19.225  -2.766  1.760   1.00 16.56  ? 1402 ARG A CA  1 
ATOM   738  C C   . ARG A 1 111 ? 17.771  -2.423  1.431   1.00 15.56  ? 1402 ARG A C   1 
ATOM   739  O O   . ARG A 1 111 ? 16.906  -2.727  2.257   1.00 15.90  ? 1402 ARG A O   1 
ATOM   740  C CB  . ARG A 1 111 ? 20.057  -1.483  1.826   1.00 16.89  ? 1402 ARG A CB  1 
ATOM   741  C CG  . ARG A 1 111 ? 19.514  -0.441  2.788   1.00 17.01  ? 1402 ARG A CG  1 
ATOM   742  C CD  . ARG A 1 111 ? 19.751  -0.855  4.231   1.00 18.48  ? 1402 ARG A CD  1 
ATOM   743  N NE  . ARG A 1 111 ? 18.943  -0.109  5.186   1.00 20.97  ? 1402 ARG A NE  1 
ATOM   744  C CZ  . ARG A 1 111 ? 19.310  0.987   5.848   1.00 20.84  ? 1402 ARG A CZ  1 
ATOM   745  N NH1 . ARG A 1 111 ? 20.505  1.527   5.688   1.00 22.51  ? 1402 ARG A NH1 1 
ATOM   746  N NH2 . ARG A 1 111 ? 18.462  1.552   6.688   1.00 22.46  ? 1402 ARG A NH2 1 
ATOM   747  N N   . ILE A 1 112 ? 17.532  -1.733  0.318   1.00 14.01  ? 1403 ILE A N   1 
ATOM   748  C CA  . ILE A 1 112 ? 16.188  -1.152  0.012   1.00 13.46  ? 1403 ILE A CA  1 
ATOM   749  C C   . ILE A 1 112 ? 15.165  -2.284  -0.150  1.00 13.01  ? 1403 ILE A C   1 
ATOM   750  O O   . ILE A 1 112 ? 14.043  -2.164  0.375   1.00 12.90  ? 1403 ILE A O   1 
ATOM   751  C CB  . ILE A 1 112 ? 16.257  -0.206  -1.206  1.00 13.37  ? 1403 ILE A CB  1 
ATOM   752  C CG1 . ILE A 1 112 ? 17.064  1.049   -0.858  1.00 13.79  ? 1403 ILE A CG1 1 
ATOM   753  C CG2 . ILE A 1 112 ? 14.864  0.167   -1.709  1.00 14.24  ? 1403 ILE A CG2 1 
ATOM   754  C CD1 . ILE A 1 112 ? 17.423  1.927   -2.027  1.00 14.79  ? 1403 ILE A CD1 1 
ATOM   755  N N   . TYR A 1 113 ? 15.518  -3.416  -0.765  1.00 11.50  ? 1404 TYR A N   1 
ATOM   756  C CA  . TYR A 1 113 ? 14.564  -4.541  -0.898  1.00 11.78  ? 1404 TYR A CA  1 
ATOM   757  C C   . TYR A 1 113 ? 14.309  -5.117  0.493   1.00 11.71  ? 1404 TYR A C   1 
ATOM   758  O O   . TYR A 1 113 ? 13.154  -5.453  0.812   1.00 12.41  ? 1404 TYR A O   1 
ATOM   759  C CB  . TYR A 1 113 ? 15.085  -5.592  -1.882  1.00 12.37  ? 1404 TYR A CB  1 
ATOM   760  C CG  . TYR A 1 113 ? 14.242  -6.845  -1.945  1.00 11.75  ? 1404 TYR A CG  1 
ATOM   761  C CD1 . TYR A 1 113 ? 12.934  -6.800  -2.408  1.00 12.65  ? 1404 TYR A CD1 1 
ATOM   762  C CD2 . TYR A 1 113 ? 14.747  -8.083  -1.549  1.00 13.09  ? 1404 TYR A CD2 1 
ATOM   763  C CE1 . TYR A 1 113 ? 12.138  -7.936  -2.452  1.00 12.43  ? 1404 TYR A CE1 1 
ATOM   764  C CE2 . TYR A 1 113 ? 13.975  -9.229  -1.621  1.00 14.27  ? 1404 TYR A CE2 1 
ATOM   765  C CZ  . TYR A 1 113 ? 12.666  -9.164  -2.079  1.00 13.36  ? 1404 TYR A CZ  1 
ATOM   766  O OH  . TYR A 1 113 ? 11.892  -10.295 -2.152  1.00 15.22  ? 1404 TYR A OH  1 
ATOM   767  N N   A SER A 1 114 ? 15.346  -5.241  1.317   0.30 12.36  ? 1405 SER A N   1 
ATOM   768  N N   B SER A 1 114 ? 15.327  -5.264  1.323   0.30 12.82  ? 1405 SER A N   1 
ATOM   769  C CA  A SER A 1 114 ? 15.176  -5.747  2.706   0.30 13.76  ? 1405 SER A CA  1 
ATOM   770  C CA  B SER A 1 114 ? 15.124  -5.793  2.698   0.30 14.29  ? 1405 SER A CA  1 
ATOM   771  C C   A SER A 1 114 ? 14.170  -4.881  3.491   0.30 13.01  ? 1405 SER A C   1 
ATOM   772  C C   B SER A 1 114 ? 14.174  -4.882  3.511   0.30 13.29  ? 1405 SER A C   1 
ATOM   773  O O   A SER A 1 114 ? 13.381  -5.414  4.306   0.30 13.44  ? 1405 SER A O   1 
ATOM   774  O O   B SER A 1 114 ? 13.395  -5.391  4.348   0.30 13.41  ? 1405 SER A O   1 
ATOM   775  C CB  A SER A 1 114 ? 16.493  -5.853  3.449   0.30 14.63  ? 1405 SER A CB  1 
ATOM   776  C CB  B SER A 1 114 ? 16.443  -6.020  3.402   0.30 15.63  ? 1405 SER A CB  1 
ATOM   777  O OG  A SER A 1 114 ? 16.998  -4.585  3.837   0.30 15.56  ? 1405 SER A OG  1 
ATOM   778  O OG  B SER A 1 114 ? 17.224  -6.981  2.691   0.30 17.71  ? 1405 SER A OG  1 
ATOM   779  N N   . MET A 1 115 ? 14.244  -3.562  3.327   1.00 12.00  ? 1406 MET A N   1 
ATOM   780  C CA  . MET A 1 115 ? 13.309  -2.603  3.975   1.00 12.13  ? 1406 MET A CA  1 
ATOM   781  C C   . MET A 1 115 ? 11.902  -2.896  3.426   1.00 11.30  ? 1406 MET A C   1 
ATOM   782  O O   . MET A 1 115 ? 10.931  -2.892  4.230   1.00 11.84  ? 1406 MET A O   1 
ATOM   783  C CB  . MET A 1 115 ? 13.723  -1.175  3.692   1.00 11.79  ? 1406 MET A CB  1 
ATOM   784  C CG  . MET A 1 115 ? 14.997  -0.752  4.361   1.00 13.77  ? 1406 MET A CG  1 
ATOM   785  S SD  . MET A 1 115 ? 15.810  0.694   3.698   1.00 16.95  ? 1406 MET A SD  1 
ATOM   786  C CE  . MET A 1 115 ? 14.855  1.898   4.512   1.00 17.35  ? 1406 MET A CE  1 
ATOM   787  N N   . SER A 1 116 ? 11.760  -3.168  2.135   1.00 11.48  ? 1407 SER A N   1 
ATOM   788  C CA  . SER A 1 116 ? 10.437  -3.422  1.537   1.00 11.65  ? 1407 SER A CA  1 
ATOM   789  C C   . SER A 1 116 ? 9.799   -4.655  2.178   1.00 10.96  ? 1407 SER A C   1 
ATOM   790  O O   . SER A 1 116 ? 8.590   -4.684  2.370   1.00 11.83  ? 1407 SER A O   1 
ATOM   791  C CB  . SER A 1 116 ? 10.489  -3.588  0.011   1.00 12.95  ? 1407 SER A CB  1 
ATOM   792  O OG  . SER A 1 116 ? 10.848  -4.889  -0.419  1.00 12.58  ? 1407 SER A OG  1 
ATOM   793  N N   . LEU A 1 117 ? 10.569  -5.712  2.462   1.00 11.48  ? 1408 LEU A N   1 
ATOM   794  C CA  . LEU A 1 117 ? 9.992   -6.943  3.029   1.00 12.09  ? 1408 LEU A CA  1 
ATOM   795  C C   . LEU A 1 117 ? 9.465   -6.689  4.447   1.00 11.89  ? 1408 LEU A C   1 
ATOM   796  O O   . LEU A 1 117 ? 8.411   -7.211  4.800   1.00 12.41  ? 1408 LEU A O   1 
ATOM   797  C CB  . LEU A 1 117 ? 11.001  -8.085  3.005   1.00 14.21  ? 1408 LEU A CB  1 
ATOM   798  C CG  . LEU A 1 117 ? 11.451  -8.593  1.642   1.00 14.59  ? 1408 LEU A CG  1 
ATOM   799  C CD1 . LEU A 1 117 ? 12.383  -9.776  1.837   1.00 17.33  ? 1408 LEU A CD1 1 
ATOM   800  C CD2 . LEU A 1 117 ? 10.252  -9.032  0.807   1.00 17.85  ? 1408 LEU A CD2 1 
ATOM   801  N N   . ARG A 1 118 ? 10.212  -5.951  5.276   1.00 11.22  ? 1409 ARG A N   1 
ATOM   802  C CA  . ARG A 1 118 ? 9.705   -5.658  6.634   1.00 11.52  ? 1409 ARG A CA  1 
ATOM   803  C C   . ARG A 1 118 ? 8.459   -4.783  6.518   1.00 11.20  ? 1409 ARG A C   1 
ATOM   804  O O   . ARG A 1 118 ? 7.466   -5.017  7.253   1.00 11.91  ? 1409 ARG A O   1 
ATOM   805  C CB  . ARG A 1 118 ? 10.774  -4.974  7.491   1.00 11.36  ? 1409 ARG A CB  1 
ATOM   806  C CG  . ARG A 1 118 ? 11.969  -5.857  7.868   1.00 12.23  ? 1409 ARG A CG  1 
ATOM   807  C CD  . ARG A 1 118 ? 12.882  -5.184  8.882   1.00 12.49  ? 1409 ARG A CD  1 
ATOM   808  N NE  . ARG A 1 118 ? 13.515  -3.993  8.387   1.00 13.35  ? 1409 ARG A NE  1 
ATOM   809  C CZ  . ARG A 1 118 ? 14.741  -3.891  7.890   1.00 15.70  ? 1409 ARG A CZ  1 
ATOM   810  N NH1 . ARG A 1 118 ? 15.514  -4.945  7.802   1.00 16.88  ? 1409 ARG A NH1 1 
ATOM   811  N NH2 . ARG A 1 118 ? 15.134  -2.712  7.415   1.00 16.78  ? 1409 ARG A NH2 1 
ATOM   812  N N   . LEU A 1 119 ? 8.478   -3.760  5.667   1.00 11.09  ? 1410 LEU A N   1 
ATOM   813  C CA  . LEU A 1 119 ? 7.343   -2.853  5.560   1.00 11.04  ? 1410 LEU A CA  1 
ATOM   814  C C   . LEU A 1 119 ? 6.106   -3.597  5.027   1.00 10.10  ? 1410 LEU A C   1 
ATOM   815  O O   . LEU A 1 119 ? 4.969   -3.365  5.494   1.00 11.02  ? 1410 LEU A O   1 
ATOM   816  C CB  . LEU A 1 119 ? 7.718   -1.658  4.691   1.00 11.99  ? 1410 LEU A CB  1 
ATOM   817  C CG  . LEU A 1 119 ? 6.732   -0.489  4.771   1.00 12.89  ? 1410 LEU A CG  1 
ATOM   818  C CD1 . LEU A 1 119 ? 6.819   0.132   6.181   1.00 14.87  ? 1410 LEU A CD1 1 
ATOM   819  C CD2 . LEU A 1 119 ? 7.087   0.550   3.739   1.00 13.57  ? 1410 LEU A CD2 1 
ATOM   820  N N   . SER A 1 120 ? 6.309   -4.530  4.089   1.00 10.48  ? 1411 SER A N   1 
ATOM   821  C CA  . SER A 1 120 ? 5.201   -5.350  3.547   1.00 10.49  ? 1411 SER A CA  1 
ATOM   822  C C   . SER A 1 120 ? 4.584   -6.166  4.691   1.00 11.28  ? 1411 SER A C   1 
ATOM   823  O O   . SER A 1 120 ? 3.335   -6.291  4.772   1.00 10.98  ? 1411 SER A O   1 
ATOM   824  C CB  . SER A 1 120 ? 5.717   -6.242  2.423   1.00 10.69  ? 1411 SER A CB  1 
ATOM   825  O OG  . SER A 1 120 ? 4.718   -7.174  1.979   1.00 13.25  ? 1411 SER A OG  1 
ATOM   826  N N   . ALA A 1 121 ? 5.398   -6.823  5.547   1.00 10.64  ? 1412 ALA A N   1 
ATOM   827  C CA  . ALA A 1 121 ? 4.844   -7.633  6.658   1.00 11.49  ? 1412 ALA A CA  1 
ATOM   828  C C   . ALA A 1 121 ? 4.018   -6.758  7.589   1.00 9.84   ? 1412 ALA A C   1 
ATOM   829  O O   . ALA A 1 121 ? 2.949   -7.166  8.039   1.00 11.35  ? 1412 ALA A O   1 
ATOM   830  C CB  . ALA A 1 121 ? 5.968   -8.329  7.407   1.00 12.32  ? 1412 ALA A CB  1 
ATOM   831  N N   . PHE A 1 122 ? 4.519   -5.539  7.864   1.00 10.82  ? 1413 PHE A N   1 
ATOM   832  C CA  . PHE A 1 122 ? 3.774   -4.590  8.738   1.00 10.39  ? 1413 PHE A CA  1 
ATOM   833  C C   . PHE A 1 122 ? 2.436   -4.237  8.083   1.00 10.92  ? 1413 PHE A C   1 
ATOM   834  O O   . PHE A 1 122 ? 1.375   -4.227  8.737   1.00 11.80  ? 1413 PHE A O   1 
ATOM   835  C CB  . PHE A 1 122 ? 4.640   -3.369  9.032   1.00 10.96  ? 1413 PHE A CB  1 
ATOM   836  C CG  . PHE A 1 122 ? 3.942   -2.305  9.813   1.00 12.16  ? 1413 PHE A CG  1 
ATOM   837  C CD1 . PHE A 1 122 ? 3.846   -2.373  11.204  1.00 15.49  ? 1413 PHE A CD1 1 
ATOM   838  C CD2 . PHE A 1 122 ? 3.366   -1.203  9.187   1.00 13.46  ? 1413 PHE A CD2 1 
ATOM   839  C CE1 . PHE A 1 122 ? 3.148   -1.389  11.915  1.00 16.77  ? 1413 PHE A CE1 1 
ATOM   840  C CE2 . PHE A 1 122 ? 2.739   -0.198  9.928   1.00 15.25  ? 1413 PHE A CE2 1 
ATOM   841  C CZ  . PHE A 1 122 ? 2.649   -0.281  11.298  1.00 16.91  ? 1413 PHE A CZ  1 
ATOM   842  N N   . PHE A 1 123 ? 2.468   -3.838  6.792   1.00 11.03  ? 1414 PHE A N   1 
ATOM   843  C CA  . PHE A 1 123 ? 1.260   -3.468  6.060   1.00 10.78  ? 1414 PHE A CA  1 
ATOM   844  C C   . PHE A 1 123 ? 0.250   -4.613  6.064   1.00 10.93  ? 1414 PHE A C   1 
ATOM   845  O O   . PHE A 1 123 ? -0.949  -4.386  6.369   1.00 11.82  ? 1414 PHE A O   1 
ATOM   846  C CB  . PHE A 1 123 ? 1.591   -3.023  4.630   1.00 11.60  ? 1414 PHE A CB  1 
ATOM   847  C CG  . PHE A 1 123 ? 0.366   -2.786  3.775   1.00 11.18  ? 1414 PHE A CG  1 
ATOM   848  C CD1 . PHE A 1 123 ? -0.365  -1.641  3.939   1.00 12.08  ? 1414 PHE A CD1 1 
ATOM   849  C CD2 . PHE A 1 123 ? -0.044  -3.742  2.844   1.00 12.38  ? 1414 PHE A CD2 1 
ATOM   850  C CE1 . PHE A 1 123 ? -1.511  -1.434  3.162   1.00 12.04  ? 1414 PHE A CE1 1 
ATOM   851  C CE2 . PHE A 1 123 ? -1.207  -3.534  2.099   1.00 13.23  ? 1414 PHE A CE2 1 
ATOM   852  C CZ  . PHE A 1 123 ? -1.927  -2.393  2.280   1.00 13.12  ? 1414 PHE A CZ  1 
ATOM   853  N N   . GLU A 1 124 ? 0.669   -5.826  5.723   1.00 10.78  ? 1415 GLU A N   1 
ATOM   854  C CA  . GLU A 1 124 ? -0.266  -6.962  5.638   1.00 11.93  ? 1415 GLU A CA  1 
ATOM   855  C C   . GLU A 1 124 ? -0.878  -7.268  6.998   1.00 12.78  ? 1415 GLU A C   1 
ATOM   856  O O   . GLU A 1 124 ? -2.061  -7.589  7.080   1.00 14.07  ? 1415 GLU A O   1 
ATOM   857  C CB  . GLU A 1 124 ? 0.409   -8.215  5.069   1.00 13.43  ? 1415 GLU A CB  1 
ATOM   858  C CG  . GLU A 1 124 ? 0.830   -8.033  3.603   1.00 14.47  ? 1415 GLU A CG  1 
ATOM   859  C CD  . GLU A 1 124 ? -0.305  -7.880  2.578   1.00 16.10  ? 1415 GLU A CD  1 
ATOM   860  O OE1 . GLU A 1 124 ? -1.422  -8.414  2.827   1.00 17.71  ? 1415 GLU A OE1 1 
ATOM   861  O OE2 . GLU A 1 124 ? -0.107  -7.213  1.526   1.00 15.08  ? 1415 GLU A OE2 1 
ATOM   862  N N   . GLU A 1 125 ? -0.106  -7.161  8.080   1.00 12.23  ? 1416 GLU A N   1 
ATOM   863  C CA  . GLU A 1 125 ? -0.611  -7.419  9.443   1.00 13.26  ? 1416 GLU A CA  1 
ATOM   864  C C   . GLU A 1 125 ? -1.758  -6.447  9.755   1.00 13.86  ? 1416 GLU A C   1 
ATOM   865  O O   . GLU A 1 125 ? -2.757  -6.853  10.387  1.00 15.05  ? 1416 GLU A O   1 
ATOM   866  C CB  . GLU A 1 125 ? 0.592   -7.226  10.378  1.00 12.80  ? 1416 GLU A CB  1 
ATOM   867  C CG  . GLU A 1 125 ? 0.283   -7.265  11.887  1.00 13.83  ? 1416 GLU A CG  1 
ATOM   868  C CD  . GLU A 1 125 ? 1.570   -7.103  12.686  1.00 14.26  ? 1416 GLU A CD  1 
ATOM   869  O OE1 . GLU A 1 125 ? 2.449   -7.994  12.578  1.00 15.60  ? 1416 GLU A OE1 1 
ATOM   870  O OE2 . GLU A 1 125 ? 1.778   -6.054  13.315  1.00 16.78  ? 1416 GLU A OE2 1 
ATOM   871  N N   . HIS A 1 126 ? -1.655  -5.195  9.337   1.00 12.97  ? 1417 HIS A N   1 
ATOM   872  C CA  . HIS A 1 126 ? -2.631  -4.134  9.675   1.00 14.65  ? 1417 HIS A CA  1 
ATOM   873  C C   . HIS A 1 126 ? -3.793  -4.045  8.671   1.00 14.00  ? 1417 HIS A C   1 
ATOM   874  O O   . HIS A 1 126 ? -4.910  -3.698  9.107   1.00 16.76  ? 1417 HIS A O   1 
ATOM   875  C CB  . HIS A 1 126 ? -1.902  -2.796  9.831   1.00 16.29  ? 1417 HIS A CB  1 
ATOM   876  C CG  . HIS A 1 126 ? -1.152  -2.689  11.112  1.00 18.04  ? 1417 HIS A CG  1 
ATOM   877  N ND1 . HIS A 1 126 ? 0.050   -3.319  11.375  1.00 19.08  ? 1417 HIS A ND1 1 
ATOM   878  C CD2 . HIS A 1 126 ? -1.432  -1.904  12.172  1.00 24.06  ? 1417 HIS A CD2 1 
ATOM   879  C CE1 . HIS A 1 126 ? 0.337   -3.094  12.663  1.00 19.51  ? 1417 HIS A CE1 1 
ATOM   880  N NE2 . HIS A 1 126 ? -0.439  -2.133  13.094  1.00 26.73  ? 1417 HIS A NE2 1 
ATOM   881  N N   . ILE A 1 127 ? -3.587  -4.343  7.392   1.00 12.76  ? 1418 ILE A N   1 
ATOM   882  C CA  . ILE A 1 127 ? -4.680  -4.187  6.397   1.00 13.47  ? 1418 ILE A CA  1 
ATOM   883  C C   . ILE A 1 127 ? -5.707  -5.329  6.485   1.00 13.27  ? 1418 ILE A C   1 
ATOM   884  O O   . ILE A 1 127 ? -6.835  -5.152  6.060   1.00 12.46  ? 1418 ILE A O   1 
ATOM   885  C CB  . ILE A 1 127 ? -4.116  -4.045  4.971   1.00 11.83  ? 1418 ILE A CB  1 
ATOM   886  C CG1 . ILE A 1 127 ? -5.073  -3.336  3.992   1.00 13.32  ? 1418 ILE A CG1 1 
ATOM   887  C CG2 . ILE A 1 127 ? -3.709  -5.373  4.403   1.00 13.00  ? 1418 ILE A CG2 1 
ATOM   888  C CD1 . ILE A 1 127 ? -5.399  -1.921  4.303   1.00 14.84  ? 1418 ILE A CD1 1 
ATOM   889  N N   A SER A 1 128 ? -5.356  -6.505  7.022   0.25 12.28  ? 1419 SER A N   1 
ATOM   890  N N   B SER A 1 128 ? -5.313  -6.474  7.052   0.25 12.61  ? 1419 SER A N   1 
ATOM   891  C CA  A SER A 1 128 ? -6.277  -7.679  7.011   0.25 12.74  ? 1419 SER A CA  1 
ATOM   892  C CA  B SER A 1 128 ? -6.164  -7.690  7.159   0.25 13.53  ? 1419 SER A CA  1 
ATOM   893  C C   A SER A 1 128 ? -7.622  -7.351  7.710   0.25 12.90  ? 1419 SER A C   1 
ATOM   894  C C   B SER A 1 128 ? -7.560  -7.349  7.713   0.25 13.60  ? 1419 SER A C   1 
ATOM   895  O O   A SER A 1 128 ? -8.681  -7.689  7.160   0.25 12.38  ? 1419 SER A O   1 
ATOM   896  O O   B SER A 1 128 ? -8.555  -7.685  7.059   0.25 13.97  ? 1419 SER A O   1 
ATOM   897  C CB  A SER A 1 128 ? -5.603  -8.890  7.604   0.25 13.65  ? 1419 SER A CB  1 
ATOM   898  C CB  B SER A 1 128 ? -5.465  -8.731  8.000   0.25 14.44  ? 1419 SER A CB  1 
ATOM   899  O OG  A SER A 1 128 ? -5.142  -8.585  8.901   0.25 15.51  ? 1419 SER A OG  1 
ATOM   900  O OG  B SER A 1 128 ? -6.338  -9.826  8.242   0.25 17.48  ? 1419 SER A OG  1 
ATOM   901  N N   . SER A 1 129 ? -7.627  -6.674  8.853   1.00 12.30  ? 1420 SER A N   1 
ATOM   902  C CA  . SER A 1 129 ? -8.898  -6.371  9.537   1.00 14.04  ? 1420 SER A CA  1 
ATOM   903  C C   . SER A 1 129 ? -9.672  -5.315  8.718   1.00 13.43  ? 1420 SER A C   1 
ATOM   904  O O   . SER A 1 129 ? -10.901 -5.313  8.774   1.00 13.40  ? 1420 SER A O   1 
ATOM   905  C CB  . SER A 1 129 ? -8.684  -5.927  10.957  1.00 16.52  ? 1420 SER A CB  1 
ATOM   906  O OG  . SER A 1 129 ? -7.924  -4.743  11.061  1.00 22.44  ? 1420 SER A OG  1 
ATOM   907  N N   . VAL A 1 130 ? -8.967  -4.352  8.101   1.00 11.91  ? 1421 VAL A N   1 
ATOM   908  C CA  . VAL A 1 130 ? -9.640  -3.299  7.274   1.00 11.66  ? 1421 VAL A CA  1 
ATOM   909  C C   . VAL A 1 130 ? -10.388 -3.980  6.151   1.00 11.39  ? 1421 VAL A C   1 
ATOM   910  O O   . VAL A 1 130 ? -11.604 -3.688  5.916   1.00 12.04  ? 1421 VAL A O   1 
ATOM   911  C CB  . VAL A 1 130 ? -8.629  -2.328  6.714   1.00 11.48  ? 1421 VAL A CB  1 
ATOM   912  C CG1 . VAL A 1 130 ? -9.300  -1.303  5.832   1.00 11.93  ? 1421 VAL A CG1 1 
ATOM   913  C CG2 . VAL A 1 130 ? -7.845  -1.682  7.817   1.00 12.74  ? 1421 VAL A CG2 1 
ATOM   914  N N   . LEU A 1 131 ? -9.768  -4.948  5.456   1.00 11.98  ? 1422 LEU A N   1 
ATOM   915  C CA  . LEU A 1 131 ? -10.443 -5.651  4.355   1.00 11.56  ? 1422 LEU A CA  1 
ATOM   916  C C   . LEU A 1 131 ? -11.594 -6.496  4.868   1.00 11.40  ? 1422 LEU A C   1 
ATOM   917  O O   . LEU A 1 131 ? -12.690 -6.503  4.266   1.00 12.48  ? 1422 LEU A O   1 
ATOM   918  C CB  . LEU A 1 131 ? -9.437  -6.556  3.610   1.00 12.39  ? 1422 LEU A CB  1 
ATOM   919  C CG  . LEU A 1 131 ? -8.318  -5.842  2.846   1.00 13.29  ? 1422 LEU A CG  1 
ATOM   920  C CD1 . LEU A 1 131 ? -7.219  -6.815  2.439   1.00 14.54  ? 1422 LEU A CD1 1 
ATOM   921  C CD2 . LEU A 1 131 ? -8.886  -5.093  1.661   1.00 15.60  ? 1422 LEU A CD2 1 
ATOM   922  N N   A SER A 1 132 ? -11.353 -7.244  5.943   0.40 12.36  ? 1423 SER A N   1 
ATOM   923  N N   B SER A 1 132 ? -11.357 -7.215  5.963   0.10 12.43  ? 1423 SER A N   1 
ATOM   924  C CA  A SER A 1 132 ? -12.397 -8.146  6.502   0.40 13.01  ? 1423 SER A CA  1 
ATOM   925  C CA  B SER A 1 132 ? -12.345 -8.147  6.561   0.10 13.03  ? 1423 SER A CA  1 
ATOM   926  C C   A SER A 1 132 ? -13.631 -7.327  6.903   0.40 13.07  ? 1423 SER A C   1 
ATOM   927  C C   B SER A 1 132 ? -13.600 -7.382  6.996   0.10 13.10  ? 1423 SER A C   1 
ATOM   928  O O   A SER A 1 132 ? -14.790 -7.735  6.554   0.40 12.69  ? 1423 SER A O   1 
ATOM   929  O O   B SER A 1 132 ? -14.719 -7.878  6.777   0.10 13.14  ? 1423 SER A O   1 
ATOM   930  C CB  A SER A 1 132 ? -11.899 -8.935  7.685   0.40 13.50  ? 1423 SER A CB  1 
ATOM   931  C CB  B SER A 1 132 ? -11.743 -8.884  7.710   0.10 13.51  ? 1423 SER A CB  1 
ATOM   932  O OG  A SER A 1 132 ? -10.912 -9.866  7.288   0.40 14.71  ? 1423 SER A OG  1 
ATOM   933  O OG  B SER A 1 132 ? -12.352 -10.151 7.821   0.10 14.54  ? 1423 SER A OG  1 
ATOM   934  N N   . ASP A 1 133 ? -13.416 -6.218  7.614   1.00 13.20  ? 1424 ASP A N   1 
ATOM   935  C CA  . ASP A 1 133 ? -14.561 -5.402  8.095   1.00 12.89  ? 1424 ASP A CA  1 
ATOM   936  C C   . ASP A 1 133 ? -15.323 -4.796  6.918   1.00 12.63  ? 1424 ASP A C   1 
ATOM   937  O O   . ASP A 1 133 ? -16.563 -4.809  6.905   1.00 12.42  ? 1424 ASP A O   1 
ATOM   938  C CB  . ASP A 1 133 ? -14.132 -4.305  9.047   1.00 14.60  ? 1424 ASP A CB  1 
ATOM   939  C CG  . ASP A 1 133 ? -13.642 -4.738  10.418  1.00 18.71  ? 1424 ASP A CG  1 
ATOM   940  O OD1 . ASP A 1 133 ? -13.707 -5.936  10.761  1.00 19.17  ? 1424 ASP A OD1 1 
ATOM   941  O OD2 . ASP A 1 133 ? -13.239 -3.856  11.178  1.00 24.71  ? 1424 ASP A OD2 1 
ATOM   942  N N   . TYR A 1 134 ? -14.628 -4.312  5.886   1.00 11.08  ? 1425 TYR A N   1 
ATOM   943  C CA  . TYR A 1 134 ? -15.287 -3.720  4.706   1.00 11.39  ? 1425 TYR A CA  1 
ATOM   944  C C   . TYR A 1 134 ? -16.123 -4.798  4.045   1.00 12.39  ? 1425 TYR A C   1 
ATOM   945  O O   . TYR A 1 134 ? -17.299 -4.578  3.681   1.00 11.62  ? 1425 TYR A O   1 
ATOM   946  C CB  . TYR A 1 134 ? -14.265 -3.109  3.730   1.00 11.04  ? 1425 TYR A CB  1 
ATOM   947  C CG  . TYR A 1 134 ? -14.888 -2.634  2.474   1.00 12.23  ? 1425 TYR A CG  1 
ATOM   948  C CD1 . TYR A 1 134 ? -15.571 -1.429  2.428   1.00 13.18  ? 1425 TYR A CD1 1 
ATOM   949  C CD2 . TYR A 1 134 ? -14.815 -3.407  1.344   1.00 13.86  ? 1425 TYR A CD2 1 
ATOM   950  C CE1 . TYR A 1 134 ? -16.154 -0.976  1.259   1.00 14.45  ? 1425 TYR A CE1 1 
ATOM   951  C CE2 . TYR A 1 134 ? -15.362 -2.948  0.166   1.00 14.61  ? 1425 TYR A CE2 1 
ATOM   952  C CZ  . TYR A 1 134 ? -16.041 -1.758  0.126   1.00 14.07  ? 1425 TYR A CZ  1 
ATOM   953  O OH  . TYR A 1 134 ? -16.606 -1.238  -1.029  1.00 19.02  ? 1425 TYR A OH  1 
ATOM   954  N N   . LYS A 1 135 ? -15.537 -5.977  3.779   1.00 12.23  ? 1426 LYS A N   1 
ATOM   955  C CA  . LYS A 1 135 ? -16.290 -7.016  3.048   1.00 11.01  ? 1426 LYS A CA  1 
ATOM   956  C C   . LYS A 1 135 ? -17.498 -7.476  3.856   1.00 11.25  ? 1426 LYS A C   1 
ATOM   957  O O   . LYS A 1 135 ? -18.555 -7.732  3.268   1.00 11.46  ? 1426 LYS A O   1 
ATOM   958  C CB  . LYS A 1 135 ? -15.359 -8.173  2.649   1.00 13.19  ? 1426 LYS A CB  1 
ATOM   959  C CG  . LYS A 1 135 ? -14.297 -7.739  1.622   1.00 14.49  ? 1426 LYS A CG  1 
ATOM   960  C CD  . LYS A 1 135 ? -13.286 -8.879  1.340   1.00 15.17  ? 1426 LYS A CD  1 
ATOM   961  C CE  . LYS A 1 135 ? -12.182 -8.459  0.385   1.00 19.45  ? 1426 LYS A CE  1 
ATOM   962  N NZ  . LYS A 1 135 ? -11.532 -9.633  -0.257  1.00 24.93  ? 1426 LYS A NZ  1 
ATOM   963  N N   A SER A 1 136 ? -17.345 -7.558  5.168   0.40 11.38  ? 1427 SER A N   1 
ATOM   964  N N   B SER A 1 136 ? -17.395 -7.540  5.178   0.10 11.40  ? 1427 SER A N   1 
ATOM   965  C CA  A SER A 1 136 ? -18.469 -7.921  6.076   0.40 12.71  ? 1427 SER A CA  1 
ATOM   966  C CA  B SER A 1 136 ? -18.538 -7.982  6.017   0.10 11.79  ? 1427 SER A CA  1 
ATOM   967  C C   A SER A 1 136 ? -19.599 -6.873  5.989   0.40 12.37  ? 1427 SER A C   1 
ATOM   968  C C   B SER A 1 136 ? -19.600 -6.869  6.124   0.10 11.97  ? 1427 SER A C   1 
ATOM   969  O O   A SER A 1 136 ? -20.796 -7.217  5.847   0.40 11.26  ? 1427 SER A O   1 
ATOM   970  O O   B SER A 1 136 ? -20.777 -7.207  6.302   0.10 12.06  ? 1427 SER A O   1 
ATOM   971  C CB  A SER A 1 136 ? -17.946 -8.046  7.449   0.40 12.93  ? 1427 SER A CB  1 
ATOM   972  C CB  B SER A 1 136 ? -18.063 -8.472  7.344   0.10 11.72  ? 1427 SER A CB  1 
ATOM   973  O OG  A SER A 1 136 ? -19.004 -8.042  8.400   0.40 17.70  ? 1427 SER A OG  1 
ATOM   974  O OG  B SER A 1 136 ? -17.600 -7.402  8.142   0.10 12.27  ? 1427 SER A OG  1 
ATOM   975  N N   . ALA A 1 137 ? -19.225 -5.592  5.967   1.00 12.14  ? 1428 ALA A N   1 
ATOM   976  C CA  . ALA A 1 137 ? -20.186 -4.458  5.888   1.00 12.42  ? 1428 ALA A CA  1 
ATOM   977  C C   . ALA A 1 137 ? -20.895 -4.525  4.579   1.00 12.80  ? 1428 ALA A C   1 
ATOM   978  O O   . ALA A 1 137 ? -22.139 -4.334  4.525   1.00 14.71  ? 1428 ALA A O   1 
ATOM   979  C CB  . ALA A 1 137 ? -19.461 -3.143  5.987   1.00 13.30  ? 1428 ALA A CB  1 
ATOM   980  N N   . LEU A 1 138 ? -20.274 -4.845  3.471   1.00 13.25  ? 1429 LEU A N   1 
ATOM   981  C CA  . LEU A 1 138 ? -20.963 -4.906  2.209   1.00 15.69  ? 1429 LEU A CA  1 
ATOM   982  C C   . LEU A 1 138 ? -21.905 -6.097  2.186   1.00 13.39  ? 1429 LEU A C   1 
ATOM   983  O O   . LEU A 1 138 ? -23.018 -5.986  1.627   1.00 13.91  ? 1429 LEU A O   1 
ATOM   984  C CB  . LEU A 1 138 ? -19.949 -5.019  1.082   1.00 22.18  ? 1429 LEU A CB  1 
ATOM   985  C CG  . LEU A 1 138 ? -20.120 -4.095  -0.097  1.00 29.16  ? 1429 LEU A CG  1 
ATOM   986  C CD1 . LEU A 1 138 ? -20.299 -2.635  0.281   1.00 27.60  ? 1429 LEU A CD1 1 
ATOM   987  C CD2 . LEU A 1 138 ? -18.928 -4.314  -1.010  1.00 25.83  ? 1429 LEU A CD2 1 
ATOM   988  N N   . ARG A 1 139 ? -21.482 -7.247  2.753   1.00 12.45  ? 1430 ARG A N   1 
ATOM   989  C CA  . ARG A 1 139 ? -22.399 -8.402  2.806   1.00 12.48  ? 1430 ARG A CA  1 
ATOM   990  C C   . ARG A 1 139 ? -23.631 -8.037  3.654   1.00 11.66  ? 1430 ARG A C   1 
ATOM   991  O O   . ARG A 1 139 ? -24.777 -8.400  3.236   1.00 13.51  ? 1430 ARG A O   1 
ATOM   992  C CB  . ARG A 1 139 ? -21.723 -9.644  3.371   1.00 12.90  ? 1430 ARG A CB  1 
ATOM   993  C CG  . ARG A 1 139 ? -20.656 -10.252 2.443   1.00 12.61  ? 1430 ARG A CG  1 
ATOM   994  C CD  . ARG A 1 139 ? -20.132 -11.590 2.948   1.00 13.25  ? 1430 ARG A CD  1 
ATOM   995  N NE  . ARG A 1 139 ? -19.396 -11.528 4.180   1.00 13.53  ? 1430 ARG A NE  1 
ATOM   996  C CZ  . ARG A 1 139 ? -18.055 -11.434 4.383   1.00 12.08  ? 1430 ARG A CZ  1 
ATOM   997  N NH1 . ARG A 1 139 ? -17.265 -11.224 3.331   1.00 14.23  ? 1430 ARG A NH1 1 
ATOM   998  N NH2 . ARG A 1 139 ? -17.548 -11.502 5.605   1.00 13.12  ? 1430 ARG A NH2 1 
ATOM   999  N N   . PHE A 1 140 ? -23.456 -7.358  4.778   1.00 10.94  ? 1431 PHE A N   1 
ATOM   1000 C CA  . PHE A 1 140 ? -24.610 -6.970  5.617   1.00 12.64  ? 1431 PHE A CA  1 
ATOM   1001 C C   . PHE A 1 140 ? -25.546 -6.012  4.856   1.00 12.21  ? 1431 PHE A C   1 
ATOM   1002 O O   . PHE A 1 140 ? -26.773 -6.182  4.853   1.00 13.76  ? 1431 PHE A O   1 
ATOM   1003 C CB  . PHE A 1 140 ? -24.132 -6.343  6.914   1.00 12.57  ? 1431 PHE A CB  1 
ATOM   1004 C CG  . PHE A 1 140 ? -25.240 -6.090  7.900   1.00 14.48  ? 1431 PHE A CG  1 
ATOM   1005 C CD1 . PHE A 1 140 ? -25.769 -7.126  8.680   1.00 16.63  ? 1431 PHE A CD1 1 
ATOM   1006 C CD2 . PHE A 1 140 ? -25.814 -4.839  8.016   1.00 15.40  ? 1431 PHE A CD2 1 
ATOM   1007 C CE1 . PHE A 1 140 ? -26.794 -6.862  9.600   1.00 17.66  ? 1431 PHE A CE1 1 
ATOM   1008 C CE2 . PHE A 1 140 ? -26.838 -4.603  8.931   1.00 17.92  ? 1431 PHE A CE2 1 
ATOM   1009 C CZ  . PHE A 1 140 ? -27.295 -5.605  9.740   1.00 18.38  ? 1431 PHE A CZ  1 
ATOM   1010 N N   . HIS A 1 141 ? -24.973 -5.120  4.055   1.00 13.44  ? 1432 HIS A N   1 
ATOM   1011 C CA  . HIS A 1 141 ? -25.795 -4.185  3.231   1.00 15.26  ? 1432 HIS A CA  1 
ATOM   1012 C C   . HIS A 1 141 ? -26.694 -4.957  2.246   1.00 18.83  ? 1432 HIS A C   1 
ATOM   1013 O O   . HIS A 1 141 ? -27.853 -4.517  2.002   1.00 19.33  ? 1432 HIS A O   1 
ATOM   1014 C CB  . HIS A 1 141 ? -24.886 -3.225  2.488   1.00 17.16  ? 1432 HIS A CB  1 
ATOM   1015 C CG  . HIS A 1 141 ? -25.647 -2.093  1.850   1.00 16.39  ? 1432 HIS A CG  1 
ATOM   1016 N ND1 . HIS A 1 141 ? -26.169 -1.062  2.644   1.00 15.13  ? 1432 HIS A ND1 1 
ATOM   1017 C CD2 . HIS A 1 141 ? -25.923 -1.806  0.556   1.00 18.41  ? 1432 HIS A CD2 1 
ATOM   1018 C CE1 . HIS A 1 141 ? -26.771 -0.181  1.828   1.00 15.55  ? 1432 HIS A CE1 1 
ATOM   1019 N NE2 . HIS A 1 141 ? -26.604 -0.600  0.561   1.00 16.36  ? 1432 HIS A NE2 1 
ATOM   1020 N N   . LYS A 1 142 ? -26.214 -6.081  1.695   1.00 19.58  ? 1433 LYS A N   1 
ATOM   1021 C CA  . LYS A 1 142 ? -26.958 -6.907  0.692   1.00 21.78  ? 1433 LYS A CA  1 
ATOM   1022 C C   . LYS A 1 142 ? -27.759 -8.037  1.363   1.00 22.54  ? 1433 LYS A C   1 
ATOM   1023 O O   . LYS A 1 142 ? -28.410 -8.806  0.605   1.00 26.51  ? 1433 LYS A O   1 
ATOM   1024 C CB  . LYS A 1 142 ? -26.006 -7.499  -0.360  1.00 24.67  ? 1433 LYS A CB  1 
ATOM   1025 C CG  . LYS A 1 142 ? -24.963 -8.478  0.162   1.00 25.85  ? 1433 LYS A CG  1 
ATOM   1026 C CD  . LYS A 1 142 ? -24.218 -9.292  -0.902  1.00 26.61  ? 1433 LYS A CD  1 
ATOM   1027 C CE  . LYS A 1 142 ? -22.966 -9.963  -0.366  1.00 26.04  ? 1433 LYS A CE  1 
ATOM   1028 N NZ  . LYS A 1 142 ? -22.187 -10.690 -1.398  1.00 27.36  ? 1433 LYS A NZ  1 
ATOM   1029 N N   . ARG A 1 143 ? -27.782 -8.128  2.698   1.00 22.51  ? 1434 ARG A N   1 
ATOM   1030 C CA  . ARG A 1 143 ? -28.337 -9.308  3.421   1.00 24.37  ? 1434 ARG A CA  1 
ATOM   1031 C C   . ARG A 1 143 ? -29.803 -9.636  3.073   1.00 32.81  ? 1434 ARG A C   1 
ATOM   1032 O O   . ARG A 1 143 ? -30.230 -10.774 3.351   1.00 35.34  ? 1434 ARG A O   1 
ATOM   1033 C CB  . ARG A 1 143 ? -28.203 -9.129  4.923   1.00 21.41  ? 1434 ARG A CB  1 
ATOM   1034 C CG  . ARG A 1 143 ? -29.196 -8.135  5.499   1.00 21.31  ? 1434 ARG A CG  1 
ATOM   1035 C CD  . ARG A 1 143 ? -28.841 -7.771  6.902   1.00 21.35  ? 1434 ARG A CD  1 
ATOM   1036 N NE  . ARG A 1 143 ? -29.764 -6.809  7.485   1.00 21.62  ? 1434 ARG A NE  1 
ATOM   1037 C CZ  . ARG A 1 143 ? -29.799 -5.516  7.259   1.00 21.11  ? 1434 ARG A CZ  1 
ATOM   1038 N NH1 . ARG A 1 143 ? -28.931 -4.942  6.441   1.00 17.44  ? 1434 ARG A NH1 1 
ATOM   1039 N NH2 . ARG A 1 143 ? -30.694 -4.751  7.873   1.00 23.88  ? 1434 ARG A NH2 1 
ATOM   1040 N N   . ASN A 1 144 ? -30.503 -8.691  2.439   1.00 33.59  ? 1435 ASN A N   1 
ATOM   1041 C CA  . ASN A 1 144 ? -31.887 -8.847  1.905   1.00 38.03  ? 1435 ASN A CA  1 
ATOM   1042 C C   . ASN A 1 144 ? -31.907 -8.352  0.453   1.00 38.62  ? 1435 ASN A C   1 
ATOM   1043 O O   . ASN A 1 144 ? -32.720 -7.445  0.160   1.00 40.06  ? 1435 ASN A O   1 
ATOM   1044 C CB  . ASN A 1 144 ? -32.916 -8.104  2.765   1.00 39.62  ? 1435 ASN A CB  1 
ATOM   1045 C CG  . ASN A 1 144 ? -32.914 -8.552  4.212   1.00 41.71  ? 1435 ASN A CG  1 
ATOM   1046 O OD1 . ASN A 1 144 ? -32.762 -9.737  4.499   1.00 42.58  ? 1435 ASN A OD1 1 
ATOM   1047 N ND2 . ASN A 1 144 ? -33.080 -7.611  5.131   1.00 41.27  ? 1435 ASN A ND2 1 
HETATM 1048 N N1  . ZJ8 B 2 .   ? 13.356  6.023   -4.023  0.60 28.55  ? 1901 ZJ8 A N1  1 
HETATM 1049 N N3  . ZJ8 B 2 .   ? 13.813  1.306   -5.405  0.60 24.71  ? 1901 ZJ8 A N3  1 
HETATM 1050 C C4  . ZJ8 B 2 .   ? 14.258  5.382   -4.734  0.60 28.17  ? 1901 ZJ8 A C4  1 
HETATM 1051 C C5  . ZJ8 B 2 .   ? 13.278  3.192   -3.991  0.60 24.77  ? 1901 ZJ8 A C5  1 
HETATM 1052 C C6  . ZJ8 B 2 .   ? 12.710  2.122   -4.895  0.60 25.28  ? 1901 ZJ8 A C6  1 
HETATM 1053 C C7  . ZJ8 B 2 .   ? 14.756  2.116   -6.187  0.60 25.65  ? 1901 ZJ8 A C7  1 
HETATM 1054 C C8  . ZJ8 B 2 .   ? 15.320  3.240   -5.334  0.60 26.99  ? 1901 ZJ8 A C8  1 
HETATM 1055 C C10 . ZJ8 B 2 .   ? 15.119  -0.767  -5.092  0.60 21.76  ? 1901 ZJ8 A C10 1 
HETATM 1056 C C13 . ZJ8 B 2 .   ? 17.294  -1.028  -5.132  0.60 22.99  ? 1901 ZJ8 A C13 1 
HETATM 1057 C C1  . ZJ8 B 2 .   ? 11.930  8.237   -1.996  0.60 30.33  ? 1901 ZJ8 A C1  1 
HETATM 1058 C C11 . ZJ8 B 2 .   ? 15.356  -2.086  -4.879  0.60 21.86  ? 1901 ZJ8 A C11 1 
HETATM 1059 C C12 . ZJ8 B 2 .   ? 16.760  -2.265  -4.891  0.60 21.11  ? 1901 ZJ8 A C12 1 
HETATM 1060 C C2  . ZJ8 B 2 .   ? 13.304  8.056   -2.618  0.60 30.05  ? 1901 ZJ8 A C2  1 
HETATM 1061 C C3  . ZJ8 B 2 .   ? 13.221  7.482   -4.016  0.60 29.64  ? 1901 ZJ8 A C3  1 
HETATM 1062 C C9  . ZJ8 B 2 .   ? 13.873  -0.015  -5.140  0.60 22.69  ? 1901 ZJ8 A C9  1 
HETATM 1063 N N2  . ZJ8 B 2 .   ? 14.256  4.023   -4.701  0.60 26.56  ? 1901 ZJ8 A N2  1 
HETATM 1064 O O1  . ZJ8 B 2 .   ? 15.102  6.004   -5.397  0.60 27.53  ? 1901 ZJ8 A O1  1 
HETATM 1065 O O2  . ZJ8 B 2 .   ? 12.840  -0.617  -4.860  0.60 21.76  ? 1901 ZJ8 A O2  1 
HETATM 1066 O O3  . ZJ8 B 2 .   ? 16.304  -0.097  -5.242  0.60 21.71  ? 1901 ZJ8 A O3  1 
HETATM 1067 O O   . HOH C 3 .   ? 15.105  7.962   -6.458  0.60 36.55  ? 2001 HOH A O   1 
HETATM 1068 O O   . HOH C 3 .   ? 21.650  -12.244 -2.552  1.00 47.34  ? 2002 HOH A O   1 
HETATM 1069 O O   . HOH C 3 .   ? 5.247   12.945  -4.578  0.60 31.56  ? 2003 HOH A O   1 
HETATM 1070 O O   . HOH C 3 .   ? -31.562 -10.946 6.156   1.00 36.89  ? 2004 HOH A O   1 
HETATM 1071 O O   . HOH C 3 .   ? -19.975 1.252   -7.637  1.00 36.42  ? 2005 HOH A O   1 
HETATM 1072 O O   . HOH C 3 .   ? 18.730  13.126  -5.380  1.00 50.92  ? 2006 HOH A O   1 
HETATM 1073 O O   . HOH C 3 .   ? -17.674 0.950   -1.189  1.00 33.33  ? 2007 HOH A O   1 
HETATM 1074 O O   . HOH C 3 .   ? 17.524  -2.946  5.590   1.00 30.55  ? 2008 HOH A O   1 
HETATM 1075 O O   . HOH C 3 .   ? 14.222  3.856   -19.762 1.00 35.63  ? 2009 HOH A O   1 
HETATM 1076 O O   . HOH C 3 .   ? 17.830  8.040   -3.722  0.60 30.76  ? 2010 HOH A O   1 
HETATM 1077 O O   . HOH C 3 .   ? 11.002  -0.108  -6.866  1.00 15.58  ? 2011 HOH A O   1 
HETATM 1078 O O   . HOH C 3 .   ? 11.629  -14.342 -2.726  1.00 36.86  ? 2012 HOH A O   1 
HETATM 1079 O O   . HOH C 3 .   ? 13.193  -7.912  -12.705 1.00 21.23  ? 2013 HOH A O   1 
HETATM 1080 O O   . HOH C 3 .   ? -4.865  3.840   -8.408  1.00 34.30  ? 2014 HOH A O   1 
HETATM 1081 O O   . HOH C 3 .   ? 5.819   6.401   -8.061  0.60 16.82  ? 2015 HOH A O   1 
HETATM 1082 O O   . HOH C 3 .   ? 19.132  -8.423  3.715   1.00 44.63  ? 2016 HOH A O   1 
HETATM 1083 O O   . HOH C 3 .   ? 18.925  -2.273  -16.654 1.00 28.87  ? 2017 HOH A O   1 
HETATM 1084 O O   . HOH C 3 .   ? 2.236   5.098   -11.962 1.00 29.08  ? 2018 HOH A O   1 
HETATM 1085 O O   . HOH C 3 .   ? 7.980   2.462   -7.985  0.60 14.87  ? 2019 HOH A O   1 
HETATM 1086 O O   . HOH C 3 .   ? -13.114 -2.988  -5.293  1.00 26.74  ? 2020 HOH A O   1 
HETATM 1087 O O   . HOH C 3 .   ? 11.261  11.583  -6.491  1.00 43.40  ? 2021 HOH A O   1 
HETATM 1088 O O   . HOH C 3 .   ? 2.313   -6.544  0.728   1.00 17.90  ? 2022 HOH A O   1 
HETATM 1089 O O   . HOH C 3 .   ? -11.737 12.779  -0.244  1.00 17.78  ? 2023 HOH A O   1 
HETATM 1090 O O   . HOH C 3 .   ? 15.210  -8.888  -9.210  1.00 19.77  ? 2024 HOH A O   1 
HETATM 1091 O O   . HOH C 3 .   ? -20.328 -10.166 9.251   1.00 22.85  ? 2025 HOH A O   1 
HETATM 1092 O O   . HOH C 3 .   ? -17.878 -6.301  10.532  1.00 35.09  ? 2026 HOH A O   1 
HETATM 1093 O O   . HOH C 3 .   ? -9.882  -10.448 1.650   1.00 34.97  ? 2027 HOH A O   1 
HETATM 1094 O O   . HOH C 3 .   ? -5.687  -2.371  11.288  1.00 29.14  ? 2028 HOH A O   1 
HETATM 1095 O O   . HOH C 3 .   ? 5.677   -4.921  -9.986  1.00 17.27  ? 2029 HOH A O   1 
HETATM 1096 O O   . HOH C 3 .   ? 8.369   2.928   -5.137  0.60 13.96  ? 2030 HOH A O   1 
HETATM 1097 O O   . HOH C 3 .   ? 16.259  7.005   4.231   1.00 46.71  ? 2031 HOH A O   1 
HETATM 1098 O O   . HOH C 3 .   ? 2.122   9.256   -9.129  1.00 36.69  ? 2032 HOH A O   1 
HETATM 1099 O O   . HOH C 3 .   ? 1.805   -10.513 11.876  1.00 23.74  ? 2033 HOH A O   1 
HETATM 1100 O O   . HOH C 3 .   ? -13.919 -8.618  10.634  1.00 29.84  ? 2034 HOH A O   1 
HETATM 1101 O O   . HOH C 3 .   ? 9.886   5.009   -4.402  0.60 15.56  ? 2035 HOH A O   1 
HETATM 1102 O O   . HOH C 3 .   ? -2.212  -1.300  -9.203  1.00 30.21  ? 2036 HOH A O   1 
HETATM 1103 O O   . HOH C 3 .   ? 4.410   -5.391  13.176  1.00 15.01  ? 2037 HOH A O   1 
HETATM 1104 O O   . HOH C 3 .   ? -10.815 15.086  -5.744  1.00 28.79  ? 2038 HOH A O   1 
HETATM 1105 O O   . HOH C 3 .   ? -30.187 -5.747  2.684   1.00 40.35  ? 2039 HOH A O   1 
HETATM 1106 O O   . HOH C 3 .   ? -25.910 -1.302  5.355   1.00 14.91  ? 2040 HOH A O   1 
HETATM 1107 O O   . HOH C 3 .   ? -11.651 10.712  5.257   1.00 27.87  ? 2041 HOH A O   1 
HETATM 1108 O O   . HOH C 3 .   ? -3.116  -9.026  4.890   1.00 17.57  ? 2042 HOH A O   1 
HETATM 1109 O O   . HOH C 3 .   ? -12.992 4.578   10.346  1.00 24.25  ? 2043 HOH A O   1 
HETATM 1110 O O   . HOH C 3 .   ? -13.753 6.572   6.960   1.00 13.40  ? 2044 HOH A O   1 
HETATM 1111 O O   . HOH C 3 .   ? 9.111   -6.434  -1.884  1.00 15.85  ? 2045 HOH A O   1 
HETATM 1112 O O   . HOH C 3 .   ? -23.539 -2.489  6.121   1.00 15.42  ? 2046 HOH A O   1 
HETATM 1113 O O   . HOH C 3 .   ? 18.125  -1.383  -19.361 1.00 27.47  ? 2047 HOH A O   1 
HETATM 1114 O O   . HOH C 3 .   ? -8.400  -9.875  5.390   1.00 20.51  ? 2048 HOH A O   1 
HETATM 1115 O O   . HOH C 3 .   ? -16.682 -2.674  -3.387  1.00 26.56  ? 2049 HOH A O   1 
HETATM 1116 O O   . HOH C 3 .   ? -8.809  13.271  -9.261  1.00 32.72  ? 2050 HOH A O   1 
HETATM 1117 O O   . HOH C 3 .   ? 5.743   -8.904  0.085   1.00 27.07  ? 2051 HOH A O   1 
HETATM 1118 O O   . HOH C 3 .   ? 1.831   -6.232  -7.549  1.00 16.23  ? 2052 HOH A O   1 
HETATM 1119 O O   . HOH C 3 .   ? -0.087  -6.046  15.365  1.00 23.81  ? 2053 HOH A O   1 
HETATM 1120 O O   . HOH C 3 .   ? -20.993 -9.929  11.915  0.67 18.26  ? 2054 HOH A O   1 
HETATM 1121 O O   . HOH C 3 .   ? -25.199 -10.854 2.014   1.00 28.12  ? 2055 HOH A O   1 
HETATM 1122 O O   . HOH C 3 .   ? -5.463  -6.493  10.887  1.00 19.67  ? 2056 HOH A O   1 
HETATM 1123 O O   . HOH C 3 .   ? -6.066  10.751  -7.792  1.00 39.00  ? 2057 HOH A O   1 
HETATM 1124 O O   . HOH C 3 .   ? -0.598  -5.127  -7.198  1.00 15.41  ? 2058 HOH A O   1 
HETATM 1125 O O   . HOH C 3 .   ? -7.684  4.452   -8.262  1.00 23.50  ? 2059 HOH A O   1 
HETATM 1126 O O   . HOH C 3 .   ? 10.925  11.782  4.266   1.00 28.69  ? 2060 HOH A O   1 
HETATM 1127 O O   . HOH C 3 .   ? 3.509   -7.424  -3.781  1.00 14.06  ? 2061 HOH A O   1 
HETATM 1128 O O   . HOH C 3 .   ? -3.558  6.564   -8.583  1.00 28.18  ? 2062 HOH A O   1 
HETATM 1129 O O   . HOH C 3 .   ? 7.338   -9.635  3.907   1.00 23.50  ? 2063 HOH A O   1 
HETATM 1130 O O   . HOH C 3 .   ? -12.901 2.678   12.422  1.00 41.46  ? 2064 HOH A O   1 
HETATM 1131 O O   . HOH C 3 .   ? 7.996   1.591   -18.684 1.00 35.79  ? 2065 HOH A O   1 
HETATM 1132 O O   . HOH C 3 .   ? -17.394 3.801   12.192  1.00 39.49  ? 2066 HOH A O   1 
HETATM 1133 O O   . HOH C 3 .   ? -13.032 -1.425  7.073   1.00 12.58  ? 2067 HOH A O   1 
HETATM 1134 O O   . HOH C 3 .   ? -9.236  -10.307 9.500   1.00 22.14  ? 2068 HOH A O   1 
HETATM 1135 O O   . HOH C 3 .   ? -5.798  1.823   10.834  1.00 24.89  ? 2069 HOH A O   1 
HETATM 1136 O O   . HOH C 3 .   ? -6.180  -9.460  -0.689  1.00 34.18  ? 2070 HOH A O   1 
HETATM 1137 O O   . HOH C 3 .   ? -9.491  16.113  -1.511  1.00 43.19  ? 2071 HOH A O   1 
HETATM 1138 O O   . HOH C 3 .   ? 2.534   -9.953  8.038   1.00 22.74  ? 2072 HOH A O   1 
HETATM 1139 O O   . HOH C 3 .   ? 3.688   1.618   -18.763 1.00 38.24  ? 2073 HOH A O   1 
HETATM 1140 O O   . HOH C 3 .   ? -21.259 -11.827 6.276   1.00 18.36  ? 2074 HOH A O   1 
HETATM 1141 O O   . HOH C 3 .   ? -2.943  -10.282 9.392   1.00 30.46  ? 2075 HOH A O   1 
HETATM 1142 O O   . HOH C 3 .   ? -23.238 -4.564  -0.799  1.00 29.75  ? 2076 HOH A O   1 
HETATM 1143 O O   . HOH C 3 .   ? -5.360  14.386  -3.250  1.00 26.19  ? 2077 HOH A O   1 
HETATM 1144 O O   . HOH C 3 .   ? -22.173 -9.491  7.199   1.00 14.22  ? 2078 HOH A O   1 
HETATM 1145 O O   . HOH C 3 .   ? 8.094   -8.574  -8.406  1.00 22.80  ? 2079 HOH A O   1 
HETATM 1146 O O   . HOH C 3 .   ? -5.026  10.253  2.314   1.00 25.95  ? 2080 HOH A O   1 
HETATM 1147 O O   . HOH C 3 .   ? 13.824  -7.977  5.423   1.00 17.61  ? 2081 HOH A O   1 
HETATM 1148 O O   . HOH C 3 .   ? -6.576  -6.100  -3.696  1.00 19.64  ? 2082 HOH A O   1 
HETATM 1149 O O   . HOH C 3 .   ? 2.887   11.604  -5.794  1.00 33.89  ? 2083 HOH A O   1 
HETATM 1150 O O   . HOH C 3 .   ? -29.382 -2.218  2.671   1.00 40.63  ? 2084 HOH A O   1 
HETATM 1151 O O   . HOH C 3 .   ? -5.683  0.011   -7.569  1.00 21.30  ? 2085 HOH A O   1 
HETATM 1152 O O   . HOH C 3 .   ? -6.397  -12.618 8.789   1.00 45.02  ? 2086 HOH A O   1 
HETATM 1153 O O   . HOH C 3 .   ? 14.003  8.674   12.236  1.00 24.12  ? 2087 HOH A O   1 
HETATM 1154 O O   . HOH C 3 .   ? -18.298 -8.114  0.456   1.00 18.38  ? 2088 HOH A O   1 
HETATM 1155 O O   . HOH C 3 .   ? 4.529   -9.540  3.557   1.00 20.22  ? 2089 HOH A O   1 
HETATM 1156 O O   . HOH C 3 .   ? 23.935  -5.561  -0.796  1.00 39.73  ? 2090 HOH A O   1 
HETATM 1157 O O   . HOH C 3 .   ? 9.696   6.283   -10.600 0.60 23.01  ? 2091 HOH A O   1 
HETATM 1158 O O   . HOH C 3 .   ? -2.335  9.440   5.844   1.00 29.34  ? 2092 HOH A O   1 
HETATM 1159 O O   . HOH C 3 .   ? 15.077  -7.763  7.991   1.00 15.95  ? 2093 HOH A O   1 
HETATM 1160 O O   . HOH C 3 .   ? -7.467  9.438   -10.724 1.00 29.56  ? 2094 HOH A O   1 
HETATM 1161 O O   . HOH C 3 .   ? -10.542 7.425   -2.003  1.00 13.09  ? 2095 HOH A O   1 
HETATM 1162 O O   . HOH C 3 .   ? 17.945  5.417   -3.399  0.60 32.70  ? 2096 HOH A O   1 
HETATM 1163 O O   . HOH C 3 .   ? 7.905   -4.980  10.079  1.00 17.63  ? 2097 HOH A O   1 
HETATM 1164 O O   . HOH C 3 .   ? 17.220  3.943   7.649   1.00 34.10  ? 2098 HOH A O   1 
HETATM 1165 O O   . HOH C 3 .   ? 11.948  -2.544  -21.455 1.00 42.46  ? 2099 HOH A O   1 
HETATM 1166 O O   . HOH C 3 .   ? 3.176   10.074  9.959   1.00 24.06  ? 2100 HOH A O   1 
HETATM 1167 O O   . HOH C 3 .   ? 5.311   -2.253  -12.622 1.00 18.33  ? 2101 HOH A O   1 
HETATM 1168 O O   . HOH C 3 .   ? -16.683 -1.553  8.930   1.00 17.48  ? 2102 HOH A O   1 
HETATM 1169 O O   . HOH C 3 .   ? 7.789   10.611  7.039   0.60 20.35  ? 2103 HOH A O   1 
HETATM 1170 O O   . HOH C 3 .   ? 15.816  0.976   7.733   1.00 31.99  ? 2104 HOH A O   1 
HETATM 1171 O O   . HOH C 3 .   ? -14.429 11.250  2.435   1.00 17.82  ? 2105 HOH A O   1 
HETATM 1172 O O   . HOH C 3 .   ? -7.183  10.366  9.516   1.00 37.70  ? 2106 HOH A O   1 
HETATM 1173 O O   . HOH C 3 .   ? -14.398 -1.081  -7.257  1.00 30.79  ? 2107 HOH A O   1 
HETATM 1174 O O   . HOH C 3 .   ? 15.368  5.148   6.270   1.00 25.89  ? 2108 HOH A O   1 
HETATM 1175 O O   . HOH C 3 .   ? -8.093  12.457  12.895  1.00 46.54  ? 2109 HOH A O   1 
HETATM 1176 O O   . HOH C 3 .   ? -9.978  -8.924  -2.595  1.00 26.80  ? 2110 HOH A O   1 
HETATM 1177 O O   . HOH C 3 .   ? -4.998  -7.141  -10.913 1.00 34.64  ? 2111 HOH A O   1 
HETATM 1178 O O   . HOH C 3 .   ? 8.636   0.662   -5.364  0.60 13.33  ? 2112 HOH A O   1 
HETATM 1179 O O   . HOH C 3 .   ? -28.393 -2.084  6.318   1.00 21.62  ? 2113 HOH A O   1 
HETATM 1180 O O   . HOH C 3 .   ? 19.800  -2.368  -4.065  0.60 41.22  ? 2114 HOH A O   1 
HETATM 1181 O O   . HOH C 3 .   ? 19.658  -1.368  -1.671  0.60 19.62  ? 2115 HOH A O   1 
HETATM 1182 O O   . HOH C 3 .   ? 11.033  3.375   12.463  1.00 30.42  ? 2116 HOH A O   1 
HETATM 1183 O O   . HOH C 3 .   ? -16.874 5.857   8.258   1.00 18.74  ? 2117 HOH A O   1 
HETATM 1184 O O   . HOH C 3 .   ? 6.833   -3.914  -14.110 1.00 28.52  ? 2118 HOH A O   1 
HETATM 1185 O O   . HOH C 3 .   ? 3.855   12.933  5.642   1.00 34.97  ? 2119 HOH A O   1 
HETATM 1186 O O   . HOH C 3 .   ? 8.883   -11.204 -1.691  1.00 27.76  ? 2120 HOH A O   1 
HETATM 1187 O O   . HOH C 3 .   ? -6.885  -9.382  11.135  1.00 29.59  ? 2121 HOH A O   1 
HETATM 1188 O O   . HOH C 3 .   ? 16.951  7.297   -18.214 1.00 33.20  ? 2122 HOH A O   1 
HETATM 1189 O O   . HOH C 3 .   ? 8.240   4.972   -8.105  0.60 15.27  ? 2123 HOH A O   1 
HETATM 1190 O O   . HOH C 3 .   ? -19.729 4.021   0.074   1.00 21.98  ? 2124 HOH A O   1 
HETATM 1191 O O   . HOH C 3 .   ? 12.697  -12.670 -0.605  1.00 30.50  ? 2125 HOH A O   1 
HETATM 1192 O O   . HOH C 3 .   ? -1.819  6.774   12.677  1.00 29.34  ? 2126 HOH A O   1 
HETATM 1193 O O   . HOH C 3 .   ? 8.792   -2.142  8.771   1.00 22.68  ? 2127 HOH A O   1 
HETATM 1194 O O   . HOH C 3 .   ? -2.205  1.693   -10.373 1.00 39.34  ? 2128 HOH A O   1 
HETATM 1195 O O   . HOH C 3 .   ? 14.231  4.616   -17.181 1.00 33.76  ? 2129 HOH A O   1 
HETATM 1196 O O   . HOH C 3 .   ? -17.754 -10.847 0.438   1.00 17.93  ? 2130 HOH A O   1 
HETATM 1197 O O   . HOH C 3 .   ? 20.889  4.028   7.227   0.60 26.57  ? 2131 HOH A O   1 
HETATM 1198 O O   . HOH C 3 .   ? -32.249 -4.881  4.304   1.00 42.44  ? 2132 HOH A O   1 
HETATM 1199 O O   . HOH C 3 .   ? -14.517 -1.211  10.684  1.00 20.18  ? 2133 HOH A O   1 
HETATM 1200 O O   . HOH C 3 .   ? -15.288 6.083   2.794   1.00 16.21  ? 2134 HOH A O   1 
HETATM 1201 O O   . HOH C 3 .   ? -15.291 -0.154  5.879   1.00 12.92  ? 2135 HOH A O   1 
HETATM 1202 O O   . HOH C 3 .   ? -11.330 13.510  -7.611  1.00 27.23  ? 2136 HOH A O   1 
HETATM 1203 O O   . HOH C 3 .   ? 11.023  8.040   11.682  1.00 26.19  ? 2137 HOH A O   1 
HETATM 1204 O O   . HOH C 3 .   ? -16.578 4.345   0.976   1.00 19.86  ? 2138 HOH A O   1 
HETATM 1205 O O   . HOH C 3 .   ? -5.546  -10.289 1.377   1.00 26.40  ? 2139 HOH A O   1 
HETATM 1206 O O   . HOH C 3 .   ? 2.585   12.447  1.551   1.00 36.11  ? 2140 HOH A O   1 
HETATM 1207 O O   . HOH C 3 .   ? 4.966   3.304   12.912  1.00 29.65  ? 2141 HOH A O   1 
HETATM 1208 O O   . HOH C 3 .   ? -19.731 -12.328 -0.555  1.00 32.17  ? 2142 HOH A O   1 
HETATM 1209 O O   . HOH C 3 .   ? 0.588   12.592  -0.499  1.00 32.02  ? 2143 HOH A O   1 
HETATM 1210 O O   . HOH C 3 .   ? 11.359  8.589   9.267   1.00 36.17  ? 2144 HOH A O   1 
HETATM 1211 O O   . HOH C 3 .   ? -10.487 -2.548  10.593  1.00 31.21  ? 2145 HOH A O   1 
HETATM 1212 O O   . HOH C 3 .   ? -4.075  -7.019  -4.342  1.00 16.51  ? 2146 HOH A O   1 
HETATM 1213 O O   . HOH C 3 .   ? -5.742  -12.150 6.227   1.00 38.76  ? 2147 HOH A O   1 
HETATM 1214 O O   . HOH C 3 .   ? -20.681 -7.982  -0.871  1.00 30.22  ? 2148 HOH A O   1 
HETATM 1215 O O   . HOH C 3 .   ? 21.086  0.920   -10.276 1.00 49.83  ? 2149 HOH A O   1 
HETATM 1216 O O   . HOH C 3 .   ? 9.853   11.181  8.647   1.00 26.98  ? 2150 HOH A O   1 
HETATM 1217 O O   . HOH C 3 .   ? -9.026  -4.209  -6.420  1.00 31.18  ? 2151 HOH A O   1 
HETATM 1218 O O   . HOH C 3 .   ? 1.822   8.141   13.067  1.00 46.36  ? 2152 HOH A O   1 
HETATM 1219 O O   . HOH C 3 .   ? -0.315  -10.716 7.917   1.00 35.75  ? 2153 HOH A O   1 
HETATM 1220 O O   . HOH C 3 .   ? 5.995   -8.589  -4.069  1.00 15.89  ? 2154 HOH A O   1 
HETATM 1221 O O   . HOH C 3 .   ? -24.912 -10.120 6.608   1.00 16.17  ? 2155 HOH A O   1 
HETATM 1222 O O   . HOH C 3 .   ? -16.601 -6.927  12.949  1.00 40.30  ? 2156 HOH A O   1 
HETATM 1223 O O   . HOH C 3 .   ? 23.580  -15.582 -2.719  0.60 36.50  ? 2157 HOH A O   1 
HETATM 1224 O O   . HOH C 3 .   ? 15.477  -9.809  4.292   1.00 23.03  ? 2158 HOH A O   1 
HETATM 1225 O O   . HOH C 3 .   ? 11.246  12.867  6.925   1.00 29.42  ? 2159 HOH A O   1 
HETATM 1226 O O   . HOH C 3 .   ? -25.377 -11.866 4.506   1.00 35.27  ? 2160 HOH A O   1 
HETATM 1227 O O   . HOH C 3 .   ? 9.521   -9.401  7.643   1.00 24.64  ? 2161 HOH A O   1 
HETATM 1228 O O   . HOH C 3 .   ? -9.219  13.212  15.235  1.00 25.95  ? 2162 HOH A O   1 
HETATM 1229 O O   . HOH C 3 .   ? 1.583   -8.053  -5.570  1.00 256.09 ? 2163 HOH A O   1 
HETATM 1230 O O   . HOH C 3 .   ? 10.145  -10.210 -9.304  1.00 27.80  ? 2164 HOH A O   1 
HETATM 1231 O O   . HOH C 3 .   ? 2.715   -3.701  -13.069 1.00 34.16  ? 2165 HOH A O   1 
HETATM 1232 O O   . HOH C 3 .   ? 13.047  0.530   11.464  1.00 40.65  ? 2166 HOH A O   1 
HETATM 1233 O O   . HOH C 3 .   ? 2.844   -8.285  -1.280  1.00 22.12  ? 2167 HOH A O   1 
HETATM 1234 O O   . HOH C 3 .   ? -0.694  -10.689 -3.080  1.00 33.45  ? 2168 HOH A O   1 
HETATM 1235 O O   . HOH C 3 .   ? -0.296  11.896  12.665  1.00 32.81  ? 2169 HOH A O   1 
HETATM 1236 O O   . HOH C 3 .   ? -2.158  -6.316  -11.447 1.00 28.77  ? 2170 HOH A O   1 
HETATM 1237 O O   . HOH C 3 .   ? -11.475 -10.052 11.745  1.00 28.54  ? 2171 HOH A O   1 
HETATM 1238 O O   . HOH C 3 .   ? -7.522  -7.270  -1.432  1.00 27.02  ? 2172 HOH A O   1 
HETATM 1239 O O   . HOH C 3 .   ? -5.712  -9.922  4.229   1.00 19.13  ? 2173 HOH A O   1 
HETATM 1240 O O   . HOH C 3 .   ? -14.954 -8.854  -2.319  1.00 41.18  ? 2174 HOH A O   1 
HETATM 1241 O O   . HOH C 3 .   ? -2.952  4.579   14.019  1.00 38.37  ? 2175 HOH A O   1 
HETATM 1242 O O   . HOH C 3 .   ? -7.055  -5.978  14.890  1.00 41.50  ? 2176 HOH A O   1 
HETATM 1243 O O   . HOH C 3 .   ? 11.764  -9.659  6.209   1.00 35.82  ? 2177 HOH A O   1 
HETATM 1244 O O   . HOH C 3 .   ? -3.972  -0.265  11.205  1.00 32.72  ? 2178 HOH A O   1 
HETATM 1245 O O   . HOH C 3 .   ? -5.889  7.385   -9.714  1.00 37.64  ? 2179 HOH A O   1 
HETATM 1246 O O   . HOH C 3 .   ? 22.309  9.630   -7.934  0.60 36.95  ? 2180 HOH A O   1 
HETATM 1247 O O   . HOH C 3 .   ? -1.832  -7.882  -5.322  1.00 96.20  ? 2181 HOH A O   1 
HETATM 1248 O O   . HOH C 3 .   ? -11.187 -4.598  -6.144  1.00 38.99  ? 2182 HOH A O   1 
HETATM 1249 O O   . HOH C 3 .   ? -14.580 6.648   9.682   1.00 24.31  ? 2183 HOH A O   1 
HETATM 1250 O O   . HOH C 3 .   ? 7.621   -8.740  -1.816  1.00 14.89  ? 2184 HOH A O   1 
HETATM 1251 O O   . HOH C 3 .   ? -13.788 9.105   5.833   1.00 21.39  ? 2185 HOH A O   1 
HETATM 1252 O O   . HOH C 3 .   ? -3.912  10.866  13.758  1.00 43.02  ? 2186 HOH A O   1 
HETATM 1253 O O   . HOH C 3 .   ? 5.093   7.912   -10.296 1.00 35.23  ? 2187 HOH A O   1 
HETATM 1254 O O   . HOH C 3 .   ? -1.098  -4.178  -9.789  1.00 26.45  ? 2188 HOH A O   1 
HETATM 1255 O O   . HOH C 3 .   ? -30.816 -11.323 -1.963  0.50 35.30  ? 2189 HOH A O   1 
HETATM 1256 O O   . HOH C 3 .   ? -6.567  -11.684 -2.648  1.00 52.39  ? 2190 HOH A O   1 
HETATM 1257 O O   . HOH C 3 .   ? 1.008   -11.198 9.595   1.00 29.65  ? 2191 HOH A O   1 
HETATM 1258 O O   . HOH C 3 .   ? 22.306  -2.852  -3.920  0.60 34.98  ? 2192 HOH A O   1 
HETATM 1259 O O   . HOH C 3 .   ? 9.025   -12.744 0.490   1.00 34.21  ? 2193 HOH A O   1 
HETATM 1260 O O   . HOH C 3 .   ? -16.305 8.784   3.638   0.50 12.70  ? 2194 HOH A O   1 
HETATM 1261 O O   . HOH C 3 .   ? 5.569   11.036  11.849  1.00 31.49  ? 2195 HOH A O   1 
HETATM 1262 O O   . HOH C 3 .   ? -1.658  6.596   -10.057 1.00 35.96  ? 2196 HOH A O   1 
HETATM 1263 O O   . HOH C 3 .   ? 2.986   -10.976 5.140   1.00 30.29  ? 2197 HOH A O   1 
HETATM 1264 O O   . HOH C 3 .   ? 14.534  -12.906 1.069   1.00 33.03  ? 2198 HOH A O   1 
HETATM 1265 O O   . HOH C 3 .   ? 14.681  8.388   -18.796 1.00 49.76  ? 2199 HOH A O   1 
HETATM 1266 O O   . HOH C 3 .   ? 8.598   -11.853 3.111   1.00 37.91  ? 2200 HOH A O   1 
HETATM 1267 O O   . HOH C 3 .   ? -7.619  -8.673  14.091  1.00 39.03  ? 2201 HOH A O   1 
HETATM 1268 O O   . HOH C 3 .   ? -16.274 -6.830  -1.160  1.00 24.48  ? 2202 HOH A O   1 
# 
